data_8WH7
#
_entry.id   8WH7
#
_cell.length_a   1.00
_cell.length_b   1.00
_cell.length_c   1.00
_cell.angle_alpha   90.00
_cell.angle_beta   90.00
_cell.angle_gamma   90.00
#
_symmetry.space_group_name_H-M   'P 1'
#
loop_
_entity.id
_entity.type
_entity.pdbx_description
1 polymer Hemagglutinin
2 branched beta-D-mannopyranose-(1-2)-beta-D-mannopyranose-(1-3)-beta-D-mannopyranose-(1-6)-beta-D-mannopyranose-(1-4)-2-acetamido-2-deoxy-beta-D-glucopyranose-(1-4)-2-acetamido-2-deoxy-beta-D-glucopyranose
3 branched 2-acetamido-2-deoxy-beta-D-glucopyranose-(1-4)-2-acetamido-2-deoxy-beta-D-glucopyranose
4 non-polymer 2-acetamido-2-deoxy-beta-D-glucopyranose
#
_entity_poly.entity_id   1
_entity_poly.type   'polypeptide(L)'
_entity_poly.pdbx_seq_one_letter_code
;NQICIGKAIKPINGTVETVSRMAKVTGMKKVGGERMQKICAKGEQIHDSSSACGIVSHHLKQEGCDFPFLLNKPKFATTG
PMNTSTTGFNFYLTEKAKSWMNITWRVLGENKDFGDNLVEKYGESGATSEGATLKNYYWYVPTAKPGPVVYEKLAECTGT
IYYGALLSDAEAGYIAVTGRNVTERWDVRFTGSSESSISFSGPKQSPMEEYIIKSVRSSVDTVRNIIILDSGRVKKGETF
SISLSSGAVVIPTIFCDGDFAVTPQVQIDKDCASDCHSAYGSFPNGSSFIIHHSVHTVGSCPPSILRNFDVIDGYEATWE
ETKQSRGFFGAILGFFTGGIQGAIDGWYGVTNHDTGKGTAADQTSTQKAVEAITNKLNEAIENGNQRYNQLYGLARTQAE
LLGNLGKEVNDLRLETFTEFIRLETILVNTRIIEEHQAIGSKKKEEVKRLLGPNALDLGNGCFNLTHTCDSNCVNSISRG
TYTRENYIHNVTLAGTPKIDGVV
;
_entity_poly.pdbx_strand_id   A,B,C
#
loop_
_chem_comp.id
_chem_comp.type
_chem_comp.name
_chem_comp.formula
BMA D-saccharide, beta linking beta-D-mannopyranose 'C6 H12 O6'
NAG D-saccharide, beta linking 2-acetamido-2-deoxy-beta-D-glucopyranose 'C8 H15 N O6'
#
# COMPACT_ATOMS: atom_id res chain seq x y z
N ASN A 1 24.84 -30.61 -53.66
CA ASN A 1 25.57 -29.49 -53.07
C ASN A 1 25.34 -29.44 -51.56
N GLN A 2 24.67 -28.38 -51.09
CA GLN A 2 24.35 -28.23 -49.68
C GLN A 2 22.99 -27.56 -49.54
N ILE A 3 22.38 -27.75 -48.37
CA ILE A 3 21.07 -27.18 -48.06
C ILE A 3 21.14 -26.48 -46.71
N CYS A 4 20.20 -25.56 -46.50
CA CYS A 4 20.11 -24.81 -45.25
C CYS A 4 18.65 -24.59 -44.90
N ILE A 5 18.41 -24.37 -43.61
CA ILE A 5 17.07 -24.13 -43.08
C ILE A 5 17.13 -22.89 -42.20
N GLY A 6 15.97 -22.23 -42.04
CA GLY A 6 15.93 -21.07 -41.17
C GLY A 6 14.65 -20.29 -41.31
N LYS A 7 14.76 -18.98 -41.04
CA LYS A 7 13.64 -18.07 -41.09
C LYS A 7 13.64 -17.28 -42.39
N ALA A 8 12.67 -16.39 -42.53
CA ALA A 8 12.55 -15.52 -43.70
C ALA A 8 12.80 -14.07 -43.26
N ILE A 9 13.63 -13.37 -44.02
CA ILE A 9 14.03 -12.02 -43.65
C ILE A 9 12.89 -11.05 -43.96
N LYS A 10 12.55 -10.22 -42.98
CA LYS A 10 11.54 -9.19 -43.11
C LYS A 10 12.05 -7.91 -42.46
N PRO A 11 11.56 -6.75 -42.88
CA PRO A 11 12.03 -5.50 -42.28
C PRO A 11 11.68 -5.40 -40.80
N ILE A 12 12.55 -4.73 -40.05
CA ILE A 12 12.38 -4.57 -38.62
C ILE A 12 11.34 -3.49 -38.36
N ASN A 13 10.52 -3.69 -37.33
CA ASN A 13 9.46 -2.76 -36.97
C ASN A 13 9.73 -2.02 -35.67
N GLY A 14 10.11 -2.72 -34.61
CA GLY A 14 10.28 -2.04 -33.34
C GLY A 14 11.11 -2.83 -32.36
N THR A 15 11.09 -2.38 -31.11
CA THR A 15 11.82 -3.03 -30.03
C THR A 15 10.92 -3.24 -28.83
N VAL A 16 11.18 -4.32 -28.10
CA VAL A 16 10.44 -4.66 -26.88
C VAL A 16 11.45 -4.92 -25.77
N GLU A 17 10.93 -4.97 -24.55
CA GLU A 17 11.75 -5.08 -23.34
C GLU A 17 11.52 -6.44 -22.68
N THR A 18 12.61 -7.13 -22.39
CA THR A 18 12.59 -8.40 -21.68
C THR A 18 13.34 -8.26 -20.36
N VAL A 19 13.53 -9.39 -19.68
CA VAL A 19 14.15 -9.37 -18.36
C VAL A 19 15.61 -8.91 -18.45
N SER A 20 16.35 -9.40 -19.42
CA SER A 20 17.79 -9.20 -19.45
C SER A 20 18.29 -8.33 -20.60
N ARG A 21 17.45 -7.96 -21.56
CA ARG A 21 17.92 -7.19 -22.70
C ARG A 21 16.73 -6.58 -23.42
N MET A 22 17.03 -5.79 -24.45
CA MET A 22 16.05 -5.25 -25.37
C MET A 22 16.11 -6.05 -26.67
N ALA A 23 14.95 -6.42 -27.20
CA ALA A 23 14.89 -7.25 -28.39
C ALA A 23 14.27 -6.48 -29.55
N LYS A 24 14.72 -6.80 -30.76
CA LYS A 24 14.20 -6.19 -31.98
C LYS A 24 13.24 -7.15 -32.65
N VAL A 25 12.02 -6.68 -32.92
CA VAL A 25 10.95 -7.52 -33.42
C VAL A 25 10.32 -6.87 -34.65
N THR A 26 9.68 -7.72 -35.45
CA THR A 26 9.07 -7.32 -36.71
C THR A 26 7.60 -6.93 -36.56
N GLY A 27 7.06 -6.94 -35.34
CA GLY A 27 5.67 -6.57 -35.14
C GLY A 27 5.26 -6.60 -33.69
N MET A 28 4.46 -5.61 -33.27
CA MET A 28 4.01 -5.53 -31.89
C MET A 28 2.66 -4.82 -31.86
N LYS A 29 1.96 -4.97 -30.74
CA LYS A 29 0.67 -4.34 -30.56
C LYS A 29 0.55 -3.87 -29.11
N LYS A 30 -0.64 -3.42 -28.73
CA LYS A 30 -0.89 -2.86 -27.41
C LYS A 30 -1.98 -3.65 -26.71
N VAL A 31 -2.08 -3.45 -25.39
CA VAL A 31 -2.99 -4.25 -24.57
C VAL A 31 -4.27 -3.48 -24.26
N GLY A 32 -4.20 -2.16 -24.26
CA GLY A 32 -5.33 -1.34 -23.87
C GLY A 32 -6.06 -0.71 -25.04
N GLY A 33 -7.32 -0.35 -24.79
CA GLY A 33 -8.13 0.34 -25.77
C GLY A 33 -8.24 1.82 -25.45
N GLU A 34 -8.37 2.63 -26.49
CA GLU A 34 -8.38 4.08 -26.37
C GLU A 34 -9.80 4.63 -26.49
N ARG A 35 -9.99 5.81 -25.92
CA ARG A 35 -11.30 6.45 -25.92
C ARG A 35 -11.64 7.02 -27.29
N MET A 36 -12.93 7.13 -27.56
CA MET A 36 -13.41 7.73 -28.80
C MET A 36 -13.64 9.23 -28.59
N GLN A 37 -14.28 9.87 -29.57
CA GLN A 37 -14.56 11.30 -29.49
C GLN A 37 -16.04 11.61 -29.32
N LYS A 38 -16.87 10.59 -29.09
CA LYS A 38 -18.31 10.79 -28.98
C LYS A 38 -18.89 9.63 -28.18
N ILE A 39 -20.21 9.59 -28.08
CA ILE A 39 -20.92 8.53 -27.37
C ILE A 39 -21.86 7.84 -28.36
N CYS A 40 -21.75 6.52 -28.45
CA CYS A 40 -22.59 5.72 -29.33
C CYS A 40 -23.77 5.21 -28.52
N ALA A 41 -24.96 5.73 -28.81
CA ALA A 41 -26.15 5.45 -28.02
C ALA A 41 -27.32 5.08 -28.90
N LYS A 42 -27.08 4.17 -29.86
CA LYS A 42 -28.18 3.67 -30.67
C LYS A 42 -28.97 2.63 -29.88
N GLY A 43 -30.29 2.73 -29.96
CA GLY A 43 -31.16 1.86 -29.18
C GLY A 43 -31.08 2.07 -27.69
N GLU A 44 -31.04 3.34 -27.26
CA GLU A 44 -30.99 3.68 -25.85
C GLU A 44 -31.92 4.85 -25.58
N GLN A 45 -32.22 5.06 -24.30
CA GLN A 45 -33.09 6.14 -23.87
C GLN A 45 -32.29 7.17 -23.09
N ILE A 46 -32.65 8.44 -23.25
CA ILE A 46 -31.97 9.55 -22.59
C ILE A 46 -33.00 10.32 -21.78
N HIS A 47 -32.70 10.59 -20.52
CA HIS A 47 -33.56 11.35 -19.63
C HIS A 47 -32.97 12.73 -19.42
N ASP A 48 -33.80 13.76 -19.55
CA ASP A 48 -33.34 15.14 -19.38
C ASP A 48 -34.47 15.96 -18.77
N SER A 49 -34.26 16.44 -17.55
CA SER A 49 -35.20 17.31 -16.86
C SER A 49 -34.48 18.51 -16.29
N SER A 50 -33.55 19.08 -17.07
CA SER A 50 -32.71 20.16 -16.60
C SER A 50 -33.46 21.48 -16.45
N SER A 51 -34.70 21.56 -16.91
CA SER A 51 -35.43 22.83 -16.91
C SER A 51 -36.46 22.95 -15.80
N ALA A 52 -36.79 21.86 -15.12
CA ALA A 52 -37.86 21.96 -14.13
C ALA A 52 -37.47 21.44 -12.75
N CYS A 53 -36.66 20.39 -12.67
CA CYS A 53 -36.39 19.73 -11.40
C CYS A 53 -35.06 20.17 -10.81
N GLY A 54 -34.83 19.72 -9.57
CA GLY A 54 -33.55 19.83 -8.94
C GLY A 54 -33.20 18.51 -8.26
N ILE A 55 -32.01 18.47 -7.67
CA ILE A 55 -31.57 17.23 -7.02
C ILE A 55 -32.46 16.90 -5.83
N VAL A 56 -32.77 17.91 -5.00
CA VAL A 56 -33.58 17.67 -3.81
C VAL A 56 -35.01 17.31 -4.20
N SER A 57 -35.53 17.93 -5.27
CA SER A 57 -36.92 17.70 -5.64
C SER A 57 -37.19 16.23 -5.98
N HIS A 58 -36.18 15.52 -6.47
CA HIS A 58 -36.39 14.11 -6.83
C HIS A 58 -36.60 13.25 -5.60
N HIS A 59 -35.90 13.53 -4.51
CA HIS A 59 -36.02 12.70 -3.32
C HIS A 59 -37.37 12.85 -2.66
N LEU A 60 -37.96 14.05 -2.70
CA LEU A 60 -39.19 14.34 -1.98
C LEU A 60 -40.44 14.09 -2.82
N LYS A 61 -40.29 13.57 -4.04
CA LYS A 61 -41.42 13.26 -4.93
C LYS A 61 -42.26 14.50 -5.22
N GLN A 62 -41.61 15.52 -5.76
CA GLN A 62 -42.33 16.68 -6.23
C GLN A 62 -43.17 16.31 -7.45
N GLU A 63 -44.13 17.17 -7.78
CA GLU A 63 -45.06 16.90 -8.88
C GLU A 63 -44.30 16.95 -10.20
N GLY A 64 -44.04 15.78 -10.77
CA GLY A 64 -43.37 15.69 -12.06
C GLY A 64 -41.89 15.40 -12.02
N CYS A 65 -41.33 15.08 -10.86
CA CYS A 65 -39.88 14.84 -10.71
C CYS A 65 -39.76 13.53 -9.95
N ASP A 66 -39.77 12.40 -10.65
CA ASP A 66 -39.91 11.09 -10.03
C ASP A 66 -38.98 10.06 -10.67
N PHE A 67 -37.71 10.41 -10.84
CA PHE A 67 -36.76 9.44 -11.39
C PHE A 67 -36.60 8.19 -10.53
N PRO A 68 -36.43 8.27 -9.21
CA PRO A 68 -36.14 7.05 -8.44
C PRO A 68 -37.35 6.16 -8.18
N PHE A 69 -38.47 6.35 -8.87
CA PHE A 69 -39.65 5.53 -8.69
C PHE A 69 -40.20 5.09 -10.04
N LEU A 70 -39.32 4.61 -10.90
CA LEU A 70 -39.67 4.16 -12.24
C LEU A 70 -39.36 2.68 -12.39
N LEU A 71 -40.17 2.00 -13.21
CA LEU A 71 -39.92 0.58 -13.47
C LEU A 71 -38.71 0.38 -14.37
N ASN A 72 -38.60 1.17 -15.43
CA ASN A 72 -37.48 1.12 -16.34
C ASN A 72 -36.71 2.42 -16.27
N LYS A 73 -35.42 2.34 -15.98
CA LYS A 73 -34.59 3.52 -15.77
C LYS A 73 -33.56 3.65 -16.87
N PRO A 74 -33.53 4.77 -17.59
CA PRO A 74 -32.50 4.95 -18.63
C PRO A 74 -31.11 5.06 -18.02
N LYS A 75 -30.12 4.81 -18.86
CA LYS A 75 -28.72 4.81 -18.42
C LYS A 75 -28.02 6.15 -18.61
N PHE A 76 -28.72 7.17 -19.10
CA PHE A 76 -28.17 8.51 -19.22
C PHE A 76 -29.16 9.50 -18.63
N ALA A 77 -28.68 10.39 -17.76
CA ALA A 77 -29.57 11.32 -17.07
C ALA A 77 -28.86 12.65 -16.86
N THR A 78 -29.66 13.70 -16.72
CA THR A 78 -29.16 15.04 -16.49
C THR A 78 -30.24 15.85 -15.78
N THR A 79 -29.83 16.70 -14.84
CA THR A 79 -30.78 17.52 -14.10
C THR A 79 -30.10 18.82 -13.70
N GLY A 80 -30.82 19.66 -12.96
CA GLY A 80 -30.34 20.97 -12.59
C GLY A 80 -29.33 20.92 -11.48
N PRO A 81 -28.79 22.08 -11.13
CA PRO A 81 -27.76 22.16 -10.09
C PRO A 81 -28.36 21.93 -8.71
N MET A 82 -27.47 21.80 -7.72
CA MET A 82 -27.90 21.40 -6.39
C MET A 82 -28.58 22.54 -5.65
N ASN A 83 -28.27 23.80 -5.97
CA ASN A 83 -28.87 24.94 -5.31
C ASN A 83 -30.11 25.45 -6.03
N THR A 84 -30.83 24.58 -6.73
CA THR A 84 -32.07 24.95 -7.39
C THR A 84 -33.21 24.96 -6.39
N SER A 85 -34.07 25.97 -6.48
CA SER A 85 -35.18 26.10 -5.56
C SER A 85 -36.26 25.07 -5.84
N THR A 86 -37.15 24.90 -4.88
CA THR A 86 -38.32 24.02 -4.98
C THR A 86 -39.59 24.86 -4.83
N THR A 87 -40.73 24.18 -4.80
CA THR A 87 -42.02 24.84 -4.65
C THR A 87 -42.64 24.58 -3.28
N GLY A 88 -41.88 24.03 -2.33
CA GLY A 88 -42.40 23.75 -1.01
C GLY A 88 -41.73 24.54 0.09
N PHE A 89 -40.93 23.86 0.91
CA PHE A 89 -40.28 24.49 2.05
C PHE A 89 -38.96 25.11 1.62
N ASN A 90 -38.25 25.69 2.59
CA ASN A 90 -36.85 26.01 2.45
C ASN A 90 -36.04 24.88 3.06
N PHE A 91 -34.83 24.64 2.55
CA PHE A 91 -34.08 23.48 2.98
C PHE A 91 -32.63 23.83 3.29
N TYR A 92 -32.02 23.00 4.14
CA TYR A 92 -30.62 23.13 4.51
C TYR A 92 -29.99 21.75 4.63
N LEU A 93 -28.76 21.62 4.12
CA LEU A 93 -28.04 20.37 4.05
C LEU A 93 -26.65 20.54 4.66
N THR A 94 -26.10 19.44 5.15
CA THR A 94 -24.73 19.42 5.65
C THR A 94 -23.80 18.95 4.53
N GLU A 95 -22.51 18.79 4.85
CA GLU A 95 -21.54 18.40 3.82
C GLU A 95 -21.71 16.94 3.41
N LYS A 96 -21.89 16.05 4.39
CA LYS A 96 -22.08 14.64 4.08
C LYS A 96 -23.34 14.43 3.27
N ALA A 97 -24.41 15.17 3.61
CA ALA A 97 -25.65 15.07 2.85
C ALA A 97 -25.43 15.45 1.40
N LYS A 98 -24.69 16.54 1.15
CA LYS A 98 -24.40 16.94 -0.22
C LYS A 98 -23.60 15.86 -0.94
N SER A 99 -22.56 15.33 -0.27
CA SER A 99 -21.71 14.34 -0.91
C SER A 99 -22.50 13.09 -1.30
N TRP A 100 -23.40 12.64 -0.43
CA TRP A 100 -24.15 11.43 -0.74
C TRP A 100 -25.31 11.70 -1.70
N MET A 101 -25.88 12.91 -1.67
CA MET A 101 -26.97 13.23 -2.58
C MET A 101 -26.48 13.50 -3.99
N ASN A 102 -25.18 13.77 -4.16
CA ASN A 102 -24.63 13.82 -5.51
C ASN A 102 -24.77 12.49 -6.24
N ILE A 103 -24.98 11.39 -5.50
CA ILE A 103 -25.01 10.06 -6.08
C ILE A 103 -26.38 9.40 -5.93
N THR A 104 -27.01 9.52 -4.76
CA THR A 104 -28.15 8.67 -4.44
C THR A 104 -29.39 8.95 -5.28
N TRP A 105 -29.44 10.04 -6.04
CA TRP A 105 -30.66 10.36 -6.77
C TRP A 105 -30.80 9.60 -8.07
N ARG A 106 -29.79 8.85 -8.49
CA ARG A 106 -29.82 8.21 -9.80
C ARG A 106 -29.34 6.77 -9.74
N VAL A 107 -29.72 6.05 -8.69
CA VAL A 107 -29.38 4.63 -8.59
C VAL A 107 -30.29 3.82 -9.50
N LEU A 108 -29.79 2.66 -9.94
CA LEU A 108 -30.49 1.85 -10.93
C LEU A 108 -31.13 0.60 -10.32
N GLY A 109 -31.15 0.48 -9.01
CA GLY A 109 -31.68 -0.70 -8.34
C GLY A 109 -33.11 -0.52 -7.89
N GLU A 110 -33.43 -1.13 -6.74
CA GLU A 110 -34.74 -1.04 -6.12
C GLU A 110 -34.63 -0.34 -4.77
N ASN A 111 -35.67 0.40 -4.42
CA ASN A 111 -35.71 1.15 -3.17
C ASN A 111 -36.81 0.58 -2.28
N LYS A 112 -36.58 0.61 -0.97
CA LYS A 112 -37.48 -0.01 -0.02
C LYS A 112 -38.21 1.04 0.81
N ASP A 113 -39.45 0.74 1.19
CA ASP A 113 -40.30 1.66 1.91
C ASP A 113 -40.78 1.04 3.22
N PHE A 114 -40.82 1.85 4.28
CA PHE A 114 -41.29 1.37 5.57
C PHE A 114 -42.16 2.40 6.28
N GLY A 115 -42.89 3.23 5.53
CA GLY A 115 -43.74 4.24 6.15
C GLY A 115 -44.91 3.65 6.92
N ASP A 116 -45.47 2.54 6.43
CA ASP A 116 -46.66 1.97 7.07
C ASP A 116 -46.36 1.49 8.47
N ASN A 117 -45.14 0.99 8.71
CA ASN A 117 -44.77 0.58 10.07
C ASN A 117 -44.81 1.76 11.02
N LEU A 118 -44.25 2.89 10.61
CA LEU A 118 -44.29 4.08 11.45
C LEU A 118 -45.73 4.54 11.67
N VAL A 119 -46.55 4.51 10.62
CA VAL A 119 -47.93 4.96 10.74
C VAL A 119 -48.68 4.09 11.75
N GLU A 120 -48.52 2.77 11.66
CA GLU A 120 -49.21 1.86 12.57
C GLU A 120 -48.62 1.86 13.97
N LYS A 121 -47.37 2.32 14.14
CA LYS A 121 -46.79 2.37 15.47
C LYS A 121 -47.14 3.65 16.23
N TYR A 122 -47.05 4.81 15.56
CA TYR A 122 -47.21 6.08 16.25
C TYR A 122 -48.38 6.92 15.76
N GLY A 123 -49.19 6.42 14.84
CA GLY A 123 -50.35 7.17 14.39
C GLY A 123 -50.08 8.01 13.17
N GLU A 124 -51.03 8.91 12.91
CA GLU A 124 -50.97 9.75 11.72
C GLU A 124 -49.86 10.78 11.81
N SER A 125 -49.34 11.17 10.65
CA SER A 125 -48.28 12.16 10.57
C SER A 125 -48.86 13.57 10.72
N GLY A 126 -47.98 14.52 11.04
CA GLY A 126 -48.38 15.90 11.13
C GLY A 126 -48.74 16.48 9.77
N ALA A 127 -49.59 17.51 9.80
CA ALA A 127 -50.13 18.10 8.58
C ALA A 127 -49.83 19.59 8.53
N THR A 128 -49.46 20.06 7.34
CA THR A 128 -49.26 21.48 7.09
C THR A 128 -49.70 21.80 5.67
N SER A 129 -50.04 23.06 5.44
CA SER A 129 -50.56 23.49 4.15
C SER A 129 -49.48 23.95 3.18
N GLU A 130 -48.23 24.04 3.62
CA GLU A 130 -47.14 24.49 2.76
C GLU A 130 -46.47 23.36 2.01
N GLY A 131 -46.90 22.13 2.21
CA GLY A 131 -46.30 20.99 1.54
C GLY A 131 -47.31 20.17 0.74
N ALA A 132 -48.24 20.85 0.08
CA ALA A 132 -49.28 20.15 -0.65
C ALA A 132 -48.72 19.40 -1.85
N THR A 133 -47.62 19.86 -2.43
CA THR A 133 -47.06 19.26 -3.63
C THR A 133 -45.98 18.21 -3.33
N LEU A 134 -45.73 17.90 -2.07
CA LEU A 134 -44.74 16.91 -1.68
C LEU A 134 -45.42 15.75 -0.96
N LYS A 135 -44.84 14.57 -1.06
CA LYS A 135 -45.49 13.37 -0.55
C LYS A 135 -44.61 12.53 0.36
N ASN A 136 -43.29 12.56 0.14
CA ASN A 136 -42.39 11.60 0.76
C ASN A 136 -41.73 12.20 2.00
N TYR A 137 -42.50 12.25 3.10
CA TYR A 137 -41.95 12.64 4.39
C TYR A 137 -42.92 12.23 5.49
N TYR A 138 -42.38 12.12 6.70
CA TYR A 138 -43.17 11.77 7.88
C TYR A 138 -42.80 12.70 9.02
N TRP A 139 -43.81 13.35 9.61
CA TRP A 139 -43.61 14.34 10.66
C TRP A 139 -44.21 13.79 11.96
N TYR A 140 -43.40 13.74 13.01
CA TYR A 140 -43.77 13.12 14.27
C TYR A 140 -44.21 14.21 15.25
N VAL A 141 -45.51 14.30 15.51
CA VAL A 141 -46.05 15.26 16.48
C VAL A 141 -47.01 14.53 17.41
N PRO A 142 -46.56 14.06 18.56
CA PRO A 142 -47.45 13.35 19.48
C PRO A 142 -48.36 14.31 20.24
N THR A 143 -49.29 13.72 20.99
CA THR A 143 -50.22 14.52 21.78
C THR A 143 -49.55 15.12 23.00
N ALA A 144 -48.72 14.35 23.70
CA ALA A 144 -48.01 14.81 24.88
C ALA A 144 -46.57 15.10 24.52
N LYS A 145 -46.12 16.31 24.81
CA LYS A 145 -44.80 16.75 24.39
C LYS A 145 -43.86 16.86 25.59
N PRO A 146 -42.57 16.57 25.40
CA PRO A 146 -41.94 16.12 24.15
C PRO A 146 -42.13 14.65 23.86
N GLY A 147 -42.08 13.81 24.90
CA GLY A 147 -42.30 12.39 24.75
C GLY A 147 -41.27 11.71 23.89
N PRO A 148 -40.03 11.63 24.37
CA PRO A 148 -38.98 10.97 23.58
C PRO A 148 -39.21 9.47 23.47
N VAL A 149 -38.78 8.91 22.34
CA VAL A 149 -38.89 7.47 22.08
C VAL A 149 -37.66 7.01 21.32
N VAL A 150 -37.52 5.69 21.21
CA VAL A 150 -36.46 5.06 20.44
C VAL A 150 -37.10 4.06 19.50
N TYR A 151 -36.77 4.15 18.22
CA TYR A 151 -37.36 3.31 17.19
C TYR A 151 -36.29 2.40 16.62
N GLU A 152 -36.55 1.10 16.62
CA GLU A 152 -35.60 0.09 16.16
C GLU A 152 -36.22 -0.74 15.05
N LYS A 153 -35.41 -1.08 14.05
CA LYS A 153 -35.92 -1.88 12.95
C LYS A 153 -34.80 -2.68 12.30
N LEU A 154 -35.19 -3.80 11.69
CA LEU A 154 -34.27 -4.67 10.96
C LEU A 154 -34.28 -4.31 9.48
N ALA A 155 -33.09 -4.11 8.92
CA ALA A 155 -32.99 -3.62 7.55
C ALA A 155 -33.14 -4.77 6.56
N GLU A 156 -33.27 -4.40 5.28
CA GLU A 156 -33.43 -5.35 4.19
C GLU A 156 -32.31 -5.30 3.17
N CYS A 157 -31.83 -4.11 2.82
CA CYS A 157 -30.66 -3.99 1.94
C CYS A 157 -29.62 -3.10 2.59
N THR A 158 -28.58 -2.75 1.85
CA THR A 158 -27.54 -1.85 2.33
C THR A 158 -27.70 -0.50 1.64
N GLY A 159 -27.73 0.56 2.42
CA GLY A 159 -27.94 1.87 1.84
C GLY A 159 -27.91 2.99 2.86
N THR A 160 -28.55 4.09 2.50
CA THR A 160 -28.46 5.35 3.20
C THR A 160 -29.86 5.85 3.55
N ILE A 161 -29.98 6.53 4.69
CA ILE A 161 -31.24 7.07 5.19
C ILE A 161 -31.01 8.51 5.61
N TYR A 162 -31.93 9.39 5.25
CA TYR A 162 -31.86 10.80 5.58
C TYR A 162 -32.85 11.15 6.70
N TYR A 163 -32.40 11.98 7.63
CA TYR A 163 -33.20 12.35 8.79
C TYR A 163 -32.81 13.74 9.25
N GLY A 164 -33.69 14.36 10.02
CA GLY A 164 -33.40 15.70 10.52
C GLY A 164 -34.58 16.37 11.19
N ALA A 165 -34.82 17.64 10.88
CA ALA A 165 -35.87 18.39 11.54
C ALA A 165 -36.58 19.31 10.56
N LEU A 166 -37.74 19.82 10.99
CA LEU A 166 -38.54 20.75 10.20
C LEU A 166 -39.16 21.75 11.16
N LEU A 167 -38.75 23.02 11.06
CA LEU A 167 -39.16 24.02 12.04
C LEU A 167 -39.38 25.37 11.35
N SER A 168 -40.10 26.23 12.04
CA SER A 168 -40.35 27.59 11.58
C SER A 168 -39.48 28.57 12.36
N ASP A 169 -39.32 29.77 11.79
CA ASP A 169 -38.46 30.79 12.39
C ASP A 169 -39.20 31.73 13.33
N ALA A 170 -40.48 31.49 13.57
CA ALA A 170 -41.25 32.29 14.52
C ALA A 170 -41.17 31.67 15.91
N GLU A 171 -40.99 32.52 16.92
CA GLU A 171 -40.83 32.03 18.28
C GLU A 171 -42.09 31.32 18.77
N ALA A 172 -43.26 31.89 18.49
CA ALA A 172 -44.51 31.31 18.96
C ALA A 172 -44.72 29.92 18.38
N GLY A 173 -44.47 29.76 17.08
CA GLY A 173 -44.61 28.45 16.46
C GLY A 173 -43.63 27.44 17.03
N TYR A 174 -42.40 27.87 17.28
CA TYR A 174 -41.40 26.97 17.87
C TYR A 174 -41.84 26.48 19.24
N ILE A 175 -42.33 27.39 20.08
CA ILE A 175 -42.77 26.99 21.42
C ILE A 175 -44.01 26.11 21.33
N ALA A 176 -44.91 26.40 20.40
CA ALA A 176 -46.14 25.62 20.28
C ALA A 176 -45.87 24.21 19.75
N VAL A 177 -44.85 24.05 18.92
CA VAL A 177 -44.58 22.75 18.32
C VAL A 177 -43.67 21.90 19.20
N THR A 178 -42.51 22.44 19.61
CA THR A 178 -41.53 21.63 20.31
C THR A 178 -41.93 21.39 21.76
N GLY A 179 -42.55 22.36 22.41
CA GLY A 179 -42.88 22.22 23.81
C GLY A 179 -41.70 22.34 24.75
N ARG A 180 -40.62 22.97 24.31
CA ARG A 180 -39.43 23.19 25.12
C ARG A 180 -39.28 24.67 25.43
N ASN A 181 -38.17 25.02 26.08
CA ASN A 181 -37.81 26.40 26.34
C ASN A 181 -36.77 26.86 25.34
N VAL A 182 -36.73 28.17 25.11
CA VAL A 182 -35.90 28.72 24.06
C VAL A 182 -34.42 28.55 24.39
N THR A 183 -34.04 28.69 25.66
CA THR A 183 -32.65 28.59 26.08
C THR A 183 -32.30 27.14 26.40
N GLU A 184 -32.32 26.31 25.37
CA GLU A 184 -32.03 24.89 25.52
C GLU A 184 -31.43 24.37 24.23
N ARG A 185 -30.75 23.23 24.35
CA ARG A 185 -30.13 22.55 23.20
C ARG A 185 -30.55 21.09 23.24
N TRP A 186 -31.01 20.57 22.11
CA TRP A 186 -31.43 19.18 22.06
C TRP A 186 -30.94 18.52 20.78
N ASP A 187 -30.73 17.21 20.84
CA ASP A 187 -30.03 16.49 19.78
C ASP A 187 -30.90 15.38 19.22
N VAL A 188 -30.58 14.99 17.99
CA VAL A 188 -31.11 13.81 17.34
C VAL A 188 -29.94 12.94 16.91
N ARG A 189 -29.97 11.67 17.28
CA ARG A 189 -28.86 10.75 17.08
C ARG A 189 -29.29 9.55 16.25
N PHE A 190 -28.39 9.08 15.40
CA PHE A 190 -28.61 7.91 14.56
C PHE A 190 -27.47 6.93 14.78
N THR A 191 -27.80 5.70 15.14
CA THR A 191 -26.82 4.64 15.34
C THR A 191 -27.14 3.46 14.44
N GLY A 192 -26.18 3.09 13.61
CA GLY A 192 -26.31 1.97 12.69
C GLY A 192 -24.99 1.28 12.51
N SER A 193 -24.56 1.10 11.27
CA SER A 193 -23.20 0.67 11.00
C SER A 193 -22.19 1.73 11.45
N SER A 194 -22.63 2.95 11.69
CA SER A 194 -21.81 4.02 12.22
C SER A 194 -22.66 4.85 13.16
N GLU A 195 -22.15 6.02 13.55
CA GLU A 195 -22.84 6.90 14.48
C GLU A 195 -22.86 8.32 13.95
N SER A 196 -23.97 9.03 14.19
CA SER A 196 -24.10 10.41 13.75
C SER A 196 -25.07 11.14 14.66
N SER A 197 -24.99 12.46 14.65
CA SER A 197 -25.86 13.28 15.49
C SER A 197 -25.97 14.68 14.93
N ILE A 198 -26.99 15.40 15.39
CA ILE A 198 -27.21 16.79 15.01
C ILE A 198 -27.91 17.50 16.15
N SER A 199 -27.70 18.81 16.26
CA SER A 199 -28.18 19.60 17.39
C SER A 199 -29.08 20.74 16.92
N PHE A 200 -29.98 21.16 17.80
CA PHE A 200 -30.90 22.24 17.52
C PHE A 200 -31.14 23.05 18.79
N SER A 201 -31.56 24.29 18.59
CA SER A 201 -31.88 25.21 19.68
C SER A 201 -32.98 26.16 19.21
N GLY A 202 -33.21 27.22 19.97
CA GLY A 202 -34.25 28.18 19.66
C GLY A 202 -33.90 29.05 18.47
N PRO A 203 -34.86 29.87 18.03
CA PRO A 203 -34.61 30.67 16.81
C PRO A 203 -33.57 31.77 16.99
N LYS A 204 -33.67 32.56 18.05
CA LYS A 204 -32.68 33.62 18.28
C LYS A 204 -31.53 33.15 19.15
N GLN A 205 -30.95 32.01 18.79
CA GLN A 205 -29.78 31.46 19.48
C GLN A 205 -28.97 30.65 18.49
N SER A 206 -27.85 30.12 18.97
CA SER A 206 -26.98 29.29 18.16
C SER A 206 -27.37 27.82 18.31
N PRO A 207 -27.24 27.00 17.25
CA PRO A 207 -26.77 27.34 15.91
C PRO A 207 -27.88 27.62 14.89
N MET A 208 -29.11 27.84 15.36
CA MET A 208 -30.22 28.07 14.44
C MET A 208 -30.06 29.37 13.67
N GLU A 209 -29.38 30.37 14.25
CA GLU A 209 -29.16 31.63 13.55
C GLU A 209 -28.42 31.41 12.24
N GLU A 210 -27.38 30.57 12.26
CA GLU A 210 -26.64 30.28 11.03
C GLU A 210 -27.50 29.49 10.04
N TYR A 211 -28.33 28.57 10.53
CA TYR A 211 -29.21 27.82 9.64
C TYR A 211 -30.16 28.74 8.90
N ILE A 212 -30.73 29.73 9.59
CA ILE A 212 -31.66 30.65 8.95
C ILE A 212 -30.95 31.46 7.86
N ILE A 213 -29.74 31.91 8.14
CA ILE A 213 -29.03 32.77 7.18
C ILE A 213 -28.59 31.96 5.96
N LYS A 214 -28.10 30.75 6.16
CA LYS A 214 -27.50 29.98 5.07
C LYS A 214 -28.53 29.20 4.23
N SER A 215 -29.82 29.30 4.55
CA SER A 215 -30.81 28.48 3.87
C SER A 215 -31.03 28.96 2.45
N VAL A 216 -31.69 28.10 1.66
CA VAL A 216 -32.02 28.38 0.27
C VAL A 216 -33.51 28.67 0.19
N ARG A 217 -33.85 29.87 -0.29
CA ARG A 217 -35.24 30.29 -0.31
C ARG A 217 -36.01 29.59 -1.43
N SER A 218 -37.32 29.52 -1.27
CA SER A 218 -38.20 28.84 -2.21
C SER A 218 -38.81 29.82 -3.20
N SER A 219 -39.50 29.28 -4.19
CA SER A 219 -40.13 30.10 -5.22
C SER A 219 -41.22 30.99 -4.63
N VAL A 220 -42.04 30.43 -3.75
CA VAL A 220 -43.09 31.22 -3.09
C VAL A 220 -42.47 31.96 -1.92
N ASP A 221 -42.70 33.28 -1.89
CA ASP A 221 -42.05 34.14 -0.91
C ASP A 221 -42.88 34.34 0.35
N THR A 222 -43.79 33.41 0.66
CA THR A 222 -44.58 33.48 1.89
C THR A 222 -44.48 32.18 2.67
N VAL A 223 -43.33 31.50 2.59
CA VAL A 223 -43.11 30.23 3.27
C VAL A 223 -42.20 30.49 4.46
N ARG A 224 -42.58 29.96 5.62
CA ARG A 224 -41.86 30.21 6.86
C ARG A 224 -41.24 28.95 7.45
N ASN A 225 -41.07 27.88 6.67
CA ASN A 225 -40.65 26.59 7.19
C ASN A 225 -39.32 26.18 6.56
N ILE A 226 -38.38 25.76 7.41
CA ILE A 226 -37.07 25.29 6.98
C ILE A 226 -36.91 23.85 7.46
N ILE A 227 -36.41 22.99 6.57
CA ILE A 227 -36.17 21.58 6.86
C ILE A 227 -34.68 21.32 6.73
N ILE A 228 -34.09 20.72 7.76
CA ILE A 228 -32.66 20.51 7.85
C ILE A 228 -32.39 19.01 7.83
N LEU A 229 -31.45 18.58 6.99
CA LEU A 229 -31.23 17.17 6.74
C LEU A 229 -29.82 16.73 7.11
N ASP A 230 -29.68 15.40 7.28
CA ASP A 230 -28.40 14.74 7.52
C ASP A 230 -28.59 13.28 7.13
N SER A 231 -27.47 12.54 7.05
CA SER A 231 -27.47 11.20 6.49
C SER A 231 -26.90 10.17 7.45
N GLY A 232 -27.24 8.91 7.19
CA GLY A 232 -26.69 7.79 7.93
C GLY A 232 -26.73 6.52 7.09
N ARG A 233 -25.95 5.53 7.50
CA ARG A 233 -25.77 4.31 6.74
C ARG A 233 -26.30 3.09 7.50
N VAL A 234 -26.75 2.08 6.75
CA VAL A 234 -27.26 0.85 7.33
C VAL A 234 -26.62 -0.36 6.65
N LYS A 235 -26.87 -1.54 7.22
CA LYS A 235 -26.38 -2.79 6.68
C LYS A 235 -27.53 -3.79 6.58
N LYS A 236 -27.34 -4.83 5.77
CA LYS A 236 -28.45 -5.66 5.33
C LYS A 236 -29.08 -6.43 6.49
N GLY A 237 -28.27 -7.15 7.27
CA GLY A 237 -28.81 -8.08 8.24
C GLY A 237 -28.87 -7.62 9.68
N GLU A 238 -28.53 -6.37 9.96
CA GLU A 238 -28.47 -5.88 11.33
C GLU A 238 -29.68 -5.03 11.66
N THR A 239 -29.66 -4.45 12.86
CA THR A 239 -30.74 -3.61 13.36
C THR A 239 -30.24 -2.19 13.55
N PHE A 240 -31.07 -1.21 13.17
CA PHE A 240 -30.73 0.19 13.32
C PHE A 240 -31.76 0.89 14.18
N SER A 241 -31.32 1.94 14.86
CA SER A 241 -32.11 2.64 15.86
C SER A 241 -32.01 4.15 15.66
N ILE A 242 -33.12 4.83 15.97
CA ILE A 242 -33.21 6.29 15.88
C ILE A 242 -33.88 6.82 17.13
N SER A 243 -33.34 7.91 17.68
CA SER A 243 -33.93 8.58 18.83
C SER A 243 -34.82 9.72 18.34
N LEU A 244 -36.07 9.71 18.77
CA LEU A 244 -37.07 10.64 18.27
C LEU A 244 -37.64 11.50 19.38
N SER A 245 -37.83 12.77 19.10
CA SER A 245 -38.52 13.71 19.97
C SER A 245 -39.48 14.54 19.13
N SER A 246 -40.44 15.16 19.80
CA SER A 246 -41.47 15.91 19.10
C SER A 246 -40.88 17.02 18.24
N GLY A 247 -41.00 16.88 16.92
CA GLY A 247 -40.45 17.84 15.98
C GLY A 247 -39.50 17.25 14.96
N ALA A 248 -39.01 16.02 15.16
CA ALA A 248 -38.07 15.43 14.21
C ALA A 248 -38.79 14.98 12.96
N VAL A 249 -38.01 14.69 11.91
CA VAL A 249 -38.54 14.29 10.62
C VAL A 249 -37.60 13.26 10.00
N VAL A 250 -38.19 12.35 9.23
CA VAL A 250 -37.43 11.30 8.56
C VAL A 250 -38.11 10.98 7.23
N ILE A 251 -37.30 10.70 6.22
CA ILE A 251 -37.80 10.31 4.91
C ILE A 251 -37.85 8.78 4.86
N PRO A 252 -39.04 8.18 4.74
CA PRO A 252 -39.17 6.72 4.92
C PRO A 252 -38.84 5.94 3.66
N THR A 253 -37.55 5.90 3.30
CA THR A 253 -37.11 5.14 2.15
C THR A 253 -35.65 4.77 2.34
N ILE A 254 -35.32 3.54 1.92
CA ILE A 254 -33.95 3.07 1.86
C ILE A 254 -33.55 3.01 0.39
N PHE A 255 -32.48 3.72 0.04
CA PHE A 255 -31.94 3.74 -1.32
C PHE A 255 -30.84 2.69 -1.39
N CYS A 256 -31.17 1.51 -1.92
CA CYS A 256 -30.22 0.41 -1.93
C CYS A 256 -29.07 0.71 -2.89
N ASP A 257 -27.91 0.10 -2.62
CA ASP A 257 -26.72 0.32 -3.40
C ASP A 257 -26.79 -0.43 -4.73
N GLY A 258 -25.87 -0.09 -5.62
CA GLY A 258 -25.82 -0.69 -6.95
C GLY A 258 -25.04 0.14 -7.94
N ASP A 259 -25.62 0.38 -9.10
CA ASP A 259 -25.00 1.21 -10.13
C ASP A 259 -25.83 2.45 -10.36
N PHE A 260 -25.18 3.51 -10.85
CA PHE A 260 -25.86 4.76 -11.13
C PHE A 260 -25.45 5.26 -12.51
N ALA A 261 -26.34 6.02 -13.12
CA ALA A 261 -26.17 6.45 -14.51
C ALA A 261 -25.08 7.51 -14.62
N VAL A 262 -24.71 7.82 -15.85
CA VAL A 262 -23.66 8.80 -16.14
C VAL A 262 -24.30 10.02 -16.79
N THR A 263 -23.61 11.16 -16.65
CA THR A 263 -24.07 12.41 -17.23
C THR A 263 -23.21 12.76 -18.42
N PRO A 264 -23.77 12.84 -19.63
CA PRO A 264 -22.95 13.12 -20.81
C PRO A 264 -22.26 14.48 -20.72
N GLN A 265 -21.02 14.53 -21.21
CA GLN A 265 -20.25 15.75 -21.24
C GLN A 265 -19.76 16.13 -22.64
N VAL A 266 -19.97 15.28 -23.63
CA VAL A 266 -19.53 15.53 -24.99
C VAL A 266 -20.73 15.34 -25.92
N GLN A 267 -20.48 15.46 -27.23
CA GLN A 267 -21.54 15.33 -28.21
C GLN A 267 -22.09 13.91 -28.24
N ILE A 268 -23.40 13.79 -28.39
CA ILE A 268 -24.09 12.51 -28.42
C ILE A 268 -24.44 12.18 -29.86
N ASP A 269 -24.10 10.97 -30.30
CA ASP A 269 -24.33 10.54 -31.67
C ASP A 269 -25.17 9.28 -31.69
N LYS A 270 -26.17 9.24 -32.57
CA LYS A 270 -26.97 8.06 -32.81
C LYS A 270 -26.37 7.26 -33.95
N ASP A 271 -27.12 6.27 -34.45
CA ASP A 271 -26.75 5.51 -35.64
C ASP A 271 -25.44 4.75 -35.47
N CYS A 272 -25.10 4.41 -34.24
CA CYS A 272 -23.89 3.64 -33.94
C CYS A 272 -24.00 3.10 -32.53
N ALA A 273 -23.53 1.86 -32.34
CA ALA A 273 -23.73 1.14 -31.09
C ALA A 273 -22.40 0.66 -30.52
N SER A 274 -22.38 0.46 -29.21
CA SER A 274 -21.23 -0.09 -28.50
C SER A 274 -21.74 -0.77 -27.25
N ASP A 275 -20.83 -1.13 -26.34
CA ASP A 275 -21.23 -1.82 -25.12
C ASP A 275 -20.50 -1.34 -23.87
N CYS A 276 -19.68 -0.30 -23.95
CA CYS A 276 -19.01 0.25 -22.78
C CYS A 276 -18.88 1.75 -22.96
N HIS A 277 -19.42 2.52 -22.02
CA HIS A 277 -19.47 3.96 -22.13
C HIS A 277 -18.95 4.62 -20.85
N SER A 278 -18.40 5.81 -21.01
CA SER A 278 -17.99 6.66 -19.90
C SER A 278 -18.51 8.07 -20.14
N ALA A 279 -18.20 8.97 -19.22
CA ALA A 279 -18.71 10.34 -19.32
C ALA A 279 -18.03 11.14 -20.41
N TYR A 280 -16.94 10.65 -20.99
CA TYR A 280 -16.20 11.40 -22.01
C TYR A 280 -16.06 10.64 -23.32
N GLY A 281 -16.69 9.49 -23.46
CA GLY A 281 -16.63 8.76 -24.71
C GLY A 281 -16.89 7.29 -24.50
N SER A 282 -16.83 6.55 -25.61
CA SER A 282 -17.05 5.12 -25.64
C SER A 282 -15.73 4.39 -25.88
N PHE A 283 -15.80 3.06 -25.91
CA PHE A 283 -14.64 2.23 -26.09
C PHE A 283 -14.90 1.16 -27.13
N PRO A 284 -13.85 0.68 -27.81
CA PRO A 284 -14.05 -0.31 -28.88
C PRO A 284 -14.53 -1.65 -28.35
N ASN A 285 -15.13 -2.42 -29.25
CA ASN A 285 -15.67 -3.72 -28.91
C ASN A 285 -14.57 -4.70 -28.53
N GLY A 286 -14.85 -5.55 -27.55
CA GLY A 286 -14.00 -6.68 -27.22
C GLY A 286 -12.60 -6.33 -26.75
N SER A 287 -12.48 -5.39 -25.84
CA SER A 287 -11.18 -5.04 -25.29
C SER A 287 -10.89 -5.86 -24.03
N SER A 288 -9.61 -5.90 -23.65
CA SER A 288 -9.18 -6.60 -22.45
C SER A 288 -8.88 -5.67 -21.29
N PHE A 289 -8.49 -4.43 -21.58
CA PHE A 289 -8.24 -3.43 -20.56
C PHE A 289 -8.67 -2.08 -21.08
N ILE A 290 -8.90 -1.14 -20.15
CA ILE A 290 -9.45 0.17 -20.47
C ILE A 290 -8.53 1.24 -19.91
N ILE A 291 -8.18 2.22 -20.74
CA ILE A 291 -7.36 3.35 -20.30
C ILE A 291 -8.31 4.40 -19.73
N HIS A 292 -8.49 4.38 -18.41
CA HIS A 292 -9.44 5.28 -17.76
C HIS A 292 -8.95 5.56 -16.35
N HIS A 293 -9.42 6.67 -15.78
CA HIS A 293 -8.92 7.15 -14.50
C HIS A 293 -9.92 6.97 -13.37
N SER A 294 -10.88 6.06 -13.51
CA SER A 294 -11.85 5.81 -12.45
C SER A 294 -12.45 4.43 -12.69
N VAL A 295 -13.38 4.06 -11.82
CA VAL A 295 -14.08 2.78 -11.91
C VAL A 295 -15.56 2.96 -12.22
N HIS A 296 -15.96 4.15 -12.66
CA HIS A 296 -17.34 4.45 -12.96
C HIS A 296 -17.61 4.23 -14.44
N THR A 297 -18.48 3.27 -14.76
CA THR A 297 -18.81 2.97 -16.14
C THR A 297 -20.17 2.28 -16.17
N VAL A 298 -20.77 2.22 -17.35
CA VAL A 298 -22.06 1.57 -17.55
C VAL A 298 -21.92 0.57 -18.70
N GLY A 299 -22.52 -0.60 -18.52
CA GLY A 299 -22.43 -1.66 -19.50
C GLY A 299 -21.61 -2.85 -19.00
N SER A 300 -20.84 -3.46 -19.88
CA SER A 300 -19.96 -4.57 -19.52
C SER A 300 -18.54 -4.16 -19.89
N CYS A 301 -17.72 -3.85 -18.88
CA CYS A 301 -16.40 -3.30 -19.14
C CYS A 301 -15.34 -4.03 -18.35
N PRO A 302 -14.12 -4.11 -18.87
CA PRO A 302 -13.02 -4.77 -18.16
C PRO A 302 -12.38 -3.82 -17.16
N PRO A 303 -11.38 -4.28 -16.41
CA PRO A 303 -10.69 -3.38 -15.48
C PRO A 303 -10.00 -2.22 -16.19
N SER A 304 -9.47 -1.31 -15.38
CA SER A 304 -8.92 -0.04 -15.86
C SER A 304 -7.44 0.09 -15.48
N ILE A 305 -6.70 0.81 -16.32
CA ILE A 305 -5.30 1.13 -16.07
C ILE A 305 -5.06 2.58 -16.46
N LEU A 306 -3.87 3.09 -16.10
CA LEU A 306 -3.56 4.50 -16.29
C LEU A 306 -2.70 4.80 -17.50
N ARG A 307 -2.05 3.80 -18.09
CA ARG A 307 -1.26 3.99 -19.30
C ARG A 307 -1.21 2.67 -20.06
N ASN A 308 -0.51 2.69 -21.20
CA ASN A 308 -0.53 1.58 -22.13
C ASN A 308 0.87 1.01 -22.33
N PHE A 309 0.93 -0.25 -22.75
CA PHE A 309 2.19 -0.96 -22.91
C PHE A 309 2.18 -1.73 -24.22
N ASP A 310 3.34 -2.32 -24.55
CA ASP A 310 3.54 -3.01 -25.81
C ASP A 310 3.76 -4.49 -25.58
N VAL A 311 3.30 -5.30 -26.54
CA VAL A 311 3.40 -6.75 -26.48
C VAL A 311 3.82 -7.26 -27.85
N ILE A 312 4.73 -8.24 -27.86
CA ILE A 312 5.26 -8.78 -29.10
C ILE A 312 4.14 -9.41 -29.93
N ASP A 313 4.30 -9.34 -31.26
CA ASP A 313 3.34 -9.93 -32.19
C ASP A 313 3.98 -10.72 -33.31
N GLY A 314 5.29 -10.60 -33.54
CA GLY A 314 5.96 -11.36 -34.58
C GLY A 314 7.02 -12.27 -34.03
N TYR A 315 8.20 -12.27 -34.65
CA TYR A 315 9.33 -13.06 -34.16
C TYR A 315 10.58 -12.21 -34.16
N GLU A 316 11.52 -12.56 -33.29
CA GLU A 316 12.75 -11.79 -33.15
C GLU A 316 13.60 -11.90 -34.40
N ALA A 317 14.33 -10.82 -34.71
CA ALA A 317 15.20 -10.76 -35.87
C ALA A 317 16.64 -10.94 -35.40
N THR A 318 17.27 -12.04 -35.80
CA THR A 318 18.65 -12.36 -35.42
C THR A 318 19.43 -12.68 -36.69
N TRP A 319 19.95 -11.64 -37.33
CA TRP A 319 20.78 -11.78 -38.52
C TRP A 319 21.50 -10.46 -38.77
N GLU A 320 22.19 -10.39 -39.90
CA GLU A 320 22.93 -9.19 -40.27
C GLU A 320 22.06 -8.22 -41.06
N PHE A 335 27.92 -15.36 -46.78
CA PHE A 335 27.96 -15.67 -45.35
C PHE A 335 26.57 -15.92 -44.80
N PHE A 336 26.24 -17.19 -44.59
CA PHE A 336 24.95 -17.54 -44.00
C PHE A 336 24.90 -17.09 -42.54
N THR A 337 23.75 -16.57 -42.14
CA THR A 337 23.58 -16.07 -40.77
C THR A 337 22.33 -16.68 -40.14
N GLY A 338 21.36 -17.05 -40.96
CA GLY A 338 20.13 -17.63 -40.46
C GLY A 338 18.89 -17.16 -41.19
N GLY A 339 19.09 -16.28 -42.18
CA GLY A 339 18.00 -15.74 -42.96
C GLY A 339 18.04 -16.26 -44.39
N ILE A 340 16.87 -16.30 -45.02
CA ILE A 340 16.73 -16.75 -46.40
C ILE A 340 16.26 -15.58 -47.25
N GLN A 341 16.97 -15.32 -48.35
CA GLN A 341 16.66 -14.18 -49.20
C GLN A 341 15.48 -14.42 -50.12
N GLY A 342 14.97 -15.65 -50.20
CA GLY A 342 13.85 -15.93 -51.07
C GLY A 342 12.55 -15.38 -50.53
N ALA A 343 11.51 -15.46 -51.36
CA ALA A 343 10.18 -14.99 -51.02
C ALA A 343 9.29 -16.20 -50.76
N ILE A 344 8.85 -16.36 -49.52
CA ILE A 344 8.03 -17.50 -49.11
C ILE A 344 6.86 -17.00 -48.28
N ASP A 345 5.79 -17.78 -48.29
CA ASP A 345 4.57 -17.46 -47.55
C ASP A 345 4.53 -18.19 -46.21
N GLY A 346 5.50 -17.87 -45.36
CA GLY A 346 5.58 -18.50 -44.05
C GLY A 346 6.67 -17.86 -43.23
N TRP A 347 6.89 -18.44 -42.04
CA TRP A 347 7.90 -17.95 -41.13
C TRP A 347 9.15 -18.82 -41.09
N TYR A 348 9.12 -19.99 -41.71
CA TYR A 348 10.27 -20.88 -41.74
C TYR A 348 10.40 -21.50 -43.12
N GLY A 349 11.63 -21.85 -43.49
CA GLY A 349 11.86 -22.33 -44.83
C GLY A 349 13.16 -23.09 -44.98
N VAL A 350 13.29 -23.75 -46.12
CA VAL A 350 14.46 -24.54 -46.50
C VAL A 350 14.87 -24.12 -47.90
N THR A 351 16.17 -23.92 -48.11
CA THR A 351 16.67 -23.48 -49.41
C THR A 351 18.03 -24.10 -49.68
N ASN A 352 18.44 -24.03 -50.95
CA ASN A 352 19.73 -24.55 -51.41
C ASN A 352 20.49 -23.47 -52.18
N HIS A 353 20.48 -22.24 -51.66
CA HIS A 353 21.13 -21.10 -52.31
C HIS A 353 20.59 -20.88 -53.72
N ASP A 354 19.30 -21.11 -53.90
CA ASP A 354 18.62 -20.86 -55.15
C ASP A 354 17.33 -20.08 -54.88
N THR A 355 17.01 -19.17 -55.79
CA THR A 355 15.88 -18.27 -55.61
C THR A 355 14.82 -18.56 -56.66
N GLY A 356 13.57 -18.69 -56.22
CA GLY A 356 12.45 -18.85 -57.12
C GLY A 356 11.91 -20.27 -57.18
N LYS A 357 12.80 -21.26 -57.20
CA LYS A 357 12.38 -22.65 -57.30
C LYS A 357 13.13 -23.54 -56.33
N GLY A 358 14.25 -23.03 -55.80
CA GLY A 358 15.06 -23.80 -54.88
C GLY A 358 14.75 -23.52 -53.42
N THR A 359 13.58 -22.93 -53.15
CA THR A 359 13.18 -22.56 -51.80
C THR A 359 11.78 -23.09 -51.52
N ALA A 360 11.57 -23.61 -50.32
CA ALA A 360 10.28 -24.14 -49.92
C ALA A 360 10.01 -23.75 -48.48
N ALA A 361 8.73 -23.81 -48.09
CA ALA A 361 8.29 -23.41 -46.77
C ALA A 361 7.45 -24.50 -46.14
N ASP A 362 7.55 -24.62 -44.81
CA ASP A 362 6.76 -25.56 -44.04
C ASP A 362 5.60 -24.82 -43.37
N GLN A 363 4.76 -25.57 -42.66
CA GLN A 363 3.53 -25.00 -42.14
C GLN A 363 3.33 -25.26 -40.64
N THR A 364 3.82 -26.40 -40.16
CA THR A 364 3.55 -26.80 -38.78
C THR A 364 4.17 -25.83 -37.78
N SER A 365 5.43 -25.46 -38.00
CA SER A 365 6.10 -24.55 -37.08
C SER A 365 5.39 -23.21 -37.01
N THR A 366 4.91 -22.72 -38.17
CA THR A 366 4.25 -21.43 -38.19
C THR A 366 3.01 -21.42 -37.30
N GLN A 367 2.16 -22.43 -37.44
CA GLN A 367 0.93 -22.46 -36.64
C GLN A 367 1.22 -22.72 -35.17
N LYS A 368 2.24 -23.53 -34.85
CA LYS A 368 2.60 -23.71 -33.45
C LYS A 368 3.06 -22.40 -32.82
N ALA A 369 3.92 -21.66 -33.54
CA ALA A 369 4.37 -20.37 -33.03
C ALA A 369 3.21 -19.40 -32.90
N VAL A 370 2.23 -19.49 -33.81
CA VAL A 370 1.06 -18.62 -33.71
C VAL A 370 0.26 -18.94 -32.44
N GLU A 371 0.08 -20.23 -32.14
CA GLU A 371 -0.75 -20.61 -31.00
C GLU A 371 -0.09 -20.28 -29.67
N ALA A 372 1.25 -20.32 -29.60
CA ALA A 372 1.93 -20.06 -28.34
C ALA A 372 1.60 -18.68 -27.79
N ILE A 373 1.56 -17.67 -28.67
CA ILE A 373 1.29 -16.30 -28.25
C ILE A 373 -0.08 -16.20 -27.60
N THR A 374 -1.08 -16.80 -28.24
CA THR A 374 -2.44 -16.76 -27.71
C THR A 374 -2.51 -17.41 -26.34
N ASN A 375 -1.87 -18.58 -26.20
CA ASN A 375 -1.91 -19.28 -24.91
C ASN A 375 -1.31 -18.41 -23.80
N LYS A 376 -0.10 -17.87 -24.04
CA LYS A 376 0.57 -17.10 -23.00
C LYS A 376 -0.23 -15.83 -22.65
N LEU A 377 -0.77 -15.15 -23.66
CA LEU A 377 -1.52 -13.93 -23.41
C LEU A 377 -2.77 -14.22 -22.60
N ASN A 378 -3.48 -15.32 -22.91
CA ASN A 378 -4.66 -15.67 -22.14
C ASN A 378 -4.32 -15.94 -20.69
N GLU A 379 -3.23 -16.68 -20.45
CA GLU A 379 -2.84 -16.95 -19.06
C GLU A 379 -2.54 -15.65 -18.31
N ALA A 380 -1.81 -14.73 -18.96
CA ALA A 380 -1.50 -13.46 -18.30
C ALA A 380 -2.76 -12.67 -17.98
N ILE A 381 -3.72 -12.63 -18.91
CA ILE A 381 -4.95 -11.90 -18.67
C ILE A 381 -5.71 -12.49 -17.48
N GLU A 382 -5.77 -13.82 -17.41
CA GLU A 382 -6.45 -14.44 -16.28
C GLU A 382 -5.79 -14.09 -14.95
N ASN A 383 -4.45 -14.11 -14.92
CA ASN A 383 -3.74 -13.73 -13.70
C ASN A 383 -4.08 -12.30 -13.30
N GLY A 384 -4.09 -11.39 -14.26
CA GLY A 384 -4.44 -10.00 -13.96
C GLY A 384 -5.84 -9.87 -13.40
N ASN A 385 -6.80 -10.60 -13.97
CA ASN A 385 -8.17 -10.56 -13.46
C ASN A 385 -8.23 -11.04 -12.02
N GLN A 386 -7.53 -12.12 -11.70
CA GLN A 386 -7.54 -12.63 -10.33
C GLN A 386 -6.93 -11.60 -9.37
N ARG A 387 -5.84 -10.96 -9.78
CA ARG A 387 -5.23 -9.95 -8.91
C ARG A 387 -6.18 -8.78 -8.67
N TYR A 388 -6.89 -8.34 -9.72
CA TYR A 388 -7.87 -7.27 -9.56
C TYR A 388 -8.96 -7.66 -8.58
N ASN A 389 -9.48 -8.89 -8.70
CA ASN A 389 -10.52 -9.35 -7.79
C ASN A 389 -10.02 -9.38 -6.35
N GLN A 390 -8.77 -9.84 -6.15
CA GLN A 390 -8.21 -9.83 -4.80
C GLN A 390 -8.09 -8.41 -4.26
N LEU A 391 -7.66 -7.47 -5.10
CA LEU A 391 -7.45 -6.10 -4.63
C LEU A 391 -8.76 -5.45 -4.22
N TYR A 392 -9.82 -5.59 -5.04
CA TYR A 392 -11.03 -4.85 -4.76
C TYR A 392 -12.10 -5.63 -4.03
N GLY A 393 -12.02 -6.96 -4.02
CA GLY A 393 -13.02 -7.73 -3.30
C GLY A 393 -14.10 -8.27 -4.21
N LEU A 394 -14.66 -9.42 -3.83
CA LEU A 394 -15.66 -10.08 -4.67
C LEU A 394 -17.00 -9.36 -4.61
N ALA A 395 -17.44 -8.97 -3.41
CA ALA A 395 -18.72 -8.31 -3.24
C ALA A 395 -18.47 -6.81 -3.12
N ARG A 396 -18.50 -6.12 -4.27
CA ARG A 396 -18.23 -4.70 -4.33
C ARG A 396 -19.34 -3.99 -5.07
N THR A 397 -19.49 -2.70 -4.76
CA THR A 397 -20.52 -1.86 -5.36
C THR A 397 -19.89 -0.52 -5.72
N GLN A 398 -20.17 -0.05 -6.94
CA GLN A 398 -19.59 1.21 -7.40
C GLN A 398 -20.05 2.38 -6.55
N ALA A 399 -21.34 2.41 -6.19
CA ALA A 399 -21.87 3.54 -5.44
C ALA A 399 -21.16 3.70 -4.11
N GLU A 400 -21.00 2.59 -3.36
CA GLU A 400 -20.32 2.66 -2.08
C GLU A 400 -18.85 3.05 -2.25
N LEU A 401 -18.19 2.52 -3.27
CA LEU A 401 -16.77 2.80 -3.49
C LEU A 401 -16.54 4.29 -3.76
N LEU A 402 -17.35 4.88 -4.64
CA LEU A 402 -17.18 6.31 -4.90
C LEU A 402 -17.72 7.19 -3.78
N GLY A 403 -18.71 6.72 -3.02
CA GLY A 403 -19.18 7.50 -1.89
C GLY A 403 -18.16 7.61 -0.78
N ASN A 404 -17.41 6.52 -0.53
CA ASN A 404 -16.42 6.56 0.52
C ASN A 404 -15.24 7.47 0.20
N LEU A 405 -14.98 7.73 -1.08
CA LEU A 405 -13.82 8.56 -1.44
C LEU A 405 -14.05 10.01 -1.06
N GLY A 406 -15.26 10.53 -1.29
CA GLY A 406 -15.55 11.92 -0.96
C GLY A 406 -15.11 12.88 -2.04
N LYS A 407 -14.32 13.89 -1.64
CA LYS A 407 -13.85 14.91 -2.58
C LYS A 407 -12.48 14.60 -3.16
N GLU A 408 -11.87 13.48 -2.79
CA GLU A 408 -10.56 13.12 -3.32
C GLU A 408 -10.69 12.58 -4.73
N VAL A 409 -9.77 12.97 -5.60
CA VAL A 409 -9.78 12.56 -7.00
C VAL A 409 -8.65 11.61 -7.34
N ASN A 410 -7.84 11.21 -6.36
CA ASN A 410 -6.72 10.30 -6.60
C ASN A 410 -6.98 9.00 -5.86
N ASP A 411 -6.84 7.89 -6.57
CA ASP A 411 -7.04 6.56 -6.00
C ASP A 411 -5.71 5.82 -5.98
N LEU A 412 -5.30 5.38 -4.79
CA LEU A 412 -4.02 4.70 -4.66
C LEU A 412 -4.06 3.27 -5.17
N ARG A 413 -5.22 2.62 -5.09
CA ARG A 413 -5.31 1.22 -5.53
C ARG A 413 -5.08 1.10 -7.02
N LEU A 414 -5.54 2.08 -7.81
CA LEU A 414 -5.24 2.08 -9.24
C LEU A 414 -3.75 2.19 -9.49
N GLU A 415 -3.06 3.04 -8.73
CA GLU A 415 -1.60 3.14 -8.87
C GLU A 415 -0.93 1.83 -8.53
N THR A 416 -1.38 1.16 -7.47
CA THR A 416 -0.81 -0.13 -7.12
C THR A 416 -1.06 -1.16 -8.22
N PHE A 417 -2.27 -1.16 -8.79
CA PHE A 417 -2.61 -2.14 -9.81
C PHE A 417 -1.84 -1.91 -11.11
N THR A 418 -1.51 -0.65 -11.42
CA THR A 418 -0.87 -0.35 -12.69
C THR A 418 0.52 -0.99 -12.79
N GLU A 419 1.26 -1.04 -11.68
CA GLU A 419 2.60 -1.60 -11.72
C GLU A 419 2.59 -3.09 -12.00
N PHE A 420 1.54 -3.78 -11.58
CA PHE A 420 1.46 -5.22 -11.76
C PHE A 420 1.46 -5.61 -13.23
N ILE A 421 0.71 -4.87 -14.05
CA ILE A 421 0.67 -5.15 -15.49
C ILE A 421 2.02 -4.91 -16.14
N ARG A 422 2.69 -3.82 -15.72
CA ARG A 422 4.02 -3.53 -16.26
C ARG A 422 5.00 -4.64 -15.91
N LEU A 423 4.90 -5.19 -14.71
CA LEU A 423 5.77 -6.31 -14.34
C LEU A 423 5.40 -7.57 -15.11
N GLU A 424 4.12 -7.77 -15.38
CA GLU A 424 3.68 -9.00 -16.05
C GLU A 424 4.08 -9.03 -17.53
N THR A 425 4.09 -7.86 -18.18
CA THR A 425 4.37 -7.84 -19.62
C THR A 425 5.77 -8.36 -19.93
N ILE A 426 6.74 -8.02 -19.09
CA ILE A 426 8.11 -8.47 -19.30
C ILE A 426 8.20 -9.99 -19.24
N LEU A 427 7.55 -10.59 -18.24
CA LEU A 427 7.54 -12.04 -18.13
C LEU A 427 6.85 -12.67 -19.34
N VAL A 428 5.77 -12.06 -19.82
CA VAL A 428 5.09 -12.59 -21.00
C VAL A 428 6.03 -12.61 -22.19
N ASN A 429 6.74 -11.50 -22.42
CA ASN A 429 7.66 -11.43 -23.56
C ASN A 429 8.78 -12.46 -23.43
N THR A 430 9.35 -12.59 -22.23
CA THR A 430 10.43 -13.56 -22.03
C THR A 430 9.95 -14.97 -22.30
N ARG A 431 8.77 -15.33 -21.79
CA ARG A 431 8.25 -16.68 -22.00
C ARG A 431 7.99 -16.94 -23.47
N ILE A 432 7.44 -15.96 -24.18
CA ILE A 432 7.15 -16.16 -25.61
C ILE A 432 8.45 -16.39 -26.38
N ILE A 433 9.48 -15.58 -26.10
CA ILE A 433 10.74 -15.72 -26.84
C ILE A 433 11.38 -17.07 -26.54
N GLU A 434 11.39 -17.48 -25.28
CA GLU A 434 11.99 -18.77 -24.93
C GLU A 434 11.24 -19.91 -25.59
N GLU A 435 9.90 -19.83 -25.63
CA GLU A 435 9.12 -20.86 -26.29
C GLU A 435 9.43 -20.92 -27.78
N HIS A 436 9.60 -19.77 -28.41
CA HIS A 436 9.97 -19.77 -29.83
C HIS A 436 11.33 -20.44 -30.05
N GLN A 437 12.29 -20.16 -29.18
CA GLN A 437 13.59 -20.82 -29.31
C GLN A 437 13.48 -22.32 -29.12
N ALA A 438 12.66 -22.75 -28.16
CA ALA A 438 12.47 -24.18 -27.93
C ALA A 438 11.84 -24.85 -29.15
N ILE A 439 10.86 -24.19 -29.76
CA ILE A 439 10.24 -24.73 -30.97
C ILE A 439 11.27 -24.84 -32.07
N GLY A 440 12.08 -23.80 -32.26
CA GLY A 440 13.07 -23.82 -33.32
C GLY A 440 14.13 -24.89 -33.14
N SER A 441 14.49 -25.18 -31.88
CA SER A 441 15.57 -26.14 -31.64
C SER A 441 15.21 -27.56 -32.09
N LYS A 442 13.96 -27.98 -31.88
CA LYS A 442 13.60 -29.37 -32.15
C LYS A 442 13.67 -29.72 -33.62
N LYS A 443 13.34 -28.78 -34.51
CA LYS A 443 13.32 -29.09 -35.94
C LYS A 443 14.69 -29.50 -36.46
N LYS A 444 15.76 -28.91 -35.90
CA LYS A 444 17.10 -29.25 -36.36
C LYS A 444 17.46 -30.69 -36.06
N GLU A 445 16.88 -31.27 -35.00
CA GLU A 445 17.20 -32.65 -34.65
C GLU A 445 16.53 -33.65 -35.59
N GLU A 446 15.31 -33.38 -36.02
CA GLU A 446 14.58 -34.30 -36.89
C GLU A 446 15.21 -34.45 -38.26
N VAL A 447 16.11 -33.55 -38.65
CA VAL A 447 16.75 -33.63 -39.96
C VAL A 447 18.04 -34.44 -39.90
N LYS A 448 18.81 -34.28 -38.82
CA LYS A 448 20.06 -35.02 -38.70
C LYS A 448 19.82 -36.53 -38.65
N ARG A 449 18.83 -36.96 -37.85
CA ARG A 449 18.50 -38.38 -37.79
C ARG A 449 17.88 -38.87 -39.09
N LEU A 450 17.20 -37.98 -39.82
CA LEU A 450 16.57 -38.39 -41.06
C LEU A 450 17.59 -38.60 -42.18
N LEU A 451 18.58 -37.71 -42.25
CA LEU A 451 19.58 -37.84 -43.31
C LEU A 451 20.48 -39.05 -43.10
N GLY A 452 20.88 -39.30 -41.85
CA GLY A 452 21.75 -40.41 -41.55
C GLY A 452 23.12 -39.96 -41.07
N PRO A 453 23.98 -40.91 -40.75
CA PRO A 453 25.31 -40.58 -40.20
C PRO A 453 26.41 -40.41 -41.24
N ASN A 454 26.09 -40.46 -42.53
CA ASN A 454 27.09 -40.35 -43.58
C ASN A 454 27.23 -38.94 -44.12
N ALA A 455 26.53 -37.97 -43.54
CA ALA A 455 26.59 -36.58 -43.97
C ALA A 455 27.07 -35.71 -42.81
N LEU A 456 28.06 -34.86 -43.09
CA LEU A 456 28.61 -33.98 -42.07
C LEU A 456 27.72 -32.76 -41.88
N ASP A 457 27.82 -32.16 -40.70
CA ASP A 457 27.04 -30.98 -40.34
C ASP A 457 27.99 -29.85 -39.98
N LEU A 458 27.72 -28.66 -40.53
CA LEU A 458 28.54 -27.50 -40.24
C LEU A 458 28.30 -26.93 -38.86
N GLY A 459 27.22 -27.32 -38.19
CA GLY A 459 26.94 -26.86 -36.85
C GLY A 459 26.30 -25.49 -36.74
N ASN A 460 25.92 -24.88 -37.86
CA ASN A 460 25.28 -23.57 -37.85
C ASN A 460 23.95 -23.60 -38.61
N GLY A 461 23.32 -24.77 -38.68
CA GLY A 461 22.07 -24.92 -39.37
C GLY A 461 22.16 -25.29 -40.83
N CYS A 462 23.37 -25.34 -41.39
CA CYS A 462 23.58 -25.70 -42.79
C CYS A 462 24.26 -27.06 -42.86
N PHE A 463 23.67 -27.96 -43.62
CA PHE A 463 24.22 -29.30 -43.84
C PHE A 463 25.01 -29.28 -45.15
N ASN A 464 25.69 -30.38 -45.44
CA ASN A 464 26.51 -30.43 -46.65
C ASN A 464 26.57 -31.87 -47.11
N LEU A 465 25.98 -32.15 -48.27
CA LEU A 465 25.65 -33.52 -48.66
C LEU A 465 26.66 -34.09 -49.65
N THR A 466 26.77 -35.42 -49.64
CA THR A 466 27.78 -36.11 -50.43
C THR A 466 27.50 -36.06 -51.93
N HIS A 467 26.26 -35.82 -52.33
CA HIS A 467 25.89 -35.77 -53.74
C HIS A 467 25.22 -34.45 -54.06
N THR A 468 24.82 -34.29 -55.32
CA THR A 468 24.09 -33.10 -55.73
C THR A 468 22.62 -33.24 -55.33
N CYS A 469 22.05 -32.13 -54.87
CA CYS A 469 20.69 -32.12 -54.33
C CYS A 469 19.92 -31.00 -55.01
N ASP A 470 19.06 -31.37 -55.96
CA ASP A 470 18.35 -30.41 -56.80
C ASP A 470 17.07 -29.93 -56.10
N SER A 471 16.23 -29.24 -56.87
CA SER A 471 15.00 -28.66 -56.31
C SER A 471 14.05 -29.73 -55.80
N ASN A 472 13.90 -30.84 -56.55
CA ASN A 472 13.07 -31.94 -56.06
C ASN A 472 13.66 -32.54 -54.79
N CYS A 473 14.99 -32.70 -54.77
CA CYS A 473 15.67 -33.07 -53.54
C CYS A 473 15.33 -32.14 -52.38
N VAL A 474 15.21 -30.84 -52.66
CA VAL A 474 14.92 -29.89 -51.59
C VAL A 474 13.49 -30.03 -51.10
N ASN A 475 12.52 -30.03 -52.04
CA ASN A 475 11.13 -30.00 -51.62
C ASN A 475 10.64 -31.34 -51.09
N SER A 476 11.30 -32.46 -51.45
CA SER A 476 10.90 -33.74 -50.88
C SER A 476 11.15 -33.78 -49.38
N ILE A 477 12.16 -33.06 -48.89
CA ILE A 477 12.43 -33.00 -47.47
C ILE A 477 11.30 -32.29 -46.74
N SER A 478 10.70 -31.28 -47.39
CA SER A 478 9.68 -30.47 -46.72
C SER A 478 8.51 -31.30 -46.25
N ARG A 479 8.02 -32.21 -47.10
CA ARG A 479 6.95 -33.11 -46.69
C ARG A 479 7.46 -34.32 -45.92
N GLY A 480 8.77 -34.50 -45.80
CA GLY A 480 9.32 -35.59 -45.02
C GLY A 480 9.35 -36.93 -45.71
N THR A 481 8.92 -37.01 -46.97
CA THR A 481 8.91 -38.26 -47.72
C THR A 481 10.25 -38.55 -48.38
N TYR A 482 11.33 -37.93 -47.92
CA TYR A 482 12.63 -38.12 -48.53
C TYR A 482 13.14 -39.54 -48.33
N THR A 483 13.81 -40.06 -49.34
CA THR A 483 14.45 -41.36 -49.28
C THR A 483 15.87 -41.24 -49.84
N ARG A 484 16.75 -42.14 -49.37
CA ARG A 484 18.16 -42.07 -49.72
C ARG A 484 18.54 -42.98 -50.88
N GLU A 485 17.67 -43.92 -51.25
CA GLU A 485 18.04 -44.96 -52.21
C GLU A 485 18.36 -44.38 -53.59
N ASN A 486 17.58 -43.41 -54.04
CA ASN A 486 17.71 -42.93 -55.41
C ASN A 486 18.67 -41.76 -55.56
N TYR A 487 19.36 -41.36 -54.49
CA TYR A 487 20.32 -40.26 -54.56
C TYR A 487 21.75 -40.70 -54.27
N ILE A 488 22.01 -42.01 -54.21
CA ILE A 488 23.33 -42.50 -53.82
C ILE A 488 24.37 -42.18 -54.89
N HIS A 489 23.95 -42.11 -56.15
CA HIS A 489 24.90 -42.01 -57.26
C HIS A 489 25.79 -40.78 -57.14
N ASN A 490 27.04 -40.94 -57.57
CA ASN A 490 28.07 -39.90 -57.58
C ASN A 490 28.49 -39.48 -56.17
N VAL A 491 29.71 -38.97 -56.03
CA VAL A 491 30.27 -38.58 -54.74
C VAL A 491 30.96 -37.23 -54.92
N THR A 492 30.70 -36.30 -53.99
CA THR A 492 31.31 -34.99 -54.03
C THR A 492 31.33 -34.42 -52.62
N LEU A 493 32.33 -33.57 -52.36
CA LEU A 493 32.42 -32.87 -51.08
C LEU A 493 32.69 -31.39 -51.29
N ASN B 1 34.68 -50.96 -25.17
CA ASN B 1 33.56 -50.42 -25.92
C ASN B 1 33.40 -48.93 -25.65
N GLN B 2 32.30 -48.55 -25.01
CA GLN B 2 32.04 -47.16 -24.65
C GLN B 2 31.31 -47.09 -23.32
N ILE B 3 31.42 -45.92 -22.68
CA ILE B 3 30.80 -45.70 -21.39
C ILE B 3 30.02 -44.39 -21.43
N CYS B 4 29.06 -44.26 -20.52
CA CYS B 4 28.23 -43.06 -20.43
C CYS B 4 27.94 -42.77 -18.96
N ILE B 5 27.63 -41.50 -18.69
CA ILE B 5 27.30 -41.02 -17.36
C ILE B 5 26.01 -40.21 -17.44
N GLY B 6 25.32 -40.11 -16.30
CA GLY B 6 24.10 -39.32 -16.28
C GLY B 6 23.28 -39.55 -15.03
N LYS B 7 21.97 -39.35 -15.17
CA LYS B 7 21.02 -39.49 -14.08
C LYS B 7 20.33 -40.84 -14.15
N ALA B 8 19.40 -41.06 -13.22
CA ALA B 8 18.60 -42.28 -13.16
C ALA B 8 17.15 -41.93 -13.44
N ILE B 9 16.51 -42.71 -14.31
CA ILE B 9 15.15 -42.42 -14.75
C ILE B 9 14.17 -42.82 -13.65
N LYS B 10 13.27 -41.90 -13.32
CA LYS B 10 12.21 -42.13 -12.34
C LYS B 10 10.92 -41.53 -12.88
N PRO B 11 9.77 -42.04 -12.45
CA PRO B 11 8.50 -41.51 -12.96
C PRO B 11 8.30 -40.05 -12.57
N ILE B 12 7.61 -39.32 -13.45
CA ILE B 12 7.35 -37.90 -13.25
C ILE B 12 6.22 -37.73 -12.25
N ASN B 13 6.33 -36.71 -11.39
CA ASN B 13 5.35 -36.44 -10.36
C ASN B 13 4.55 -35.17 -10.62
N GLY B 14 5.20 -34.05 -10.94
CA GLY B 14 4.45 -32.83 -11.09
C GLY B 14 5.21 -31.78 -11.86
N THR B 15 4.66 -30.56 -11.84
CA THR B 15 5.27 -29.43 -12.52
C THR B 15 5.36 -28.24 -11.58
N VAL B 16 6.41 -27.44 -11.77
CA VAL B 16 6.64 -26.23 -11.00
C VAL B 16 6.88 -25.07 -11.95
N GLU B 17 6.82 -23.87 -11.40
CA GLU B 17 6.89 -22.63 -12.19
C GLU B 17 8.19 -21.90 -11.90
N THR B 18 8.91 -21.53 -12.96
CA THR B 18 10.13 -20.75 -12.87
C THR B 18 9.92 -19.42 -13.60
N VAL B 19 11.02 -18.65 -13.73
CA VAL B 19 10.93 -17.33 -14.32
C VAL B 19 10.53 -17.41 -15.80
N SER B 20 11.12 -18.34 -16.54
CA SER B 20 10.98 -18.35 -17.99
C SER B 20 10.18 -19.53 -18.55
N ARG B 21 9.86 -20.53 -17.74
CA ARG B 21 9.18 -21.71 -18.27
C ARG B 21 8.58 -22.50 -17.11
N MET B 22 7.86 -23.56 -17.47
CA MET B 22 7.35 -24.54 -16.52
C MET B 22 8.22 -25.78 -16.60
N ALA B 23 8.59 -26.32 -15.43
CA ALA B 23 9.50 -27.46 -15.37
C ALA B 23 8.78 -28.67 -14.81
N LYS B 24 9.20 -29.85 -15.28
CA LYS B 24 8.64 -31.12 -14.81
C LYS B 24 9.61 -31.76 -13.82
N VAL B 25 9.12 -32.09 -12.64
CA VAL B 25 9.95 -32.57 -11.55
C VAL B 25 9.35 -33.86 -11.00
N THR B 26 10.21 -34.64 -10.34
CA THR B 26 9.85 -35.93 -9.77
C THR B 26 9.42 -35.84 -8.32
N GLY B 27 9.36 -34.65 -7.75
CA GLY B 27 8.94 -34.50 -6.37
C GLY B 27 8.85 -33.05 -5.92
N MET B 28 7.83 -32.73 -5.13
CA MET B 28 7.62 -31.38 -4.66
C MET B 28 6.87 -31.42 -3.35
N LYS B 29 6.91 -30.31 -2.62
CA LYS B 29 6.23 -30.21 -1.34
C LYS B 29 5.67 -28.79 -1.20
N LYS B 30 5.14 -28.49 -0.02
CA LYS B 30 4.50 -27.21 0.23
C LYS B 30 5.21 -26.48 1.37
N VAL B 31 4.91 -25.19 1.51
CA VAL B 31 5.62 -24.33 2.46
C VAL B 31 4.82 -24.12 3.73
N GLY B 32 3.49 -24.20 3.63
CA GLY B 32 2.63 -23.89 4.74
C GLY B 32 2.06 -25.12 5.44
N GLY B 33 1.63 -24.91 6.67
CA GLY B 33 0.97 -25.94 7.45
C GLY B 33 -0.53 -25.73 7.49
N GLU B 34 -1.27 -26.83 7.59
CA GLU B 34 -2.72 -26.79 7.54
C GLU B 34 -3.32 -26.99 8.92
N ARG B 35 -4.55 -26.49 9.07
CA ARG B 35 -5.25 -26.57 10.35
C ARG B 35 -5.73 -27.98 10.63
N MET B 36 -5.89 -28.29 11.92
CA MET B 36 -6.40 -29.57 12.35
C MET B 36 -7.91 -29.49 12.52
N GLN B 37 -8.51 -30.51 13.12
CA GLN B 37 -9.95 -30.55 13.35
C GLN B 37 -10.32 -30.45 14.82
N LYS B 38 -9.36 -30.17 15.69
CA LYS B 38 -9.60 -30.12 17.14
C LYS B 38 -8.53 -29.27 17.78
N ILE B 39 -8.52 -29.22 19.10
CA ILE B 39 -7.53 -28.47 19.87
C ILE B 39 -6.82 -29.44 20.80
N CYS B 40 -5.48 -29.43 20.73
CA CYS B 40 -4.65 -30.28 21.57
C CYS B 40 -4.23 -29.47 22.79
N ALA B 41 -4.78 -29.81 23.95
CA ALA B 41 -4.59 -29.03 25.18
C ALA B 41 -4.18 -29.93 26.33
N LYS B 42 -3.23 -30.83 26.10
CA LYS B 42 -2.70 -31.63 27.20
C LYS B 42 -1.75 -30.80 28.04
N GLY B 43 -1.87 -30.94 29.36
CA GLY B 43 -1.07 -30.14 30.27
C GLY B 43 -1.39 -28.66 30.23
N GLU B 44 -2.68 -28.31 30.18
CA GLU B 44 -3.11 -26.92 30.15
C GLU B 44 -4.32 -26.76 31.07
N GLN B 45 -4.65 -25.50 31.35
CA GLN B 45 -5.79 -25.17 32.19
C GLN B 45 -6.83 -24.41 31.37
N ILE B 46 -8.10 -24.66 31.67
CA ILE B 46 -9.22 -24.05 30.98
C ILE B 46 -10.07 -23.32 32.01
N HIS B 47 -10.40 -22.07 31.73
CA HIS B 47 -11.24 -21.25 32.60
C HIS B 47 -12.62 -21.11 31.95
N ASP B 48 -13.66 -21.33 32.74
CA ASP B 48 -15.04 -21.24 32.24
C ASP B 48 -15.92 -20.72 33.36
N SER B 49 -16.49 -19.54 33.16
CA SER B 49 -17.43 -18.93 34.10
C SER B 49 -18.64 -18.40 33.36
N SER B 50 -19.13 -19.17 32.37
CA SER B 50 -20.21 -18.71 31.51
C SER B 50 -21.56 -18.68 32.21
N SER B 51 -21.65 -19.20 33.44
CA SER B 51 -22.93 -19.31 34.12
C SER B 51 -23.15 -18.23 35.18
N ALA B 52 -22.12 -17.50 35.57
CA ALA B 52 -22.31 -16.54 36.66
C ALA B 52 -21.87 -15.13 36.32
N CYS B 53 -20.79 -14.96 35.56
CA CYS B 53 -20.21 -13.65 35.35
C CYS B 53 -20.65 -13.04 34.02
N GLY B 54 -20.27 -11.78 33.84
CA GLY B 54 -20.37 -11.10 32.57
C GLY B 54 -19.08 -10.35 32.29
N ILE B 55 -19.03 -9.72 31.12
CA ILE B 55 -17.84 -8.99 30.73
C ILE B 55 -17.61 -7.80 31.65
N VAL B 56 -18.66 -7.05 31.95
CA VAL B 56 -18.53 -5.87 32.79
C VAL B 56 -18.20 -6.27 34.23
N SER B 57 -18.76 -7.37 34.71
CA SER B 57 -18.56 -7.78 36.09
C SER B 57 -17.10 -8.04 36.41
N HIS B 58 -16.31 -8.45 35.41
CA HIS B 58 -14.90 -8.75 35.65
C HIS B 58 -14.12 -7.47 35.92
N HIS B 59 -14.45 -6.37 35.25
CA HIS B 59 -13.70 -5.13 35.41
C HIS B 59 -13.92 -4.53 36.80
N LEU B 60 -15.13 -4.66 37.33
CA LEU B 60 -15.50 -4.00 38.58
C LEU B 60 -15.24 -4.85 39.82
N LYS B 61 -14.64 -6.03 39.66
CA LYS B 61 -14.31 -6.93 40.77
C LYS B 61 -15.56 -7.31 41.57
N GLN B 62 -16.52 -7.90 40.87
CA GLN B 62 -17.67 -8.46 41.54
C GLN B 62 -17.26 -9.68 42.36
N GLU B 63 -18.14 -10.09 43.27
CA GLU B 63 -17.84 -11.19 44.17
C GLU B 63 -17.77 -12.50 43.39
N GLY B 64 -16.57 -12.99 43.14
CA GLY B 64 -16.37 -14.24 42.46
C GLY B 64 -16.03 -14.15 40.98
N CYS B 65 -15.77 -12.95 40.46
CA CYS B 65 -15.49 -12.75 39.04
C CYS B 65 -14.22 -11.90 38.98
N ASP B 66 -13.06 -12.54 39.01
CA ASP B 66 -11.79 -11.84 39.22
C ASP B 66 -10.68 -12.38 38.31
N PHE B 67 -10.98 -12.55 37.03
CA PHE B 67 -9.95 -13.01 36.09
C PHE B 67 -8.74 -12.07 36.01
N PRO B 68 -8.90 -10.75 35.86
CA PRO B 68 -7.72 -9.90 35.64
C PRO B 68 -6.89 -9.62 36.89
N PHE B 69 -7.08 -10.36 37.97
CA PHE B 69 -6.32 -10.16 39.20
C PHE B 69 -5.81 -11.50 39.72
N LEU B 70 -5.24 -12.30 38.83
CA LEU B 70 -4.73 -13.62 39.17
C LEU B 70 -3.22 -13.67 38.91
N LEU B 71 -2.53 -14.47 39.71
CA LEU B 71 -1.09 -14.64 39.52
C LEU B 71 -0.79 -15.49 38.29
N ASN B 72 -1.52 -16.59 38.11
CA ASN B 72 -1.37 -17.46 36.96
C ASN B 72 -2.66 -17.44 36.15
N LYS B 73 -2.54 -17.10 34.87
CA LYS B 73 -3.70 -16.93 34.01
C LYS B 73 -3.73 -18.01 32.95
N PRO B 74 -4.80 -18.80 32.85
CA PRO B 74 -4.88 -19.82 31.80
C PRO B 74 -4.97 -19.18 30.42
N LYS B 75 -4.66 -19.99 29.41
CA LYS B 75 -4.63 -19.51 28.03
C LYS B 75 -5.94 -19.74 27.28
N PHE B 76 -6.94 -20.31 27.93
CA PHE B 76 -8.26 -20.50 27.33
C PHE B 76 -9.31 -19.98 28.30
N ALA B 77 -10.23 -19.16 27.80
CA ALA B 77 -11.23 -18.54 28.66
C ALA B 77 -12.55 -18.41 27.92
N THR B 78 -13.64 -18.36 28.69
CA THR B 78 -14.98 -18.21 28.16
C THR B 78 -15.86 -17.58 29.23
N THR B 79 -16.76 -16.68 28.81
CA THR B 79 -17.66 -16.00 29.73
C THR B 79 -18.95 -15.67 29.01
N GLY B 80 -19.86 -15.01 29.73
CA GLY B 80 -21.17 -14.71 29.20
C GLY B 80 -21.15 -13.56 28.23
N PRO B 81 -22.32 -13.28 27.65
CA PRO B 81 -22.42 -12.20 26.65
C PRO B 81 -22.30 -10.82 27.30
N MET B 82 -22.19 -9.81 26.44
CA MET B 82 -21.90 -8.47 26.91
C MET B 82 -23.09 -7.81 27.58
N ASN B 83 -24.32 -8.21 27.21
CA ASN B 83 -25.52 -7.63 27.80
C ASN B 83 -26.02 -8.42 29.00
N THR B 84 -25.12 -9.07 29.73
CA THR B 84 -25.50 -9.79 30.93
C THR B 84 -25.60 -8.84 32.12
N SER B 85 -26.63 -9.03 32.92
CA SER B 85 -26.87 -8.16 34.06
C SER B 85 -25.85 -8.40 35.18
N THR B 86 -25.79 -7.45 36.09
CA THR B 86 -24.96 -7.55 37.29
C THR B 86 -25.85 -7.49 38.53
N THR B 87 -25.21 -7.44 39.70
CA THR B 87 -25.92 -7.35 40.96
C THR B 87 -25.77 -5.99 41.63
N GLY B 88 -25.26 -4.99 40.91
CA GLY B 88 -25.07 -3.67 41.48
C GLY B 88 -25.89 -2.60 40.81
N PHE B 89 -25.23 -1.72 40.06
CA PHE B 89 -25.89 -0.61 39.41
C PHE B 89 -26.43 -1.03 38.05
N ASN B 90 -27.08 -0.09 37.37
CA ASN B 90 -27.33 -0.20 35.94
C ASN B 90 -26.20 0.50 35.20
N PHE B 91 -25.91 0.05 33.98
CA PHE B 91 -24.74 0.56 33.28
C PHE B 91 -25.07 0.90 31.83
N TYR B 92 -24.27 1.81 31.28
CA TYR B 92 -24.37 2.22 29.88
C TYR B 92 -22.98 2.44 29.31
N LEU B 93 -22.80 1.97 28.08
CA LEU B 93 -21.50 2.00 27.39
C LEU B 93 -21.66 2.62 26.02
N THR B 94 -20.59 3.20 25.51
CA THR B 94 -20.56 3.74 24.16
C THR B 94 -19.98 2.69 23.21
N GLU B 95 -19.81 3.05 21.95
CA GLU B 95 -19.33 2.09 20.96
C GLU B 95 -17.85 1.77 21.16
N LYS B 96 -17.02 2.79 21.39
CA LYS B 96 -15.61 2.56 21.63
C LYS B 96 -15.39 1.72 22.88
N ALA B 97 -16.18 1.98 23.92
CA ALA B 97 -16.07 1.20 25.14
C ALA B 97 -16.36 -0.27 24.89
N LYS B 98 -17.41 -0.57 24.10
CA LYS B 98 -17.71 -1.94 23.75
C LYS B 98 -16.57 -2.57 22.97
N SER B 99 -16.04 -1.85 21.98
CA SER B 99 -14.99 -2.39 21.13
C SER B 99 -13.75 -2.73 21.95
N TRP B 100 -13.38 -1.87 22.89
CA TRP B 100 -12.18 -2.13 23.67
C TRP B 100 -12.43 -3.14 24.80
N MET B 101 -13.65 -3.20 25.33
CA MET B 101 -13.95 -4.15 26.38
C MET B 101 -14.12 -5.56 25.85
N ASN B 102 -14.35 -5.71 24.54
CA ASN B 102 -14.30 -7.06 23.96
C ASN B 102 -12.94 -7.70 24.12
N ILE B 103 -11.89 -6.90 24.37
CA ILE B 103 -10.52 -7.39 24.45
C ILE B 103 -9.93 -7.26 25.84
N THR B 104 -10.14 -6.11 26.49
CA THR B 104 -9.34 -5.77 27.68
C THR B 104 -9.60 -6.65 28.88
N TRP B 105 -10.64 -7.48 28.88
CA TRP B 105 -10.96 -8.26 30.08
C TRP B 105 -10.12 -9.52 30.22
N ARG B 106 -9.30 -9.87 29.23
CA ARG B 106 -8.60 -11.14 29.25
C ARG B 106 -7.14 -10.98 28.83
N VAL B 107 -6.50 -9.90 29.26
CA VAL B 107 -5.09 -9.70 28.96
C VAL B 107 -4.25 -10.57 29.89
N LEU B 108 -3.06 -10.95 29.40
CA LEU B 108 -2.21 -11.90 30.10
C LEU B 108 -1.02 -11.25 30.81
N GLY B 109 -0.97 -9.92 30.85
CA GLY B 109 0.13 -9.20 31.43
C GLY B 109 -0.12 -8.80 32.87
N GLU B 110 0.41 -7.63 33.24
CA GLU B 110 0.23 -7.07 34.57
C GLU B 110 -0.52 -5.76 34.47
N ASN B 111 -1.33 -5.48 35.49
CA ASN B 111 -2.14 -4.27 35.55
C ASN B 111 -1.68 -3.39 36.69
N LYS B 112 -1.79 -2.08 36.50
CA LYS B 112 -1.26 -1.12 37.46
C LYS B 112 -2.38 -0.38 38.17
N ASP B 113 -2.15 -0.02 39.42
CA ASP B 113 -3.16 0.62 40.26
C ASP B 113 -2.62 1.95 40.78
N PHE B 114 -3.50 2.96 40.83
CA PHE B 114 -3.11 4.27 41.35
C PHE B 114 -4.21 4.89 42.21
N GLY B 115 -5.02 4.07 42.88
CA GLY B 115 -6.08 4.61 43.72
C GLY B 115 -5.59 5.37 44.94
N ASP B 116 -4.47 4.93 45.51
CA ASP B 116 -3.98 5.57 46.74
C ASP B 116 -3.58 7.02 46.49
N ASN B 117 -3.05 7.32 45.30
CA ASN B 117 -2.70 8.71 44.98
C ASN B 117 -3.95 9.58 45.00
N LEU B 118 -5.03 9.12 44.39
CA LEU B 118 -6.28 9.88 44.41
C LEU B 118 -6.80 10.03 45.82
N VAL B 119 -6.74 8.97 46.62
CA VAL B 119 -7.24 9.03 47.99
C VAL B 119 -6.46 10.06 48.80
N GLU B 120 -5.14 10.07 48.68
CA GLU B 120 -4.32 11.01 49.43
C GLU B 120 -4.39 12.42 48.87
N LYS B 121 -4.80 12.60 47.61
CA LYS B 121 -4.90 13.94 47.05
C LYS B 121 -6.24 14.60 47.36
N TYR B 122 -7.34 13.86 47.27
CA TYR B 122 -8.67 14.46 47.40
C TYR B 122 -9.52 13.88 48.52
N GLY B 123 -8.99 12.97 49.32
CA GLY B 123 -9.74 12.44 50.44
C GLY B 123 -10.51 11.18 50.11
N GLU B 124 -11.42 10.83 51.00
CA GLU B 124 -12.17 9.59 50.89
C GLU B 124 -13.18 9.67 49.74
N SER B 125 -13.48 8.51 49.17
CA SER B 125 -14.43 8.40 48.08
C SER B 125 -15.86 8.45 48.61
N GLY B 126 -16.79 8.75 47.72
CA GLY B 126 -18.20 8.74 48.08
C GLY B 126 -18.69 7.33 48.39
N ALA B 127 -19.75 7.27 49.18
CA ALA B 127 -20.27 6.00 49.67
C ALA B 127 -21.75 5.86 49.33
N THR B 128 -22.14 4.66 48.91
CA THR B 128 -23.53 4.33 48.65
C THR B 128 -23.77 2.88 49.04
N SER B 129 -25.04 2.57 49.32
CA SER B 129 -25.40 1.24 49.78
C SER B 129 -25.76 0.28 48.66
N GLU B 130 -25.84 0.76 47.41
CA GLU B 130 -26.20 -0.09 46.29
C GLU B 130 -25.00 -0.75 45.63
N GLY B 131 -23.79 -0.48 46.12
CA GLY B 131 -22.60 -1.07 45.54
C GLY B 131 -21.77 -1.85 46.55
N ALA B 132 -22.45 -2.58 47.44
CA ALA B 132 -21.75 -3.32 48.48
C ALA B 132 -20.90 -4.45 47.92
N THR B 133 -21.29 -5.00 46.77
CA THR B 133 -20.59 -6.15 46.20
C THR B 133 -19.53 -5.75 45.16
N LEU B 134 -19.29 -4.46 44.97
CA LEU B 134 -18.29 -4.00 44.03
C LEU B 134 -17.21 -3.22 44.76
N LYS B 135 -15.99 -3.24 44.22
CA LYS B 135 -14.85 -2.68 44.93
C LYS B 135 -14.04 -1.69 44.11
N ASN B 136 -14.01 -1.87 42.79
CA ASN B 136 -13.05 -1.17 41.94
C ASN B 136 -13.70 0.05 41.30
N TYR B 137 -13.84 1.11 42.09
CA TYR B 137 -14.27 2.40 41.56
C TYR B 137 -13.96 3.49 42.58
N TYR B 138 -13.93 4.73 42.09
CA TYR B 138 -13.68 5.91 42.92
C TYR B 138 -14.67 6.99 42.55
N TRP B 139 -15.38 7.51 43.56
CA TRP B 139 -16.43 8.51 43.36
C TRP B 139 -15.98 9.81 43.99
N TYR B 140 -15.98 10.89 43.21
CA TYR B 140 -15.46 12.19 43.64
C TYR B 140 -16.62 13.08 44.06
N VAL B 141 -16.76 13.29 45.36
CA VAL B 141 -17.81 14.16 45.90
C VAL B 141 -17.17 15.11 46.93
N PRO B 142 -16.77 16.31 46.53
CA PRO B 142 -16.14 17.23 47.47
C PRO B 142 -17.17 17.91 48.36
N THR B 143 -16.66 18.67 49.33
CA THR B 143 -17.54 19.38 50.25
C THR B 143 -18.18 20.59 49.59
N ALA B 144 -17.42 21.35 48.82
CA ALA B 144 -17.93 22.53 48.13
C ALA B 144 -18.14 22.19 46.66
N LYS B 145 -19.36 22.41 46.18
CA LYS B 145 -19.72 22.01 44.83
C LYS B 145 -19.86 23.22 43.91
N PRO B 146 -19.53 23.09 42.62
CA PRO B 146 -18.98 21.89 41.99
C PRO B 146 -17.49 21.69 42.24
N GLY B 147 -16.73 22.78 42.23
CA GLY B 147 -15.31 22.73 42.49
C GLY B 147 -14.54 21.92 41.47
N PRO B 148 -14.45 22.42 40.24
CA PRO B 148 -13.71 21.70 39.20
C PRO B 148 -12.22 21.69 39.48
N VAL B 149 -11.56 20.61 39.05
CA VAL B 149 -10.12 20.44 39.20
C VAL B 149 -9.56 19.75 37.96
N VAL B 150 -8.24 19.73 37.86
CA VAL B 150 -7.52 19.03 36.81
C VAL B 150 -6.49 18.12 37.45
N TYR B 151 -6.50 16.85 37.08
CA TYR B 151 -5.62 15.85 37.68
C TYR B 151 -4.64 15.37 36.62
N GLU B 152 -3.36 15.44 36.93
CA GLU B 152 -2.28 15.08 36.01
C GLU B 152 -1.41 13.99 36.62
N LYS B 153 -0.98 13.03 35.80
CA LYS B 153 -0.14 11.96 36.30
C LYS B 153 0.75 11.41 35.20
N LEU B 154 1.91 10.89 35.61
CA LEU B 154 2.85 10.25 34.71
C LEU B 154 2.58 8.75 34.66
N ALA B 155 2.44 8.21 33.46
CA ALA B 155 2.05 6.83 33.29
C ALA B 155 3.25 5.89 33.45
N GLU B 156 2.95 4.59 33.52
CA GLU B 156 3.95 3.55 33.69
C GLU B 156 4.00 2.56 32.55
N CYS B 157 2.85 2.15 32.02
CA CYS B 157 2.83 1.31 30.83
C CYS B 157 1.94 1.93 29.77
N THR B 158 1.67 1.19 28.69
CA THR B 158 0.79 1.64 27.63
C THR B 158 -0.52 0.87 27.72
N GLY B 159 -1.63 1.59 27.74
CA GLY B 159 -2.92 0.91 27.89
C GLY B 159 -4.09 1.87 27.85
N THR B 160 -5.19 1.41 28.44
CA THR B 160 -6.49 2.03 28.33
C THR B 160 -7.05 2.31 29.72
N ILE B 161 -7.80 3.41 29.84
CA ILE B 161 -8.42 3.82 31.08
C ILE B 161 -9.88 4.17 30.82
N TYR B 162 -10.77 3.73 31.70
CA TYR B 162 -12.19 4.00 31.58
C TYR B 162 -12.63 5.06 32.59
N TYR B 163 -13.50 5.95 32.14
CA TYR B 163 -13.96 7.07 32.96
C TYR B 163 -15.37 7.44 32.54
N GLY B 164 -16.07 8.15 33.42
CA GLY B 164 -17.43 8.56 33.11
C GLY B 164 -18.18 9.17 34.27
N ALA B 165 -19.44 8.77 34.45
CA ALA B 165 -20.26 9.37 35.49
C ALA B 165 -21.14 8.31 36.14
N LEU B 166 -21.72 8.68 37.29
CA LEU B 166 -22.61 7.81 38.04
C LEU B 166 -23.71 8.69 38.65
N LEU B 167 -24.94 8.52 38.19
CA LEU B 167 -26.03 9.41 38.59
C LEU B 167 -27.33 8.64 38.75
N SER B 168 -28.26 9.24 39.47
CA SER B 168 -29.60 8.69 39.66
C SER B 168 -30.60 9.44 38.78
N ASP B 169 -31.75 8.81 38.56
CA ASP B 169 -32.77 9.37 37.69
C ASP B 169 -33.79 10.24 38.42
N ALA B 170 -33.62 10.44 39.72
CA ALA B 170 -34.50 11.31 40.48
C ALA B 170 -33.96 12.74 40.45
N GLU B 171 -34.87 13.70 40.27
CA GLU B 171 -34.45 15.10 40.17
C GLU B 171 -33.82 15.59 41.46
N ALA B 172 -34.43 15.25 42.61
CA ALA B 172 -33.90 15.73 43.89
C ALA B 172 -32.49 15.22 44.14
N GLY B 173 -32.24 13.94 43.87
CA GLY B 173 -30.91 13.39 44.03
C GLY B 173 -29.90 14.05 43.10
N TYR B 174 -30.31 14.31 41.86
CA TYR B 174 -29.42 14.96 40.91
C TYR B 174 -29.02 16.34 41.41
N ILE B 175 -29.99 17.13 41.88
CA ILE B 175 -29.68 18.47 42.36
C ILE B 175 -28.84 18.41 43.62
N ALA B 176 -29.11 17.44 44.49
CA ALA B 176 -28.35 17.34 45.74
C ALA B 176 -26.92 16.91 45.50
N VAL B 177 -26.67 16.09 44.48
CA VAL B 177 -25.33 15.58 44.23
C VAL B 177 -24.51 16.54 43.37
N THR B 178 -25.03 16.94 42.21
CA THR B 178 -24.23 17.74 41.29
C THR B 178 -24.08 19.18 41.74
N GLY B 179 -25.12 19.75 42.34
CA GLY B 179 -25.07 21.15 42.72
C GLY B 179 -25.22 22.12 41.56
N ARG B 180 -25.77 21.66 40.44
CA ARG B 180 -26.00 22.49 39.27
C ARG B 180 -27.49 22.72 39.07
N ASN B 181 -27.83 23.39 37.97
CA ASN B 181 -29.21 23.58 37.57
C ASN B 181 -29.58 22.57 36.48
N VAL B 182 -30.88 22.28 36.38
CA VAL B 182 -31.34 21.22 35.50
C VAL B 182 -31.12 21.61 34.04
N THR B 183 -31.35 22.87 33.69
CA THR B 183 -31.24 23.32 32.31
C THR B 183 -29.80 23.76 32.01
N GLU B 184 -28.90 22.76 32.04
CA GLU B 184 -27.49 23.01 31.81
C GLU B 184 -26.86 21.78 31.19
N ARG B 185 -25.72 21.98 30.54
CA ARG B 185 -24.96 20.90 29.92
C ARG B 185 -23.52 21.01 30.39
N TRP B 186 -22.95 19.90 30.84
CA TRP B 186 -21.57 19.92 31.31
C TRP B 186 -20.83 18.70 30.81
N ASP B 187 -19.51 18.85 30.65
CA ASP B 187 -18.71 17.86 29.95
C ASP B 187 -17.58 17.34 30.84
N VAL B 188 -17.10 16.15 30.48
CA VAL B 188 -15.89 15.56 31.05
C VAL B 188 -14.96 15.22 29.89
N ARG B 189 -13.71 15.67 29.98
CA ARG B 189 -12.75 15.55 28.89
C ARG B 189 -11.52 14.80 29.35
N PHE B 190 -10.96 13.99 28.44
CA PHE B 190 -9.74 13.23 28.69
C PHE B 190 -8.74 13.54 27.59
N THR B 191 -7.54 13.95 27.98
CA THR B 191 -6.47 14.25 27.05
C THR B 191 -5.25 13.39 27.39
N GLY B 192 -4.79 12.62 26.41
CA GLY B 192 -3.64 11.76 26.57
C GLY B 192 -2.88 11.66 25.26
N SER B 193 -2.61 10.45 24.80
CA SER B 193 -2.13 10.26 23.44
C SER B 193 -3.17 10.67 22.42
N SER B 194 -4.43 10.83 22.84
CA SER B 194 -5.50 11.30 21.97
C SER B 194 -6.43 12.18 22.81
N GLU B 195 -7.60 12.48 22.28
CA GLU B 195 -8.54 13.36 22.96
C GLU B 195 -9.94 12.74 22.92
N SER B 196 -10.69 12.89 24.01
CA SER B 196 -12.04 12.37 24.08
C SER B 196 -12.86 13.21 25.05
N SER B 197 -14.18 13.12 24.93
CA SER B 197 -15.06 13.88 25.79
C SER B 197 -16.43 13.23 25.84
N ILE B 198 -17.22 13.63 26.83
CA ILE B 198 -18.59 13.15 26.99
C ILE B 198 -19.40 14.24 27.70
N SER B 199 -20.71 14.25 27.46
CA SER B 199 -21.59 15.31 27.92
C SER B 199 -22.73 14.75 28.78
N PHE B 200 -23.23 15.59 29.69
CA PHE B 200 -24.33 15.21 30.55
C PHE B 200 -25.21 16.43 30.80
N SER B 201 -26.46 16.14 31.17
CA SER B 201 -27.45 17.17 31.48
C SER B 201 -28.40 16.63 32.53
N GLY B 202 -29.52 17.31 32.72
CA GLY B 202 -30.50 16.93 33.72
C GLY B 202 -31.28 15.70 33.32
N PRO B 203 -32.08 15.16 34.25
CA PRO B 203 -32.79 13.90 33.96
C PRO B 203 -33.86 14.04 32.89
N LYS B 204 -34.73 15.05 32.98
CA LYS B 204 -35.76 15.22 31.96
C LYS B 204 -35.30 16.16 30.85
N GLN B 205 -34.11 15.89 30.31
CA GLN B 205 -33.56 16.65 29.20
C GLN B 205 -32.66 15.73 28.38
N SER B 206 -32.22 16.23 27.23
CA SER B 206 -31.29 15.52 26.37
C SER B 206 -29.86 15.79 26.83
N PRO B 207 -28.94 14.80 26.70
CA PRO B 207 -29.15 13.45 26.18
C PRO B 207 -29.37 12.40 27.27
N MET B 208 -29.66 12.82 28.50
CA MET B 208 -29.87 11.87 29.58
C MET B 208 -31.12 11.01 29.36
N GLU B 209 -32.12 11.53 28.67
CA GLU B 209 -33.34 10.77 28.40
C GLU B 209 -33.02 9.49 27.62
N GLU B 210 -32.15 9.60 26.61
CA GLU B 210 -31.75 8.43 25.85
C GLU B 210 -30.95 7.45 26.71
N TYR B 211 -30.08 7.96 27.58
CA TYR B 211 -29.30 7.09 28.46
C TYR B 211 -30.23 6.27 29.36
N ILE B 212 -31.26 6.91 29.91
CA ILE B 212 -32.18 6.19 30.79
C ILE B 212 -32.89 5.07 30.03
N ILE B 213 -33.33 5.35 28.80
CA ILE B 213 -34.08 4.37 28.04
C ILE B 213 -33.21 3.20 27.61
N LYS B 214 -31.98 3.49 27.17
CA LYS B 214 -31.13 2.46 26.58
C LYS B 214 -30.35 1.65 27.60
N SER B 215 -30.51 1.91 28.89
CA SER B 215 -29.69 1.25 29.89
C SER B 215 -30.09 -0.22 30.05
N VAL B 216 -29.21 -0.97 30.72
CA VAL B 216 -29.42 -2.39 31.00
C VAL B 216 -29.74 -2.54 32.47
N ARG B 217 -30.92 -3.08 32.76
CA ARG B 217 -31.38 -3.18 34.14
C ARG B 217 -30.64 -4.27 34.89
N SER B 218 -30.62 -4.15 36.21
CA SER B 218 -29.92 -5.06 37.08
C SER B 218 -30.86 -6.13 37.62
N SER B 219 -30.28 -7.11 38.32
CA SER B 219 -31.07 -8.21 38.87
C SER B 219 -32.04 -7.71 39.95
N VAL B 220 -31.57 -6.82 40.82
CA VAL B 220 -32.43 -6.25 41.85
C VAL B 220 -33.23 -5.10 41.24
N ASP B 221 -34.55 -5.15 41.41
CA ASP B 221 -35.44 -4.20 40.76
C ASP B 221 -35.74 -2.98 41.62
N THR B 222 -34.86 -2.64 42.56
CA THR B 222 -35.03 -1.45 43.39
C THR B 222 -33.77 -0.59 43.36
N VAL B 223 -33.07 -0.57 42.24
CA VAL B 223 -31.83 0.18 42.08
C VAL B 223 -32.11 1.37 41.18
N ARG B 224 -31.67 2.55 41.60
CA ARG B 224 -31.97 3.80 40.91
C ARG B 224 -30.73 4.48 40.34
N ASN B 225 -29.61 3.77 40.23
CA ASN B 225 -28.34 4.37 39.86
C ASN B 225 -27.85 3.82 38.53
N ILE B 226 -27.44 4.70 37.63
CA ILE B 226 -26.89 4.34 36.33
C ILE B 226 -25.49 4.91 36.23
N ILE B 227 -24.56 4.10 35.74
CA ILE B 227 -23.17 4.49 35.56
C ILE B 227 -22.85 4.42 34.07
N ILE B 228 -22.29 5.50 33.53
CA ILE B 228 -22.04 5.65 32.11
C ILE B 228 -20.54 5.73 31.89
N LEU B 229 -20.02 4.93 30.95
CA LEU B 229 -18.58 4.78 30.78
C LEU B 229 -18.12 5.21 29.39
N ASP B 230 -16.81 5.47 29.30
CA ASP B 230 -16.13 5.77 28.05
C ASP B 230 -14.64 5.48 28.26
N SER B 231 -13.88 5.45 27.17
CA SER B 231 -12.51 4.97 27.21
C SER B 231 -11.52 6.01 26.71
N GLY B 232 -10.25 5.82 27.08
CA GLY B 232 -9.16 6.64 26.60
C GLY B 232 -7.86 5.88 26.66
N ARG B 233 -6.86 6.39 25.94
CA ARG B 233 -5.57 5.70 25.79
C ARG B 233 -4.44 6.52 26.37
N VAL B 234 -3.38 5.83 26.83
CA VAL B 234 -2.21 6.48 27.40
C VAL B 234 -0.95 5.90 26.76
N LYS B 235 0.19 6.51 27.10
CA LYS B 235 1.50 6.07 26.64
C LYS B 235 2.45 6.00 27.82
N LYS B 236 3.55 5.25 27.63
CA LYS B 236 4.37 4.83 28.76
C LYS B 236 5.05 6.01 29.45
N GLY B 237 5.74 6.86 28.70
CA GLY B 237 6.59 7.86 29.29
C GLY B 237 6.03 9.26 29.41
N GLU B 238 4.78 9.48 29.01
CA GLU B 238 4.22 10.82 28.96
C GLU B 238 3.30 11.06 30.16
N THR B 239 2.64 12.22 30.14
CA THR B 239 1.73 12.64 31.21
C THR B 239 0.32 12.76 30.66
N PHE B 240 -0.65 12.30 31.44
CA PHE B 240 -2.05 12.36 31.06
C PHE B 240 -2.83 13.17 32.08
N SER B 241 -3.92 13.80 31.62
CA SER B 241 -4.70 14.73 32.41
C SER B 241 -6.18 14.45 32.26
N ILE B 242 -6.92 14.69 33.34
CA ILE B 242 -8.37 14.50 33.38
C ILE B 242 -9.00 15.72 34.06
N SER B 243 -10.11 16.19 33.50
CA SER B 243 -10.88 17.28 34.11
C SER B 243 -12.00 16.69 34.95
N LEU B 244 -12.06 17.09 36.22
CA LEU B 244 -12.98 16.49 37.18
C LEU B 244 -13.93 17.56 37.74
N SER B 245 -15.19 17.17 37.86
CA SER B 245 -16.21 17.97 38.54
C SER B 245 -17.02 17.05 39.44
N SER B 246 -17.72 17.65 40.39
CA SER B 246 -18.48 16.88 41.38
C SER B 246 -19.50 15.97 40.71
N GLY B 247 -19.29 14.67 40.79
CA GLY B 247 -20.16 13.69 40.17
C GLY B 247 -19.47 12.74 39.21
N ALA B 248 -18.24 13.03 38.79
CA ALA B 248 -17.55 12.15 37.86
C ALA B 248 -17.06 10.89 38.56
N VAL B 249 -16.65 9.91 37.76
CA VAL B 249 -16.20 8.63 38.27
C VAL B 249 -15.10 8.09 37.37
N VAL B 250 -14.17 7.35 37.97
CA VAL B 250 -13.05 6.77 37.23
C VAL B 250 -12.69 5.44 37.88
N ILE B 251 -12.33 4.47 37.06
CA ILE B 251 -11.87 3.16 37.53
C ILE B 251 -10.35 3.21 37.64
N PRO B 252 -9.78 3.10 38.84
CA PRO B 252 -8.35 3.36 39.02
C PRO B 252 -7.47 2.15 38.70
N THR B 253 -7.38 1.83 37.41
CA THR B 253 -6.53 0.73 36.97
C THR B 253 -6.11 0.98 35.53
N ILE B 254 -4.86 0.66 35.22
CA ILE B 254 -4.34 0.67 33.87
C ILE B 254 -4.16 -0.77 33.44
N PHE B 255 -4.80 -1.14 32.32
CA PHE B 255 -4.71 -2.47 31.74
C PHE B 255 -3.63 -2.45 30.68
N CYS B 256 -2.43 -2.89 31.05
CA CYS B 256 -1.30 -2.82 30.13
C CYS B 256 -1.50 -3.77 28.96
N ASP B 257 -0.87 -3.43 27.83
CA ASP B 257 -1.00 -4.21 26.61
C ASP B 257 -0.17 -5.49 26.67
N GLY B 258 -0.43 -6.37 25.72
CA GLY B 258 0.25 -7.65 25.66
C GLY B 258 -0.48 -8.67 24.81
N ASP B 259 -0.69 -9.87 25.34
CA ASP B 259 -1.43 -10.91 24.66
C ASP B 259 -2.70 -11.24 25.45
N PHE B 260 -3.70 -11.78 24.75
CA PHE B 260 -4.96 -12.15 25.37
C PHE B 260 -5.35 -13.55 24.91
N ALA B 261 -6.10 -14.23 25.76
CA ALA B 261 -6.44 -15.63 25.53
C ALA B 261 -7.45 -15.78 24.40
N VAL B 262 -7.66 -17.02 23.98
CA VAL B 262 -8.58 -17.34 22.89
C VAL B 262 -9.79 -18.07 23.46
N THR B 263 -10.90 -17.99 22.75
CA THR B 263 -12.13 -18.66 23.15
C THR B 263 -12.39 -19.84 22.24
N PRO B 264 -12.40 -21.07 22.77
CA PRO B 264 -12.58 -22.23 21.90
C PRO B 264 -13.91 -22.20 21.17
N GLN B 265 -13.89 -22.65 19.92
CA GLN B 265 -15.10 -22.74 19.09
C GLN B 265 -15.37 -24.14 18.56
N VAL B 266 -14.46 -25.08 18.77
CA VAL B 266 -14.62 -26.45 18.29
C VAL B 266 -14.41 -27.40 19.47
N GLN B 267 -14.43 -28.69 19.18
CA GLN B 267 -14.28 -29.71 20.22
C GLN B 267 -12.88 -29.67 20.81
N ILE B 268 -12.80 -29.85 22.13
CA ILE B 268 -11.54 -29.82 22.86
C ILE B 268 -11.13 -31.25 23.19
N ASP B 269 -9.89 -31.60 22.87
CA ASP B 269 -9.38 -32.95 23.07
C ASP B 269 -8.15 -32.91 23.97
N LYS B 270 -8.10 -33.83 24.93
CA LYS B 270 -6.94 -34.02 25.77
C LYS B 270 -6.05 -35.10 25.17
N ASP B 271 -5.06 -35.55 25.94
CA ASP B 271 -4.21 -36.69 25.57
C ASP B 271 -3.42 -36.43 24.30
N CYS B 272 -3.13 -35.17 24.00
CA CYS B 272 -2.35 -34.79 22.83
C CYS B 272 -1.88 -33.36 23.00
N ALA B 273 -0.65 -33.08 22.59
CA ALA B 273 -0.02 -31.80 22.85
C ALA B 273 0.48 -31.17 21.55
N SER B 274 0.58 -29.85 21.57
CA SER B 274 1.12 -29.07 20.46
C SER B 274 1.71 -27.79 21.03
N ASP B 275 2.04 -26.84 20.15
CA ASP B 275 2.63 -25.58 20.60
C ASP B 275 2.10 -24.35 19.88
N CYS B 276 1.10 -24.47 19.03
CA CYS B 276 0.51 -23.31 18.37
C CYS B 276 -0.97 -23.58 18.18
N HIS B 277 -1.82 -22.72 18.75
CA HIS B 277 -3.26 -22.92 18.73
C HIS B 277 -3.96 -21.67 18.24
N SER B 278 -5.13 -21.87 17.64
CA SER B 278 -6.02 -20.79 17.22
C SER B 278 -7.43 -21.13 17.69
N ALA B 279 -8.38 -20.26 17.36
CA ALA B 279 -9.75 -20.44 17.81
C ALA B 279 -10.47 -21.57 17.07
N TYR B 280 -9.90 -22.09 15.98
CA TYR B 280 -10.55 -23.13 15.19
C TYR B 280 -9.71 -24.39 15.05
N GLY B 281 -8.57 -24.48 15.72
CA GLY B 281 -7.76 -25.68 15.64
C GLY B 281 -6.32 -25.39 15.97
N SER B 282 -5.51 -26.44 15.88
CA SER B 282 -4.09 -26.39 16.16
C SER B 282 -3.30 -26.57 14.86
N PHE B 283 -1.99 -26.49 14.98
CA PHE B 283 -1.10 -26.59 13.83
C PHE B 283 0.03 -27.57 14.11
N PRO B 284 0.58 -28.18 13.07
CA PRO B 284 1.62 -29.20 13.27
C PRO B 284 2.91 -28.61 13.81
N ASN B 285 3.71 -29.48 14.41
CA ASN B 285 4.98 -29.07 15.02
C ASN B 285 5.96 -28.61 13.96
N GLY B 286 6.75 -27.60 14.30
CA GLY B 286 7.89 -27.18 13.49
C GLY B 286 7.56 -26.69 12.10
N SER B 287 6.57 -25.82 11.98
CA SER B 287 6.23 -25.25 10.68
C SER B 287 6.97 -23.94 10.45
N SER B 288 7.02 -23.52 9.18
CA SER B 288 7.65 -22.27 8.80
C SER B 288 6.65 -21.17 8.50
N PHE B 289 5.45 -21.52 8.07
CA PHE B 289 4.39 -20.57 7.80
C PHE B 289 3.07 -21.18 8.19
N ILE B 290 2.08 -20.32 8.42
CA ILE B 290 0.77 -20.73 8.91
C ILE B 290 -0.30 -20.19 7.97
N ILE B 291 -1.22 -21.05 7.56
CA ILE B 291 -2.35 -20.65 6.73
C ILE B 291 -3.44 -20.13 7.67
N HIS B 292 -3.51 -18.81 7.81
CA HIS B 292 -4.43 -18.19 8.75
C HIS B 292 -4.89 -16.86 8.18
N HIS B 293 -6.00 -16.35 8.71
CA HIS B 293 -6.58 -15.10 8.23
C HIS B 293 -6.52 -13.99 9.28
N SER B 294 -5.63 -14.12 10.25
CA SER B 294 -5.47 -13.10 11.29
C SER B 294 -4.10 -13.26 11.92
N VAL B 295 -3.82 -12.42 12.92
CA VAL B 295 -2.56 -12.46 13.64
C VAL B 295 -2.76 -12.83 15.11
N HIS B 296 -3.94 -13.35 15.45
CA HIS B 296 -4.26 -13.71 16.83
C HIS B 296 -3.96 -15.18 17.05
N THR B 297 -2.99 -15.47 17.92
CA THR B 297 -2.62 -16.84 18.24
C THR B 297 -1.95 -16.85 19.60
N VAL B 298 -1.86 -18.04 20.19
CA VAL B 298 -1.22 -18.24 21.49
C VAL B 298 -0.16 -19.32 21.35
N GLY B 299 0.96 -19.12 22.03
CA GLY B 299 2.07 -20.04 21.93
C GLY B 299 3.26 -19.44 21.21
N SER B 300 3.96 -20.25 20.41
CA SER B 300 5.07 -19.80 19.58
C SER B 300 4.75 -20.15 18.14
N CYS B 301 4.41 -19.14 17.34
CA CYS B 301 3.92 -19.39 16.00
C CYS B 301 4.64 -18.51 14.98
N PRO B 302 4.78 -19.00 13.75
CA PRO B 302 5.43 -18.21 12.70
C PRO B 302 4.45 -17.26 12.04
N PRO B 303 4.90 -16.45 11.08
CA PRO B 303 3.97 -15.55 10.38
C PRO B 303 2.88 -16.31 9.63
N SER B 304 1.95 -15.55 9.07
CA SER B 304 0.74 -16.09 8.46
C SER B 304 0.62 -15.67 7.01
N ILE B 305 -0.02 -16.53 6.20
CA ILE B 305 -0.31 -16.26 4.80
C ILE B 305 -1.73 -16.72 4.51
N LEU B 306 -2.22 -16.38 3.31
CA LEU B 306 -3.61 -16.64 2.96
C LEU B 306 -3.79 -17.85 2.05
N ARG B 307 -2.74 -18.32 1.39
CA ARG B 307 -2.84 -19.52 0.57
C ARG B 307 -1.46 -20.18 0.51
N ASN B 308 -1.40 -21.33 -0.15
CA ASN B 308 -0.22 -22.18 -0.11
C ASN B 308 0.39 -22.31 -1.50
N PHE B 309 1.68 -22.65 -1.53
CA PHE B 309 2.43 -22.73 -2.78
C PHE B 309 3.29 -24.00 -2.78
N ASP B 310 3.92 -24.25 -3.91
CA ASP B 310 4.70 -25.46 -4.14
C ASP B 310 6.19 -25.14 -4.29
N VAL B 311 7.02 -26.07 -3.83
CA VAL B 311 8.48 -25.92 -3.87
C VAL B 311 9.09 -27.24 -4.31
N ILE B 312 10.10 -27.16 -5.18
CA ILE B 312 10.73 -28.35 -5.73
C ILE B 312 11.36 -29.18 -4.61
N ASP B 313 11.38 -30.50 -4.81
CA ASP B 313 11.98 -31.43 -3.86
C ASP B 313 12.87 -32.48 -4.50
N GLY B 314 12.81 -32.68 -5.82
CA GLY B 314 13.66 -33.64 -6.48
C GLY B 314 14.57 -33.00 -7.50
N TYR B 315 14.65 -33.58 -8.70
CA TYR B 315 15.44 -33.00 -9.78
C TYR B 315 14.63 -33.02 -11.07
N GLU B 316 14.95 -32.10 -11.97
CA GLU B 316 14.22 -31.97 -13.22
C GLU B 316 14.45 -33.19 -14.11
N ALA B 317 13.41 -33.54 -14.87
CA ALA B 317 13.45 -34.68 -15.78
C ALA B 317 13.64 -34.16 -17.20
N THR B 318 14.79 -34.47 -17.80
CA THR B 318 15.13 -34.04 -19.15
C THR B 318 15.56 -35.26 -19.95
N TRP B 319 14.58 -35.96 -20.53
CA TRP B 319 14.84 -37.12 -21.37
C TRP B 319 13.58 -37.43 -22.15
N GLU B 320 13.60 -38.55 -22.87
CA GLU B 320 12.44 -38.96 -23.65
C GLU B 320 11.50 -39.85 -22.84
N PHE B 335 19.18 -44.91 -28.63
CA PHE B 335 19.38 -43.47 -28.61
C PHE B 335 19.54 -42.95 -27.19
N PHE B 336 20.79 -42.68 -26.80
CA PHE B 336 21.05 -42.10 -25.49
C PHE B 336 20.50 -40.69 -25.42
N THR B 337 19.93 -40.34 -24.27
CA THR B 337 19.35 -39.01 -24.08
C THR B 337 19.86 -38.38 -22.81
N GLY B 338 20.26 -39.20 -21.84
CA GLY B 338 20.76 -38.70 -20.58
C GLY B 338 20.30 -39.51 -19.38
N GLY B 339 19.49 -40.53 -19.63
CA GLY B 339 18.96 -41.38 -18.58
C GLY B 339 19.57 -42.77 -18.64
N ILE B 340 19.60 -43.44 -17.49
CA ILE B 340 20.14 -44.78 -17.37
C ILE B 340 19.01 -45.72 -16.96
N GLN B 341 18.84 -46.81 -17.71
CA GLN B 341 17.74 -47.74 -17.45
C GLN B 341 18.01 -48.69 -16.29
N GLY B 342 19.22 -48.70 -15.75
CA GLY B 342 19.52 -49.58 -14.64
C GLY B 342 18.89 -49.11 -13.35
N ALA B 343 18.98 -49.97 -12.33
CA ALA B 343 18.46 -49.68 -11.00
C ALA B 343 19.62 -49.38 -10.07
N ILE B 344 19.69 -48.14 -9.58
CA ILE B 344 20.77 -47.70 -8.71
C ILE B 344 20.18 -46.93 -7.53
N ASP B 345 20.92 -46.93 -6.43
CA ASP B 345 20.51 -46.24 -5.21
C ASP B 345 21.15 -44.85 -5.10
N GLY B 346 20.86 -44.02 -6.10
CA GLY B 346 21.41 -42.68 -6.14
C GLY B 346 20.75 -41.87 -7.23
N TRP B 347 21.22 -40.63 -7.36
CA TRP B 347 20.70 -39.71 -8.36
C TRP B 347 21.60 -39.60 -9.58
N TYR B 348 22.82 -40.11 -9.52
CA TYR B 348 23.75 -40.06 -10.65
C TYR B 348 24.44 -41.41 -10.79
N GLY B 349 24.85 -41.72 -12.01
CA GLY B 349 25.43 -43.03 -12.27
C GLY B 349 26.23 -43.08 -13.55
N VAL B 350 26.98 -44.18 -13.67
CA VAL B 350 27.83 -44.48 -14.82
C VAL B 350 27.51 -45.90 -15.28
N THR B 351 27.37 -46.07 -16.60
CA THR B 351 27.03 -47.38 -17.14
C THR B 351 27.73 -47.58 -18.48
N ASN B 352 27.73 -48.84 -18.93
CA ASN B 352 28.32 -49.23 -20.21
C ASN B 352 27.33 -50.04 -21.03
N HIS B 353 26.07 -49.59 -21.05
CA HIS B 353 24.99 -50.29 -21.76
C HIS B 353 24.85 -51.73 -21.27
N ASP B 354 25.04 -51.93 -19.97
CA ASP B 354 24.85 -53.22 -19.34
C ASP B 354 24.01 -53.02 -18.09
N THR B 355 23.14 -54.00 -17.82
CA THR B 355 22.19 -53.93 -16.71
C THR B 355 22.52 -54.98 -15.68
N GLY B 356 22.56 -54.56 -14.40
CA GLY B 356 22.75 -55.50 -13.31
C GLY B 356 24.15 -55.48 -12.71
N LYS B 357 25.17 -55.41 -13.57
CA LYS B 357 26.54 -55.45 -13.10
C LYS B 357 27.39 -54.39 -13.80
N GLY B 358 26.90 -53.85 -14.91
CA GLY B 358 27.64 -52.86 -15.66
C GLY B 358 27.26 -51.43 -15.32
N THR B 359 26.61 -51.24 -14.18
CA THR B 359 26.15 -49.92 -13.76
C THR B 359 26.59 -49.66 -12.32
N ALA B 360 27.05 -48.43 -12.07
CA ALA B 360 27.51 -48.04 -10.75
C ALA B 360 27.01 -46.64 -10.44
N ALA B 361 27.00 -46.29 -9.16
CA ALA B 361 26.51 -45.00 -8.70
C ALA B 361 27.53 -44.33 -7.80
N ASP B 362 27.57 -43.01 -7.87
CA ASP B 362 28.44 -42.19 -7.04
C ASP B 362 27.62 -41.60 -5.88
N GLN B 363 28.31 -40.86 -5.00
CA GLN B 363 27.66 -40.41 -3.77
C GLN B 363 27.83 -38.92 -3.53
N THR B 364 28.94 -38.34 -3.97
CA THR B 364 29.25 -36.95 -3.65
C THR B 364 28.24 -36.00 -4.27
N SER B 365 27.92 -36.20 -5.55
CA SER B 365 26.98 -35.32 -6.24
C SER B 365 25.61 -35.36 -5.57
N THR B 366 25.18 -36.54 -5.15
CA THR B 366 23.86 -36.68 -4.53
C THR B 366 23.77 -35.81 -3.27
N GLN B 367 24.76 -35.92 -2.38
CA GLN B 367 24.69 -35.16 -1.14
C GLN B 367 24.87 -33.66 -1.37
N LYS B 368 25.70 -33.27 -2.34
CA LYS B 368 25.80 -31.85 -2.66
C LYS B 368 24.48 -31.29 -3.15
N ALA B 369 23.81 -32.02 -4.05
CA ALA B 369 22.51 -31.57 -4.54
C ALA B 369 21.49 -31.54 -3.42
N VAL B 370 21.60 -32.47 -2.47
CA VAL B 370 20.70 -32.45 -1.31
C VAL B 370 20.91 -31.18 -0.48
N GLU B 371 22.17 -30.83 -0.23
CA GLU B 371 22.45 -29.68 0.64
C GLU B 371 22.06 -28.36 0.00
N ALA B 372 22.15 -28.26 -1.33
CA ALA B 372 21.83 -26.99 -1.99
C ALA B 372 20.40 -26.54 -1.69
N ILE B 373 19.46 -27.48 -1.71
CA ILE B 373 18.05 -27.14 -1.48
C ILE B 373 17.88 -26.54 -0.10
N THR B 374 18.47 -27.18 0.92
CA THR B 374 18.35 -26.68 2.28
C THR B 374 18.91 -25.28 2.41
N ASN B 375 20.10 -25.05 1.82
CA ASN B 375 20.71 -23.72 1.91
C ASN B 375 19.80 -22.66 1.31
N LYS B 376 19.33 -22.89 0.08
CA LYS B 376 18.51 -21.88 -0.58
C LYS B 376 17.21 -21.63 0.17
N LEU B 377 16.56 -22.70 0.65
CA LEU B 377 15.30 -22.53 1.36
C LEU B 377 15.49 -21.75 2.64
N ASN B 378 16.58 -22.02 3.38
CA ASN B 378 16.84 -21.27 4.61
C ASN B 378 17.04 -19.78 4.31
N GLU B 379 17.78 -19.47 3.26
CA GLU B 379 17.98 -18.06 2.91
C GLU B 379 16.65 -17.38 2.59
N ALA B 380 15.80 -18.06 1.81
CA ALA B 380 14.50 -17.48 1.48
C ALA B 380 13.66 -17.24 2.72
N ILE B 381 13.65 -18.19 3.64
CA ILE B 381 12.86 -18.05 4.86
C ILE B 381 13.35 -16.85 5.67
N GLU B 382 14.67 -16.69 5.78
CA GLU B 382 15.21 -15.55 6.53
C GLU B 382 14.79 -14.22 5.88
N ASN B 383 14.85 -14.15 4.54
CA ASN B 383 14.42 -12.94 3.86
C ASN B 383 12.96 -12.63 4.15
N GLY B 384 12.11 -13.65 4.11
CA GLY B 384 10.70 -13.44 4.42
C GLY B 384 10.48 -12.93 5.83
N ASN B 385 11.21 -13.49 6.79
CA ASN B 385 11.09 -13.03 8.17
C ASN B 385 11.48 -11.56 8.30
N GLN B 386 12.57 -11.16 7.65
CA GLN B 386 12.98 -9.76 7.71
C GLN B 386 11.92 -8.84 7.09
N ARG B 387 11.33 -9.26 5.96
CA ARG B 387 10.29 -8.44 5.35
C ARG B 387 9.08 -8.30 6.27
N TYR B 388 8.70 -9.39 6.93
CA TYR B 388 7.58 -9.33 7.87
C TYR B 388 7.88 -8.34 9.01
N ASN B 389 9.09 -8.42 9.56
CA ASN B 389 9.46 -7.51 10.64
C ASN B 389 9.42 -6.06 10.18
N GLN B 390 9.89 -5.79 8.96
CA GLN B 390 9.83 -4.44 8.43
C GLN B 390 8.38 -3.98 8.28
N LEU B 391 7.50 -4.86 7.78
CA LEU B 391 6.12 -4.47 7.55
C LEU B 391 5.39 -4.14 8.84
N TYR B 392 5.57 -4.96 9.88
CA TYR B 392 4.78 -4.78 11.09
C TYR B 392 5.48 -4.03 12.19
N GLY B 393 6.80 -3.94 12.17
CA GLY B 393 7.50 -3.21 13.20
C GLY B 393 8.05 -4.11 14.29
N LEU B 394 9.15 -3.68 14.89
CA LEU B 394 9.82 -4.52 15.89
C LEU B 394 9.06 -4.54 17.21
N ALA B 395 8.58 -3.39 17.66
CA ALA B 395 7.87 -3.27 18.94
C ALA B 395 6.38 -3.23 18.64
N ARG B 396 5.76 -4.41 18.61
CA ARG B 396 4.35 -4.54 18.27
C ARG B 396 3.64 -5.36 19.34
N THR B 397 2.33 -5.14 19.45
CA THR B 397 1.50 -5.83 20.42
C THR B 397 0.20 -6.25 19.74
N GLN B 398 -0.20 -7.51 19.97
CA GLN B 398 -1.40 -8.03 19.33
C GLN B 398 -2.64 -7.26 19.76
N ALA B 399 -2.75 -6.95 21.05
CA ALA B 399 -3.93 -6.30 21.57
C ALA B 399 -4.15 -4.95 20.90
N GLU B 400 -3.10 -4.14 20.79
CA GLU B 400 -3.23 -2.83 20.15
C GLU B 400 -3.56 -2.98 18.67
N LEU B 401 -2.92 -3.94 17.99
CA LEU B 401 -3.14 -4.13 16.57
C LEU B 401 -4.59 -4.49 16.27
N LEU B 402 -5.17 -5.41 17.04
CA LEU B 402 -6.57 -5.76 16.83
C LEU B 402 -7.53 -4.72 17.37
N GLY B 403 -7.14 -3.95 18.38
CA GLY B 403 -8.01 -2.88 18.86
C GLY B 403 -8.15 -1.76 17.84
N ASN B 404 -7.06 -1.42 17.16
CA ASN B 404 -7.14 -0.33 16.19
C ASN B 404 -8.01 -0.67 14.99
N LEU B 405 -8.13 -1.96 14.63
CA LEU B 405 -8.91 -2.33 13.45
C LEU B 405 -10.39 -2.06 13.65
N GLY B 406 -10.93 -2.37 14.83
CA GLY B 406 -12.33 -2.16 15.10
C GLY B 406 -13.23 -3.26 14.59
N LYS B 407 -14.22 -2.91 13.78
CA LYS B 407 -15.17 -3.88 13.25
C LYS B 407 -14.79 -4.40 11.87
N GLU B 408 -13.66 -3.96 11.32
CA GLU B 408 -13.24 -4.42 10.00
C GLU B 408 -12.60 -5.81 10.12
N VAL B 409 -12.92 -6.67 9.15
CA VAL B 409 -12.43 -8.04 9.14
C VAL B 409 -11.44 -8.29 8.03
N ASN B 410 -11.05 -7.27 7.28
CA ASN B 410 -10.09 -7.40 6.19
C ASN B 410 -8.84 -6.60 6.51
N ASP B 411 -7.69 -7.24 6.39
CA ASP B 411 -6.40 -6.59 6.66
C ASP B 411 -5.63 -6.49 5.34
N LEU B 412 -5.25 -5.27 4.98
CA LEU B 412 -4.53 -5.05 3.73
C LEU B 412 -3.08 -5.49 3.81
N ARG B 413 -2.47 -5.39 4.99
CA ARG B 413 -1.06 -5.74 5.12
C ARG B 413 -0.83 -7.22 4.86
N LEU B 414 -1.78 -8.08 5.25
CA LEU B 414 -1.67 -9.49 4.92
C LEU B 414 -1.71 -9.71 3.42
N GLU B 415 -2.59 -8.99 2.72
CA GLU B 415 -2.64 -9.09 1.26
C GLU B 415 -1.33 -8.64 0.64
N THR B 416 -0.74 -7.57 1.14
CA THR B 416 0.55 -7.12 0.63
C THR B 416 1.63 -8.17 0.89
N PHE B 417 1.62 -8.77 2.07
CA PHE B 417 2.65 -9.74 2.43
C PHE B 417 2.52 -11.03 1.61
N THR B 418 1.30 -11.40 1.23
CA THR B 418 1.10 -12.67 0.54
C THR B 418 1.79 -12.70 -0.82
N GLU B 419 1.79 -11.56 -1.52
CA GLU B 419 2.40 -11.52 -2.85
C GLU B 419 3.91 -11.71 -2.79
N PHE B 420 4.54 -11.27 -1.71
CA PHE B 420 5.99 -11.36 -1.59
C PHE B 420 6.46 -12.82 -1.62
N ILE B 421 5.75 -13.70 -0.92
CA ILE B 421 6.13 -15.11 -0.90
C ILE B 421 5.95 -15.73 -2.28
N ARG B 422 4.87 -15.39 -2.96
CA ARG B 422 4.66 -15.89 -4.31
C ARG B 422 5.78 -15.46 -5.25
N LEU B 423 6.24 -14.23 -5.11
CA LEU B 423 7.35 -13.77 -5.93
C LEU B 423 8.66 -14.46 -5.55
N GLU B 424 8.83 -14.75 -4.26
CA GLU B 424 10.08 -15.36 -3.80
C GLU B 424 10.21 -16.81 -4.23
N THR B 425 9.10 -17.54 -4.29
CA THR B 425 9.17 -18.96 -4.62
C THR B 425 9.75 -19.20 -6.01
N ILE B 426 9.40 -18.35 -6.97
CA ILE B 426 9.91 -18.50 -8.34
C ILE B 426 11.42 -18.34 -8.36
N LEU B 427 11.94 -17.33 -7.65
CA LEU B 427 13.38 -17.14 -7.60
C LEU B 427 14.06 -18.32 -6.92
N VAL B 428 13.44 -18.87 -5.88
CA VAL B 428 14.02 -20.03 -5.20
C VAL B 428 14.15 -21.20 -6.18
N ASN B 429 13.08 -21.47 -6.93
CA ASN B 429 13.11 -22.58 -7.87
C ASN B 429 14.16 -22.37 -8.95
N THR B 430 14.24 -21.14 -9.48
CA THR B 430 15.22 -20.86 -10.53
C THR B 430 16.64 -21.05 -10.02
N ARG B 431 16.92 -20.55 -8.81
CA ARG B 431 18.26 -20.70 -8.25
C ARG B 431 18.61 -22.16 -8.02
N ILE B 432 17.66 -22.94 -7.52
CA ILE B 432 17.93 -24.36 -7.27
C ILE B 432 18.25 -25.07 -8.57
N ILE B 433 17.46 -24.82 -9.61
CA ILE B 433 17.68 -25.52 -10.88
C ILE B 433 19.03 -25.12 -11.48
N GLU B 434 19.36 -23.83 -11.44
CA GLU B 434 20.65 -23.39 -12.00
C GLU B 434 21.81 -23.99 -11.22
N GLU B 435 21.68 -24.08 -9.89
CA GLU B 435 22.72 -24.70 -9.09
C GLU B 435 22.89 -26.17 -9.44
N HIS B 436 21.78 -26.88 -9.66
CA HIS B 436 21.88 -28.28 -10.07
C HIS B 436 22.62 -28.42 -11.40
N GLN B 437 22.30 -27.54 -12.36
CA GLN B 437 23.01 -27.58 -13.64
C GLN B 437 24.50 -27.31 -13.46
N ALA B 438 24.84 -26.34 -12.61
CA ALA B 438 26.25 -26.04 -12.36
C ALA B 438 26.97 -27.22 -11.75
N ILE B 439 26.33 -27.90 -10.79
CA ILE B 439 26.92 -29.09 -10.19
C ILE B 439 27.13 -30.17 -11.24
N GLY B 440 26.13 -30.39 -12.10
CA GLY B 440 26.26 -31.42 -13.11
C GLY B 440 27.35 -31.13 -14.13
N SER B 441 27.56 -29.86 -14.45
CA SER B 441 28.54 -29.52 -15.48
C SER B 441 29.97 -29.90 -15.08
N LYS B 442 30.34 -29.69 -13.82
CA LYS B 442 31.73 -29.88 -13.42
C LYS B 442 32.18 -31.33 -13.52
N LYS B 443 31.28 -32.29 -13.25
CA LYS B 443 31.67 -33.69 -13.25
C LYS B 443 32.17 -34.14 -14.62
N LYS B 444 31.59 -33.60 -15.69
CA LYS B 444 32.01 -34.00 -17.03
C LYS B 444 33.45 -33.60 -17.33
N GLU B 445 33.92 -32.53 -16.70
CA GLU B 445 35.29 -32.08 -16.95
C GLU B 445 36.32 -32.96 -16.27
N GLU B 446 36.04 -33.45 -15.06
CA GLU B 446 36.99 -34.27 -14.32
C GLU B 446 37.24 -35.62 -14.97
N VAL B 447 36.40 -36.05 -15.90
CA VAL B 447 36.59 -37.33 -16.56
C VAL B 447 37.42 -37.18 -17.83
N LYS B 448 37.22 -36.10 -18.59
CA LYS B 448 37.99 -35.90 -19.80
C LYS B 448 39.48 -35.77 -19.51
N ARG B 449 39.83 -34.99 -18.49
CA ARG B 449 41.24 -34.85 -18.13
C ARG B 449 41.79 -36.12 -17.53
N LEU B 450 40.93 -36.93 -16.89
CA LEU B 450 41.40 -38.17 -16.29
C LEU B 450 41.69 -39.24 -17.34
N LEU B 451 40.83 -39.33 -18.36
CA LEU B 451 41.03 -40.35 -19.39
C LEU B 451 42.27 -40.05 -20.23
N GLY B 452 42.50 -38.78 -20.58
CA GLY B 452 43.61 -38.40 -21.41
C GLY B 452 43.17 -37.92 -22.78
N PRO B 453 44.14 -37.48 -23.59
CA PRO B 453 43.82 -36.92 -24.91
C PRO B 453 43.76 -37.93 -26.05
N ASN B 454 43.88 -39.23 -25.76
CA ASN B 454 43.88 -40.26 -26.80
C ASN B 454 42.51 -40.88 -27.01
N ALA B 455 41.48 -40.37 -26.35
CA ALA B 455 40.12 -40.87 -26.50
C ALA B 455 39.19 -39.76 -26.99
N LEU B 456 38.41 -40.06 -28.01
CA LEU B 456 37.49 -39.09 -28.58
C LEU B 456 36.23 -38.99 -27.73
N ASP B 457 35.57 -37.84 -27.82
CA ASP B 457 34.37 -37.57 -27.05
C ASP B 457 33.22 -37.25 -28.00
N LEU B 458 32.07 -37.87 -27.76
CA LEU B 458 30.90 -37.65 -28.60
C LEU B 458 30.24 -36.30 -28.33
N GLY B 459 30.55 -35.65 -27.22
CA GLY B 459 29.99 -34.35 -26.93
C GLY B 459 28.59 -34.36 -26.33
N ASN B 460 28.05 -35.52 -26.01
CA ASN B 460 26.72 -35.61 -25.42
C ASN B 460 26.75 -36.41 -24.12
N GLY B 461 27.89 -36.43 -23.44
CA GLY B 461 28.04 -37.14 -22.20
C GLY B 461 28.50 -38.58 -22.33
N CYS B 462 28.62 -39.10 -23.54
CA CYS B 462 29.07 -40.47 -23.78
C CYS B 462 30.44 -40.43 -24.42
N PHE B 463 31.38 -41.16 -23.83
CA PHE B 463 32.74 -41.28 -24.34
C PHE B 463 32.84 -42.56 -25.15
N ASN B 464 33.97 -42.77 -25.81
CA ASN B 464 34.12 -43.95 -26.65
C ASN B 464 35.59 -44.31 -26.69
N LEU B 465 35.93 -45.46 -26.10
CA LEU B 465 37.31 -45.76 -25.74
C LEU B 465 37.97 -46.68 -26.76
N THR B 466 39.30 -46.60 -26.81
CA THR B 466 40.08 -47.32 -27.82
C THR B 466 40.11 -48.82 -27.58
N HIS B 467 39.88 -49.28 -26.36
CA HIS B 467 39.91 -50.70 -26.03
C HIS B 467 38.58 -51.12 -25.43
N THR B 468 38.49 -52.39 -25.04
CA THR B 468 37.31 -52.91 -24.38
C THR B 468 37.33 -52.54 -22.90
N CYS B 469 36.17 -52.16 -22.37
CA CYS B 469 36.06 -51.65 -21.01
C CYS B 469 34.96 -52.44 -20.31
N ASP B 470 35.36 -53.35 -19.42
CA ASP B 470 34.42 -54.26 -18.77
C ASP B 470 33.87 -53.65 -17.49
N SER B 471 33.20 -54.49 -16.69
CA SER B 471 32.57 -54.01 -15.47
C SER B 471 33.57 -53.47 -14.47
N ASN B 472 34.72 -54.13 -14.31
CA ASN B 472 35.76 -53.60 -13.44
C ASN B 472 36.29 -52.28 -13.97
N CYS B 473 36.49 -52.20 -15.30
CA CYS B 473 36.79 -50.93 -15.94
C CYS B 473 35.78 -49.85 -15.58
N VAL B 474 34.50 -50.21 -15.51
CA VAL B 474 33.47 -49.23 -15.22
C VAL B 474 33.55 -48.78 -13.76
N ASN B 475 33.59 -49.73 -12.83
CA ASN B 475 33.49 -49.36 -11.42
C ASN B 475 34.78 -48.76 -10.88
N SER B 476 35.92 -49.03 -11.51
CA SER B 476 37.16 -48.40 -11.06
C SER B 476 37.11 -46.89 -11.26
N ILE B 477 36.40 -46.42 -12.28
CA ILE B 477 36.26 -44.99 -12.52
C ILE B 477 35.47 -44.34 -11.39
N SER B 478 34.49 -45.06 -10.84
CA SER B 478 33.60 -44.48 -9.84
C SER B 478 34.38 -44.00 -8.62
N ARG B 479 35.31 -44.80 -8.13
CA ARG B 479 36.15 -44.37 -7.02
C ARG B 479 37.32 -43.51 -7.47
N GLY B 480 37.53 -43.35 -8.77
CA GLY B 480 38.59 -42.49 -9.27
C GLY B 480 39.98 -43.10 -9.25
N THR B 481 40.12 -44.36 -8.85
CA THR B 481 41.41 -45.03 -8.83
C THR B 481 41.80 -45.63 -10.17
N TYR B 482 41.18 -45.17 -11.26
CA TYR B 482 41.45 -45.74 -12.56
C TYR B 482 42.87 -45.43 -13.02
N THR B 483 43.48 -46.39 -13.70
CA THR B 483 44.80 -46.22 -14.30
C THR B 483 44.77 -46.74 -15.73
N ARG B 484 45.65 -46.20 -16.56
CA ARG B 484 45.65 -46.52 -17.99
C ARG B 484 46.65 -47.61 -18.36
N GLU B 485 47.57 -47.96 -17.44
CA GLU B 485 48.67 -48.85 -17.80
C GLU B 485 48.18 -50.24 -18.18
N ASN B 486 47.21 -50.78 -17.45
CA ASN B 486 46.82 -52.18 -17.63
C ASN B 486 45.77 -52.38 -18.71
N TYR B 487 45.30 -51.31 -19.35
CA TYR B 487 44.24 -51.41 -20.34
C TYR B 487 44.70 -51.05 -21.76
N ILE B 488 46.00 -50.90 -21.96
CA ILE B 488 46.51 -50.44 -23.26
C ILE B 488 46.31 -51.50 -24.34
N HIS B 489 46.29 -52.78 -23.96
CA HIS B 489 46.29 -53.86 -24.94
C HIS B 489 45.09 -53.78 -25.87
N ASN B 490 45.32 -54.17 -27.13
CA ASN B 490 44.31 -54.21 -28.19
C ASN B 490 43.82 -52.82 -28.58
N VAL B 491 43.34 -52.68 -29.81
CA VAL B 491 42.89 -51.40 -30.35
C VAL B 491 41.58 -51.63 -31.08
N THR B 492 40.59 -50.78 -30.83
CA THR B 492 39.29 -50.87 -31.49
C THR B 492 38.64 -49.50 -31.50
N LEU B 493 37.82 -49.26 -32.51
CA LEU B 493 37.04 -48.02 -32.60
C LEU B 493 35.58 -48.31 -32.92
N ASN C 1 53.55 -21.03 -33.51
CA ASN C 1 53.02 -21.84 -32.43
C ASN C 1 51.51 -21.67 -32.31
N GLN C 2 51.05 -21.08 -31.22
CA GLN C 2 49.64 -20.82 -30.99
C GLN C 2 49.46 -19.51 -30.23
N ILE C 3 48.27 -18.94 -30.35
CA ILE C 3 47.93 -17.68 -29.70
C ILE C 3 46.61 -17.83 -28.97
N CYS C 4 46.39 -16.95 -28.00
CA CYS C 4 45.16 -16.95 -27.22
C CYS C 4 44.77 -15.52 -26.90
N ILE C 5 43.47 -15.33 -26.61
CA ILE C 5 42.90 -14.04 -26.28
C ILE C 5 42.06 -14.20 -25.03
N GLY C 6 41.88 -13.09 -24.31
CA GLY C 6 41.03 -13.16 -23.12
C GLY C 6 41.16 -11.92 -22.25
N LYS C 7 40.93 -12.12 -20.95
CA LYS C 7 40.97 -11.06 -19.97
C LYS C 7 42.29 -11.07 -19.22
N ALA C 8 42.43 -10.15 -18.28
CA ALA C 8 43.61 -10.04 -17.43
C ALA C 8 43.24 -10.38 -16.00
N ILE C 9 44.05 -11.22 -15.37
CA ILE C 9 43.75 -11.71 -14.02
C ILE C 9 44.04 -10.62 -13.01
N LYS C 10 43.07 -10.36 -12.13
CA LYS C 10 43.20 -9.42 -11.04
C LYS C 10 42.59 -10.04 -9.78
N PRO C 11 43.03 -9.61 -8.60
CA PRO C 11 42.48 -10.18 -7.37
C PRO C 11 41.00 -9.88 -7.20
N ILE C 12 40.30 -10.82 -6.56
CA ILE C 12 38.86 -10.71 -6.35
C ILE C 12 38.60 -9.74 -5.21
N ASN C 13 37.53 -8.95 -5.34
CA ASN C 13 37.17 -7.97 -4.33
C ASN C 13 35.90 -8.32 -3.58
N GLY C 14 34.83 -8.69 -4.28
CA GLY C 14 33.59 -8.94 -3.57
C GLY C 14 32.62 -9.75 -4.39
N THR C 15 31.38 -9.80 -3.90
CA THR C 15 30.31 -10.54 -4.57
C THR C 15 29.07 -9.67 -4.69
N VAL C 16 28.32 -9.89 -5.77
CA VAL C 16 27.08 -9.18 -6.03
C VAL C 16 26.00 -10.21 -6.33
N GLU C 17 24.74 -9.75 -6.30
CA GLU C 17 23.57 -10.60 -6.42
C GLU C 17 22.86 -10.33 -7.73
N THR C 18 22.58 -11.38 -8.48
CA THR C 18 21.83 -11.30 -9.73
C THR C 18 20.54 -12.10 -9.60
N VAL C 19 19.82 -12.24 -10.73
CA VAL C 19 18.53 -12.91 -10.71
C VAL C 19 18.69 -14.38 -10.35
N SER C 20 19.67 -15.06 -10.94
CA SER C 20 19.75 -16.51 -10.84
C SER C 20 20.94 -17.02 -10.03
N ARG C 21 21.88 -16.17 -9.64
CA ARG C 21 23.05 -16.64 -8.93
C ARG C 21 23.75 -15.45 -8.27
N MET C 22 24.84 -15.76 -7.56
CA MET C 22 25.71 -14.76 -6.97
C MET C 22 27.02 -14.75 -7.74
N ALA C 23 27.49 -13.56 -8.10
CA ALA C 23 28.67 -13.42 -8.94
C ALA C 23 29.81 -12.81 -8.15
N LYS C 24 31.04 -13.16 -8.53
CA LYS C 24 32.25 -12.65 -7.92
C LYS C 24 32.86 -11.59 -8.84
N VAL C 25 33.09 -10.40 -8.30
CA VAL C 25 33.53 -9.26 -9.08
C VAL C 25 34.77 -8.65 -8.43
N THR C 26 35.53 -7.93 -9.25
CA THR C 26 36.77 -7.29 -8.84
C THR C 26 36.57 -5.85 -8.37
N GLY C 27 35.34 -5.35 -8.33
CA GLY C 27 35.09 -4.00 -7.89
C GLY C 27 33.62 -3.65 -7.83
N MET C 28 33.23 -2.91 -6.80
CA MET C 28 31.84 -2.52 -6.63
C MET C 28 31.78 -1.22 -5.84
N LYS C 29 30.63 -0.56 -5.90
CA LYS C 29 30.42 0.69 -5.19
C LYS C 29 28.99 0.72 -4.67
N LYS C 30 28.59 1.87 -4.13
CA LYS C 30 27.27 2.03 -3.52
C LYS C 30 26.51 3.14 -4.21
N VAL C 31 25.20 3.18 -3.98
CA VAL C 31 24.31 4.09 -4.69
C VAL C 31 24.00 5.32 -3.85
N GLY C 32 24.04 5.17 -2.52
CA GLY C 32 23.64 6.23 -1.62
C GLY C 32 24.80 6.98 -1.00
N GLY C 33 24.51 8.20 -0.56
CA GLY C 33 25.48 9.02 0.14
C GLY C 33 25.21 9.02 1.63
N GLU C 34 26.28 9.16 2.41
CA GLU C 34 26.19 9.08 3.87
C GLU C 34 26.29 10.45 4.51
N ARG C 35 25.74 10.55 5.72
CA ARG C 35 25.73 11.81 6.44
C ARG C 35 27.10 12.15 7.00
N MET C 36 27.35 13.44 7.19
CA MET C 36 28.58 13.92 7.80
C MET C 36 28.38 14.06 9.31
N GLN C 37 29.36 14.68 9.98
CA GLN C 37 29.30 14.88 11.42
C GLN C 37 29.10 16.34 11.81
N LYS C 38 28.82 17.21 10.86
CA LYS C 38 28.68 18.64 11.13
C LYS C 38 27.81 19.25 10.04
N ILE C 39 27.67 20.57 10.07
CA ILE C 39 26.91 21.32 9.08
C ILE C 39 27.84 22.33 8.42
N CYS C 40 27.89 22.31 7.09
CA CYS C 40 28.71 23.21 6.31
C CYS C 40 27.86 24.40 5.90
N ALA C 41 28.13 25.57 6.49
CA ALA C 41 27.28 26.75 6.31
C ALA C 41 28.12 27.97 5.98
N LYS C 42 29.05 27.81 5.05
CA LYS C 42 29.81 28.96 4.57
C LYS C 42 28.96 29.78 3.61
N GLY C 43 29.01 31.11 3.77
CA GLY C 43 28.18 31.98 2.97
C GLY C 43 26.69 31.84 3.24
N GLU C 44 26.31 31.74 4.51
CA GLU C 44 24.91 31.61 4.89
C GLU C 44 24.65 32.48 6.12
N GLN C 45 23.37 32.70 6.39
CA GLN C 45 22.95 33.48 7.55
C GLN C 45 22.19 32.60 8.53
N ILE C 46 22.39 32.86 9.82
CA ILE C 46 21.76 32.10 10.89
C ILE C 46 20.96 33.06 11.75
N HIS C 47 19.71 32.71 12.03
CA HIS C 47 18.82 33.50 12.86
C HIS C 47 18.66 32.83 14.21
N ASP C 48 18.81 33.59 15.28
CA ASP C 48 18.69 33.05 16.64
C ASP C 48 18.06 34.10 17.52
N SER C 49 16.89 33.79 18.08
CA SER C 49 16.19 34.65 19.01
C SER C 49 15.65 33.83 20.19
N SER C 50 16.46 32.89 20.66
CA SER C 50 16.03 31.98 21.72
C SER C 50 15.92 32.64 23.07
N SER C 51 16.37 33.89 23.21
CA SER C 51 16.39 34.54 24.51
C SER C 51 15.23 35.51 24.73
N ALA C 52 14.52 35.90 23.69
CA ALA C 52 13.49 36.91 23.89
C ALA C 52 12.11 36.51 23.39
N CYS C 53 12.03 35.80 22.27
CA CYS C 53 10.76 35.52 21.63
C CYS C 53 10.22 34.16 22.01
N GLY C 54 8.99 33.91 21.57
CA GLY C 54 8.39 32.59 21.61
C GLY C 54 7.69 32.30 20.30
N ILE C 55 7.14 31.09 20.20
CA ILE C 55 6.48 30.69 18.96
C ILE C 55 5.24 31.54 18.72
N VAL C 56 4.43 31.76 19.77
CA VAL C 56 3.20 32.54 19.62
C VAL C 56 3.52 34.00 19.34
N SER C 57 4.58 34.52 19.95
CA SER C 57 4.90 35.94 19.79
C SER C 57 5.19 36.30 18.35
N HIS C 58 5.69 35.36 17.55
CA HIS C 58 6.01 35.66 16.16
C HIS C 58 4.75 35.88 15.33
N HIS C 59 3.69 35.13 15.61
CA HIS C 59 2.46 35.25 14.83
C HIS C 59 1.77 36.58 15.07
N LEU C 60 1.82 37.09 16.30
CA LEU C 60 1.08 38.28 16.68
C LEU C 60 1.87 39.57 16.49
N LYS C 61 3.08 39.50 15.93
CA LYS C 61 3.90 40.67 15.66
C LYS C 61 4.19 41.46 16.94
N GLN C 62 4.81 40.77 17.90
CA GLN C 62 5.29 41.44 19.09
C GLN C 62 6.46 42.34 18.74
N GLU C 63 6.77 43.27 19.64
CA GLU C 63 7.83 44.24 19.39
C GLU C 63 9.19 43.55 19.36
N GLY C 64 9.72 43.35 18.16
CA GLY C 64 11.03 42.75 18.01
C GLY C 64 11.04 41.29 17.61
N CYS C 65 9.89 40.70 17.29
CA CYS C 65 9.79 39.27 16.97
C CYS C 65 8.99 39.20 15.67
N ASP C 66 9.67 39.31 14.53
CA ASP C 66 8.99 39.51 13.24
C ASP C 66 9.62 38.66 12.14
N PHE C 67 9.86 37.37 12.41
CA PHE C 67 10.40 36.50 11.37
C PHE C 67 9.51 36.40 10.13
N PRO C 68 8.21 36.16 10.22
CA PRO C 68 7.41 35.94 9.02
C PRO C 68 7.08 37.19 8.21
N PHE C 69 7.74 38.31 8.47
CA PHE C 69 7.51 39.55 7.73
C PHE C 69 8.83 40.15 7.29
N LEU C 70 9.70 39.33 6.73
CA LEU C 70 11.02 39.75 6.27
C LEU C 70 11.13 39.55 4.76
N LEU C 71 11.91 40.43 4.11
CA LEU C 71 12.13 40.29 2.68
C LEU C 71 13.07 39.11 2.38
N ASN C 72 14.15 38.99 3.14
CA ASN C 72 15.10 37.90 2.99
C ASN C 72 15.09 37.05 4.25
N LYS C 73 14.83 35.75 4.09
CA LYS C 73 14.67 34.86 5.22
C LYS C 73 15.82 33.85 5.25
N PRO C 74 16.58 33.78 6.35
CA PRO C 74 17.65 32.78 6.43
C PRO C 74 17.10 31.37 6.49
N LYS C 75 17.96 30.42 6.13
CA LYS C 75 17.57 29.02 6.05
C LYS C 75 17.80 28.25 7.35
N PHE C 76 18.30 28.90 8.40
CA PHE C 76 18.48 28.28 9.69
C PHE C 76 17.88 29.19 10.76
N ALA C 77 17.07 28.62 11.65
CA ALA C 77 16.37 29.42 12.64
C ALA C 77 16.23 28.62 13.93
N THR C 78 16.11 29.35 15.05
CA THR C 78 15.92 28.77 16.36
C THR C 78 15.20 29.77 17.24
N THR C 79 14.30 29.28 18.09
CA THR C 79 13.54 30.14 18.98
C THR C 79 13.20 29.38 20.25
N GLY C 80 12.46 30.03 21.15
CA GLY C 80 12.14 29.46 22.43
C GLY C 80 11.08 28.38 22.34
N PRO C 81 10.78 27.78 23.49
CA PRO C 81 9.81 26.68 23.52
C PRO C 81 8.39 27.18 23.37
N MET C 82 7.47 26.21 23.25
CA MET C 82 6.08 26.53 22.95
C MET C 82 5.39 27.25 24.11
N ASN C 83 5.73 26.90 25.35
CA ASN C 83 5.05 27.45 26.53
C ASN C 83 5.74 28.69 27.07
N THR C 84 6.40 29.47 26.21
CA THR C 84 7.02 30.72 26.64
C THR C 84 5.98 31.82 26.75
N SER C 85 6.09 32.62 27.81
CA SER C 85 5.12 33.68 28.04
C SER C 85 5.34 34.84 27.08
N THR C 86 4.34 35.71 26.99
CA THR C 86 4.39 36.93 26.20
C THR C 86 4.24 38.13 27.12
N THR C 87 4.13 39.31 26.51
CA THR C 87 3.93 40.55 27.26
C THR C 87 2.56 41.15 27.07
N GLY C 88 1.61 40.38 26.51
CA GLY C 88 0.27 40.89 26.28
C GLY C 88 -0.79 40.14 27.06
N PHE C 89 -1.60 39.35 26.36
CA PHE C 89 -2.69 38.62 26.97
C PHE C 89 -2.21 37.28 27.51
N ASN C 90 -3.13 36.51 28.07
CA ASN C 90 -2.93 35.08 28.30
C ASN C 90 -3.55 34.33 27.12
N PHE C 91 -3.00 33.16 26.81
CA PHE C 91 -3.43 32.47 25.61
C PHE C 91 -3.69 30.99 25.87
N TYR C 92 -4.55 30.40 25.04
CA TYR C 92 -4.87 28.98 25.08
C TYR C 92 -5.00 28.44 23.68
N LEU C 93 -4.44 27.25 23.47
CA LEU C 93 -4.38 26.61 22.15
C LEU C 93 -4.92 25.19 22.26
N THR C 94 -5.46 24.70 21.15
CA THR C 94 -5.90 23.31 21.07
C THR C 94 -4.77 22.45 20.52
N GLU C 95 -5.05 21.17 20.27
CA GLU C 95 -4.01 20.27 19.80
C GLU C 95 -3.64 20.54 18.35
N LYS C 96 -4.64 20.74 17.50
CA LYS C 96 -4.38 21.02 16.09
C LYS C 96 -3.61 22.33 15.93
N ALA C 97 -3.96 23.34 16.74
CA ALA C 97 -3.24 24.60 16.69
C ALA C 97 -1.77 24.40 17.04
N LYS C 98 -1.48 23.60 18.07
CA LYS C 98 -0.09 23.31 18.41
C LYS C 98 0.63 22.62 17.27
N SER C 99 -0.02 21.59 16.70
CA SER C 99 0.61 20.83 15.64
C SER C 99 0.93 21.70 14.43
N TRP C 100 0.04 22.64 14.11
CA TRP C 100 0.29 23.46 12.92
C TRP C 100 1.22 24.63 13.21
N MET C 101 1.20 25.19 14.43
CA MET C 101 2.14 26.24 14.76
C MET C 101 3.54 25.74 14.98
N ASN C 102 3.73 24.43 15.17
CA ASN C 102 5.09 23.90 15.16
C ASN C 102 5.77 24.14 13.81
N ILE C 103 5.01 24.40 12.75
CA ILE C 103 5.54 24.54 11.41
C ILE C 103 5.35 25.94 10.86
N THR C 104 4.16 26.53 11.03
CA THR C 104 3.77 27.71 10.27
C THR C 104 4.57 28.96 10.61
N TRP C 105 5.35 28.96 11.69
CA TRP C 105 6.04 30.19 12.06
C TRP C 105 7.33 30.41 11.28
N ARG C 106 7.76 29.47 10.45
CA ARG C 106 9.06 29.57 9.79
C ARG C 106 8.96 29.19 8.32
N VAL C 107 7.88 29.59 7.66
CA VAL C 107 7.73 29.32 6.24
C VAL C 107 8.58 30.32 5.44
N LEU C 108 9.02 29.89 4.26
CA LEU C 108 9.95 30.68 3.45
C LEU C 108 9.29 31.37 2.26
N GLY C 109 7.97 31.35 2.18
CA GLY C 109 7.26 31.92 1.06
C GLY C 109 6.75 33.32 1.33
N GLU C 110 5.58 33.63 0.78
CA GLU C 110 4.93 34.92 0.96
C GLU C 110 3.60 34.71 1.68
N ASN C 111 3.22 35.71 2.48
CA ASN C 111 1.99 35.66 3.24
C ASN C 111 1.05 36.77 2.78
N LYS C 112 -0.24 36.49 2.83
CA LYS C 112 -1.25 37.40 2.29
C LYS C 112 -2.07 38.03 3.41
N ASP C 113 -2.50 39.27 3.21
CA ASP C 113 -3.23 40.03 4.21
C ASP C 113 -4.57 40.49 3.65
N PHE C 114 -5.60 40.45 4.49
CA PHE C 114 -6.93 40.90 4.08
C PHE C 114 -7.64 41.68 5.18
N GLY C 115 -6.89 42.37 6.03
CA GLY C 115 -7.52 43.13 7.10
C GLY C 115 -8.33 44.32 6.61
N ASP C 116 -7.89 44.96 5.53
CA ASP C 116 -8.58 46.16 5.04
C ASP C 116 -9.99 45.84 4.59
N ASN C 117 -10.20 44.66 4.01
CA ASN C 117 -11.55 44.26 3.62
C ASN C 117 -12.47 44.19 4.82
N LEU C 118 -12.01 43.58 5.91
CA LEU C 118 -12.81 43.52 7.12
C LEU C 118 -13.07 44.92 7.67
N VAL C 119 -12.05 45.77 7.66
CA VAL C 119 -12.22 47.13 8.20
C VAL C 119 -13.27 47.89 7.40
N GLU C 120 -13.21 47.81 6.08
CA GLU C 120 -14.17 48.52 5.24
C GLU C 120 -15.55 47.88 5.24
N LYS C 121 -15.66 46.60 5.62
CA LYS C 121 -16.96 45.97 5.67
C LYS C 121 -17.69 46.21 6.99
N TYR C 122 -16.99 46.12 8.12
CA TYR C 122 -17.64 46.18 9.42
C TYR C 122 -17.16 47.31 10.32
N GLY C 123 -16.28 48.17 9.84
CA GLY C 123 -15.85 49.30 10.64
C GLY C 123 -14.59 49.03 11.44
N GLU C 124 -14.34 49.92 12.38
CA GLU C 124 -13.12 49.85 13.18
C GLU C 124 -13.15 48.67 14.15
N SER C 125 -11.96 48.17 14.47
CA SER C 125 -11.82 47.06 15.40
C SER C 125 -11.95 47.54 16.84
N GLY C 126 -12.21 46.60 17.74
CA GLY C 126 -12.27 46.92 19.14
C GLY C 126 -10.91 47.30 19.70
N ALA C 127 -10.95 48.06 20.80
CA ALA C 127 -9.74 48.62 21.38
C ALA C 127 -9.63 48.23 22.85
N THR C 128 -8.41 47.90 23.28
CA THR C 128 -8.12 47.60 24.66
C THR C 128 -6.70 48.06 24.97
N SER C 129 -6.45 48.33 26.25
CA SER C 129 -5.16 48.85 26.67
C SER C 129 -4.15 47.78 27.04
N GLU C 130 -4.54 46.51 27.07
CA GLU C 130 -3.64 45.43 27.43
C GLU C 130 -2.90 44.85 26.23
N GLY C 131 -3.14 45.36 25.03
CA GLY C 131 -2.48 44.86 23.84
C GLY C 131 -1.74 45.93 23.08
N ALA C 132 -1.08 46.84 23.81
CA ALA C 132 -0.40 47.96 23.16
C ALA C 132 0.80 47.49 22.34
N THR C 133 1.41 46.35 22.71
CA THR C 133 2.60 45.87 22.04
C THR C 133 2.31 44.85 20.93
N LEU C 134 1.04 44.58 20.64
CA LEU C 134 0.66 43.64 19.61
C LEU C 134 -0.12 44.37 18.51
N LYS C 135 -0.02 43.86 17.29
CA LYS C 135 -0.58 44.58 16.15
C LYS C 135 -1.49 43.71 15.27
N ASN C 136 -1.23 42.42 15.20
CA ASN C 136 -1.85 41.55 14.20
C ASN C 136 -3.05 40.82 14.80
N TYR C 137 -4.17 41.53 14.92
CA TYR C 137 -5.43 40.91 15.31
C TYR C 137 -6.57 41.87 15.00
N TYR C 138 -7.77 41.30 14.90
CA TYR C 138 -8.99 42.06 14.63
C TYR C 138 -10.09 41.59 15.57
N TRP C 139 -10.71 42.54 16.27
CA TRP C 139 -11.73 42.25 17.27
C TRP C 139 -13.06 42.82 16.79
N TYR C 140 -14.08 41.96 16.73
CA TYR C 140 -15.38 42.33 16.18
C TYR C 140 -16.34 42.67 17.32
N VAL C 141 -16.63 43.95 17.49
CA VAL C 141 -17.57 44.41 18.52
C VAL C 141 -18.56 45.39 17.89
N PRO C 142 -19.71 44.93 17.42
CA PRO C 142 -20.67 45.84 16.78
C PRO C 142 -21.43 46.65 17.82
N THR C 143 -22.24 47.60 17.32
CA THR C 143 -23.02 48.44 18.20
C THR C 143 -24.22 47.70 18.79
N ALA C 144 -24.90 46.91 17.98
CA ALA C 144 -26.04 46.12 18.42
C ALA C 144 -25.63 44.68 18.61
N LYS C 145 -25.87 44.13 19.81
CA LYS C 145 -25.40 42.80 20.15
C LYS C 145 -26.55 41.82 20.22
N PRO C 146 -26.33 40.55 19.85
CA PRO C 146 -25.08 39.99 19.34
C PRO C 146 -24.84 40.31 17.85
N GLY C 147 -25.90 40.26 17.05
CA GLY C 147 -25.81 40.57 15.64
C GLY C 147 -24.92 39.61 14.87
N PRO C 148 -25.34 38.37 14.74
CA PRO C 148 -24.53 37.39 13.99
C PRO C 148 -24.48 37.72 12.51
N VAL C 149 -23.35 37.38 11.89
CA VAL C 149 -23.14 37.57 10.45
C VAL C 149 -22.34 36.40 9.90
N VAL C 150 -22.28 36.35 8.57
CA VAL C 150 -21.49 35.36 7.85
C VAL C 150 -20.59 36.09 6.86
N TYR C 151 -19.30 35.79 6.91
CA TYR C 151 -18.30 36.46 6.08
C TYR C 151 -17.74 35.46 5.09
N GLU C 152 -17.79 35.80 3.80
CA GLU C 152 -17.34 34.94 2.72
C GLU C 152 -16.28 35.65 1.89
N LYS C 153 -15.26 34.89 1.48
CA LYS C 153 -14.20 35.49 0.69
C LYS C 153 -13.54 34.44 -0.21
N LEU C 154 -13.02 34.90 -1.33
CA LEU C 154 -12.28 34.06 -2.27
C LEU C 154 -10.80 34.11 -1.95
N ALA C 155 -10.18 32.94 -1.82
CA ALA C 155 -8.80 32.85 -1.38
C ALA C 155 -7.84 33.11 -2.54
N GLU C 156 -6.57 33.27 -2.19
CA GLU C 156 -5.50 33.52 -3.15
C GLU C 156 -4.45 32.43 -3.20
N CYS C 157 -4.04 31.89 -2.05
CA CYS C 157 -3.12 30.76 -2.04
C CYS C 157 -3.70 29.64 -1.19
N THR C 158 -2.91 28.60 -0.94
CA THR C 158 -3.31 27.48 -0.09
C THR C 158 -2.59 27.60 1.24
N GLY C 159 -3.34 27.55 2.33
CA GLY C 159 -2.73 27.71 3.63
C GLY C 159 -3.71 27.57 4.77
N THR C 160 -3.33 28.15 5.90
CA THR C 160 -3.99 27.97 7.18
C THR C 160 -4.37 29.33 7.77
N ILE C 161 -5.50 29.35 8.47
CA ILE C 161 -6.02 30.56 9.10
C ILE C 161 -6.40 30.23 10.54
N TYR C 162 -6.04 31.11 11.46
CA TYR C 162 -6.34 30.93 12.88
C TYR C 162 -7.47 31.85 13.32
N TYR C 163 -8.36 31.33 14.14
CA TYR C 163 -9.54 32.06 14.58
C TYR C 163 -9.94 31.58 15.97
N GLY C 164 -10.73 32.38 16.67
CA GLY C 164 -11.18 32.00 17.98
C GLY C 164 -11.87 33.11 18.75
N ALA C 165 -11.53 33.27 20.03
CA ALA C 165 -12.22 34.25 20.86
C ALA C 165 -11.23 34.93 21.80
N LEU C 166 -11.68 36.04 22.39
CA LEU C 166 -10.90 36.82 23.35
C LEU C 166 -11.84 37.34 24.42
N LEU C 167 -11.70 36.86 25.65
CA LEU C 167 -12.66 37.17 26.69
C LEU C 167 -11.94 37.33 28.02
N SER C 168 -12.62 37.99 28.96
CA SER C 168 -12.12 38.16 30.32
C SER C 168 -12.85 37.22 31.27
N ASP C 169 -12.25 37.00 32.44
CA ASP C 169 -12.78 36.06 33.41
C ASP C 169 -13.73 36.71 34.42
N ALA C 170 -14.02 38.00 34.28
CA ALA C 170 -14.96 38.67 35.14
C ALA C 170 -16.37 38.58 34.56
N GLU C 171 -17.35 38.32 35.43
CA GLU C 171 -18.72 38.15 34.96
C GLU C 171 -19.27 39.43 34.35
N ALA C 172 -19.01 40.58 35.00
CA ALA C 172 -19.54 41.84 34.50
C ALA C 172 -18.99 42.15 33.11
N GLY C 173 -17.69 41.95 32.91
CA GLY C 173 -17.11 42.19 31.59
C GLY C 173 -17.68 41.26 30.54
N TYR C 174 -17.89 39.99 30.89
CA TYR C 174 -18.47 39.03 29.95
C TYR C 174 -19.86 39.47 29.52
N ILE C 175 -20.70 39.86 30.48
CA ILE C 175 -22.05 40.28 30.13
C ILE C 175 -22.03 41.58 29.33
N ALA C 176 -21.11 42.49 29.67
CA ALA C 176 -21.06 43.76 28.95
C ALA C 176 -20.57 43.59 27.52
N VAL C 177 -19.68 42.62 27.28
CA VAL C 177 -19.11 42.45 25.95
C VAL C 177 -19.98 41.57 25.07
N THR C 178 -20.34 40.37 25.54
CA THR C 178 -21.04 39.42 24.68
C THR C 178 -22.51 39.79 24.50
N GLY C 179 -23.15 40.32 25.54
CA GLY C 179 -24.57 40.61 25.45
C GLY C 179 -25.46 39.39 25.52
N ARG C 180 -24.97 38.29 26.05
CA ARG C 180 -25.73 37.05 26.21
C ARG C 180 -25.99 36.79 27.69
N ASN C 181 -26.59 35.65 27.97
CA ASN C 181 -26.82 35.20 29.34
C ASN C 181 -25.76 34.17 29.72
N VAL C 182 -25.51 34.05 31.03
CA VAL C 182 -24.41 33.21 31.50
C VAL C 182 -24.71 31.74 31.23
N THR C 183 -25.95 31.31 31.40
CA THR C 183 -26.32 29.91 31.23
C THR C 183 -26.68 29.64 29.76
N GLU C 184 -25.67 29.75 28.91
CA GLU C 184 -25.84 29.54 27.49
C GLU C 184 -24.56 29.01 26.89
N ARG C 185 -24.68 28.38 25.72
CA ARG C 185 -23.54 27.86 24.98
C ARG C 185 -23.63 28.37 23.55
N TRP C 186 -22.53 28.89 23.03
CA TRP C 186 -22.53 29.41 21.66
C TRP C 186 -21.25 29.02 20.95
N ASP C 187 -21.35 28.88 19.62
CA ASP C 187 -20.28 28.28 18.83
C ASP C 187 -19.78 29.23 17.76
N VAL C 188 -18.55 28.97 17.33
CA VAL C 188 -17.96 29.60 16.15
C VAL C 188 -17.52 28.49 15.21
N ARG C 189 -17.93 28.58 13.95
CA ARG C 189 -17.72 27.53 12.97
C ARG C 189 -16.94 28.06 11.77
N PHE C 190 -16.09 27.21 11.21
CA PHE C 190 -15.29 27.53 10.03
C PHE C 190 -15.52 26.44 8.99
N THR C 191 -15.92 26.86 7.79
CA THR C 191 -16.12 25.93 6.67
C THR C 191 -15.25 26.36 5.51
N GLY C 192 -14.39 25.45 5.05
CA GLY C 192 -13.50 25.69 3.94
C GLY C 192 -13.29 24.42 3.15
N SER C 193 -12.02 24.06 2.92
CA SER C 193 -11.72 22.74 2.40
C SER C 193 -12.10 21.64 3.40
N SER C 194 -12.33 22.00 4.66
CA SER C 194 -12.80 21.08 5.69
C SER C 194 -13.75 21.84 6.60
N GLU C 195 -14.09 21.25 7.75
CA GLU C 195 -15.03 21.85 8.68
C GLU C 195 -14.45 21.81 10.09
N SER C 196 -14.69 22.86 10.86
CA SER C 196 -14.22 22.93 12.24
C SER C 196 -15.15 23.81 13.04
N SER C 197 -15.10 23.65 14.37
CA SER C 197 -15.95 24.43 15.25
C SER C 197 -15.35 24.49 16.64
N ILE C 198 -15.83 25.45 17.44
CA ILE C 198 -15.41 25.60 18.82
C ILE C 198 -16.58 26.22 19.60
N SER C 199 -16.63 25.94 20.91
CA SER C 199 -17.75 26.32 21.75
C SER C 199 -17.28 27.15 22.93
N PHE C 200 -18.19 27.99 23.45
CA PHE C 200 -17.90 28.86 24.58
C PHE C 200 -19.15 29.00 25.43
N SER C 201 -18.93 29.35 26.70
CA SER C 201 -20.00 29.58 27.66
C SER C 201 -19.53 30.63 28.66
N GLY C 202 -20.26 30.73 29.77
CA GLY C 202 -19.96 31.73 30.79
C GLY C 202 -18.72 31.38 31.59
N PRO C 203 -18.27 32.32 32.42
CA PRO C 203 -17.01 32.08 33.17
C PRO C 203 -17.12 30.97 34.20
N LYS C 204 -18.18 30.96 35.00
CA LYS C 204 -18.36 29.89 36.00
C LYS C 204 -19.20 28.75 35.44
N GLN C 205 -18.81 28.25 34.27
CA GLN C 205 -19.53 27.19 33.60
C GLN C 205 -18.57 26.40 32.73
N SER C 206 -19.02 25.24 32.27
CA SER C 206 -18.21 24.45 31.36
C SER C 206 -18.41 24.93 29.93
N PRO C 207 -17.37 24.90 29.08
CA PRO C 207 -16.01 24.46 29.34
C PRO C 207 -15.03 25.59 29.66
N MET C 208 -15.54 26.78 29.97
CA MET C 208 -14.66 27.91 30.25
C MET C 208 -13.83 27.69 31.52
N GLU C 209 -14.35 26.94 32.48
CA GLU C 209 -13.61 26.69 33.72
C GLU C 209 -12.28 25.99 33.42
N GLU C 210 -12.29 25.01 32.52
CA GLU C 210 -11.06 24.34 32.15
C GLU C 210 -10.11 25.27 31.41
N TYR C 211 -10.65 26.14 30.54
CA TYR C 211 -9.81 27.09 29.82
C TYR C 211 -9.08 28.01 30.79
N ILE C 212 -9.77 28.50 31.82
CA ILE C 212 -9.14 29.40 32.78
C ILE C 212 -8.00 28.69 33.51
N ILE C 213 -8.22 27.43 33.90
CA ILE C 213 -7.22 26.71 34.68
C ILE C 213 -6.00 26.38 33.83
N LYS C 214 -6.21 25.95 32.59
CA LYS C 214 -5.14 25.45 31.75
C LYS C 214 -4.36 26.54 31.03
N SER C 215 -4.71 27.81 31.22
CA SER C 215 -4.09 28.88 30.45
C SER C 215 -2.64 29.11 30.89
N VAL C 216 -1.91 29.84 30.05
CA VAL C 216 -0.52 30.21 30.30
C VAL C 216 -0.48 31.68 30.68
N ARG C 217 0.02 31.97 31.88
CA ARG C 217 0.00 33.34 32.38
C ARG C 217 1.07 34.18 31.69
N SER C 218 0.86 35.49 31.71
CA SER C 218 1.75 36.43 31.06
C SER C 218 2.74 37.02 32.05
N SER C 219 3.70 37.79 31.52
CA SER C 219 4.73 38.38 32.37
C SER C 219 4.13 39.40 33.34
N VAL C 220 3.21 40.23 32.87
CA VAL C 220 2.54 41.20 33.72
C VAL C 220 1.41 40.50 34.47
N ASP C 221 1.40 40.63 35.79
CA ASP C 221 0.48 39.90 36.64
C ASP C 221 -0.81 40.67 36.92
N THR C 222 -1.18 41.61 36.06
CA THR C 222 -2.42 42.36 36.21
C THR C 222 -3.25 42.31 34.94
N VAL C 223 -3.14 41.21 34.19
CA VAL C 223 -3.86 41.04 32.93
C VAL C 223 -5.00 40.07 33.15
N ARG C 224 -6.19 40.43 32.68
CA ARG C 224 -7.40 39.66 32.92
C ARG C 224 -8.00 39.08 31.64
N ASN C 225 -7.25 39.04 30.54
CA ASN C 225 -7.79 38.67 29.24
C ASN C 225 -7.12 37.39 28.73
N ILE C 226 -7.95 36.46 28.27
CA ILE C 226 -7.49 35.19 27.71
C ILE C 226 -8.00 35.10 26.28
N ILE C 227 -7.13 34.68 25.37
CA ILE C 227 -7.46 34.52 23.96
C ILE C 227 -7.28 33.04 23.60
N ILE C 228 -8.32 32.46 23.00
CA ILE C 228 -8.36 31.04 22.69
C ILE C 228 -8.37 30.87 21.18
N LEU C 229 -7.50 30.00 20.67
CA LEU C 229 -7.29 29.88 19.23
C LEU C 229 -7.62 28.49 18.71
N ASP C 230 -7.82 28.42 17.39
CA ASP C 230 -8.02 27.18 16.66
C ASP C 230 -7.69 27.46 15.19
N SER C 231 -7.60 26.40 14.40
CA SER C 231 -7.08 26.50 13.04
C SER C 231 -8.06 25.98 12.00
N GLY C 232 -7.83 26.39 10.75
CA GLY C 232 -8.59 25.88 9.62
C GLY C 232 -7.79 26.03 8.33
N ARG C 233 -8.21 25.30 7.31
CA ARG C 233 -7.47 25.22 6.05
C ARG C 233 -8.28 25.80 4.90
N VAL C 234 -7.58 26.33 3.90
CA VAL C 234 -8.22 26.90 2.71
C VAL C 234 -7.56 26.34 1.45
N LYS C 235 -8.16 26.64 0.31
CA LYS C 235 -7.65 26.24 -0.99
C LYS C 235 -7.60 27.47 -1.91
N LYS C 236 -6.82 27.35 -2.99
CA LYS C 236 -6.44 28.52 -3.77
C LYS C 236 -7.63 29.17 -4.46
N GLY C 237 -8.41 28.38 -5.20
CA GLY C 237 -9.42 28.94 -6.07
C GLY C 237 -10.84 28.94 -5.56
N GLU C 238 -11.08 28.49 -4.33
CA GLU C 238 -12.43 28.35 -3.80
C GLU C 238 -12.77 29.50 -2.87
N THR C 239 -13.94 29.39 -2.24
CA THR C 239 -14.46 30.40 -1.33
C THR C 239 -14.60 29.82 0.07
N PHE C 240 -14.23 30.60 1.08
CA PHE C 240 -14.32 30.18 2.46
C PHE C 240 -15.21 31.13 3.24
N SER C 241 -15.85 30.60 4.28
CA SER C 241 -16.85 31.32 5.05
C SER C 241 -16.61 31.13 6.54
N ILE C 242 -16.93 32.18 7.31
CA ILE C 242 -16.80 32.19 8.76
C ILE C 242 -18.07 32.78 9.37
N SER C 243 -18.55 32.15 10.44
CA SER C 243 -19.70 32.66 11.18
C SER C 243 -19.20 33.51 12.34
N LEU C 244 -19.67 34.75 12.43
CA LEU C 244 -19.16 35.70 13.40
C LEU C 244 -20.29 36.19 14.31
N SER C 245 -19.96 36.31 15.60
CA SER C 245 -20.83 36.91 16.59
C SER C 245 -20.00 37.84 17.45
N SER C 246 -20.69 38.73 18.18
CA SER C 246 -20.01 39.73 18.99
C SER C 246 -19.09 39.08 20.02
N GLY C 247 -17.78 39.27 19.85
CA GLY C 247 -16.79 38.69 20.73
C GLY C 247 -15.76 37.81 20.04
N ALA C 248 -15.98 37.41 18.79
CA ALA C 248 -15.04 36.54 18.10
C ALA C 248 -13.80 37.34 17.68
N VAL C 249 -12.75 36.60 17.31
CA VAL C 249 -11.48 37.20 16.93
C VAL C 249 -10.86 36.37 15.82
N VAL C 250 -10.12 37.03 14.93
CA VAL C 250 -9.47 36.36 13.81
C VAL C 250 -8.17 37.10 13.50
N ILE C 251 -7.15 36.34 13.17
CA ILE C 251 -5.85 36.91 12.76
C ILE C 251 -5.88 37.06 11.25
N PRO C 252 -5.81 38.27 10.71
CA PRO C 252 -6.03 38.48 9.26
C PRO C 252 -4.79 38.26 8.43
N THR C 253 -4.39 36.98 8.30
CA THR C 253 -3.25 36.63 7.48
C THR C 253 -3.39 35.19 7.02
N ILE C 254 -3.01 34.94 5.77
CA ILE C 254 -2.92 33.60 5.21
C ILE C 254 -1.45 33.27 5.07
N PHE C 255 -1.03 32.16 5.69
CA PHE C 255 0.34 31.68 5.63
C PHE C 255 0.41 30.65 4.52
N CYS C 256 0.88 31.07 3.35
CA CYS C 256 0.90 30.18 2.19
C CYS C 256 1.91 29.06 2.39
N ASP C 257 1.66 27.93 1.73
CA ASP C 257 2.50 26.76 1.86
C ASP C 257 3.80 26.92 1.09
N GLY C 258 4.74 26.01 1.36
CA GLY C 258 6.04 26.05 0.73
C GLY C 258 7.07 25.24 1.47
N ASP C 259 8.23 25.84 1.72
CA ASP C 259 9.30 25.20 2.48
C ASP C 259 9.55 25.96 3.76
N PHE C 260 10.07 25.27 4.77
CA PHE C 260 10.37 25.88 6.06
C PHE C 260 11.78 25.49 6.49
N ALA C 261 12.40 26.37 7.27
CA ALA C 261 13.79 26.21 7.65
C ALA C 261 13.97 25.06 8.64
N VAL C 262 15.23 24.73 8.89
CA VAL C 262 15.58 23.64 9.80
C VAL C 262 16.24 24.22 11.04
N THR C 263 16.16 23.46 12.14
CA THR C 263 16.76 23.88 13.40
C THR C 263 17.99 23.04 13.66
N PRO C 264 19.18 23.63 13.74
CA PRO C 264 20.39 22.84 13.95
C PRO C 264 20.35 22.07 15.25
N GLN C 265 20.89 20.84 15.22
CA GLN C 265 20.98 19.99 16.39
C GLN C 265 22.39 19.54 16.70
N VAL C 266 23.37 19.82 15.84
CA VAL C 266 24.75 19.43 16.02
C VAL C 266 25.63 20.67 15.88
N GLN C 267 26.95 20.45 15.95
CA GLN C 267 27.89 21.55 15.86
C GLN C 267 27.86 22.19 14.47
N ILE C 268 27.97 23.50 14.44
CA ILE C 268 27.94 24.28 13.20
C ILE C 268 29.36 24.70 12.86
N ASP C 269 29.77 24.46 11.62
CA ASP C 269 31.12 24.75 11.17
C ASP C 269 31.08 25.67 9.96
N LYS C 270 31.93 26.69 9.97
CA LYS C 270 32.10 27.57 8.83
C LYS C 270 33.25 27.05 7.96
N ASP C 271 33.68 27.88 7.00
CA ASP C 271 34.87 27.60 6.19
C ASP C 271 34.72 26.33 5.36
N CYS C 272 33.49 25.98 5.03
CA CYS C 272 33.21 24.81 4.20
C CYS C 272 31.79 24.91 3.69
N ALA C 273 31.58 24.51 2.44
CA ALA C 273 30.31 24.70 1.76
C ALA C 273 29.78 23.39 1.21
N SER C 274 28.45 23.35 1.03
CA SER C 274 27.76 22.20 0.45
C SER C 274 26.47 22.71 -0.17
N ASP C 275 25.59 21.80 -0.57
CA ASP C 275 24.32 22.19 -1.19
C ASP C 275 23.12 21.39 -0.72
N CYS C 276 23.27 20.51 0.26
CA CYS C 276 22.13 19.76 0.79
C CYS C 276 22.36 19.55 2.28
N HIS C 277 21.42 20.01 3.11
CA HIS C 277 21.57 19.97 4.55
C HIS C 277 20.34 19.36 5.20
N SER C 278 20.54 18.76 6.37
CA SER C 278 19.48 18.24 7.21
C SER C 278 19.71 18.71 8.64
N ALA C 279 18.83 18.30 9.55
CA ALA C 279 18.95 18.71 10.94
C ALA C 279 20.09 18.04 11.67
N TYR C 280 20.71 17.01 11.09
CA TYR C 280 21.77 16.27 11.76
C TYR C 280 23.07 16.23 10.97
N GLY C 281 23.16 16.94 9.86
CA GLY C 281 24.39 16.97 9.09
C GLY C 281 24.13 17.31 7.65
N SER C 282 25.21 17.34 6.89
CA SER C 282 25.19 17.64 5.46
C SER C 282 25.46 16.37 4.66
N PHE C 283 25.45 16.51 3.34
CA PHE C 283 25.64 15.39 2.43
C PHE C 283 26.65 15.74 1.35
N PRO C 284 27.34 14.76 0.79
CA PRO C 284 28.38 15.05 -0.21
C PRO C 284 27.81 15.59 -1.50
N ASN C 285 28.66 16.27 -2.25
CA ASN C 285 28.26 16.90 -3.51
C ASN C 285 27.91 15.83 -4.55
N GLY C 286 26.89 16.14 -5.36
CA GLY C 286 26.58 15.35 -6.52
C GLY C 286 26.16 13.91 -6.27
N SER C 287 25.26 13.71 -5.32
CA SER C 287 24.77 12.37 -5.04
C SER C 287 23.49 12.09 -5.82
N SER C 288 23.16 10.81 -5.94
CA SER C 288 21.95 10.38 -6.63
C SER C 288 20.83 9.97 -5.68
N PHE C 289 21.18 9.53 -4.47
CA PHE C 289 20.20 9.18 -3.46
C PHE C 289 20.73 9.57 -2.10
N ILE C 290 19.82 9.71 -1.14
CA ILE C 290 20.15 10.20 0.20
C ILE C 290 19.65 9.19 1.22
N ILE C 291 20.51 8.81 2.16
CA ILE C 291 20.12 7.93 3.25
C ILE C 291 19.51 8.79 4.34
N HIS C 292 18.18 8.86 4.38
CA HIS C 292 17.47 9.72 5.31
C HIS C 292 16.17 9.05 5.71
N HIS C 293 15.58 9.52 6.81
CA HIS C 293 14.35 8.96 7.33
C HIS C 293 13.18 9.92 7.25
N SER C 294 13.26 10.94 6.39
CA SER C 294 12.18 11.90 6.23
C SER C 294 12.34 12.58 4.87
N VAL C 295 11.45 13.52 4.59
CA VAL C 295 11.48 14.28 3.35
C VAL C 295 11.76 15.76 3.61
N HIS C 296 12.23 16.10 4.81
CA HIS C 296 12.49 17.49 5.17
C HIS C 296 13.96 17.81 4.93
N THR C 297 14.22 18.75 4.02
CA THR C 297 15.58 19.16 3.69
C THR C 297 15.54 20.56 3.09
N VAL C 298 16.70 21.19 3.03
CA VAL C 298 16.84 22.52 2.47
C VAL C 298 17.95 22.51 1.43
N GLY C 299 17.71 23.16 0.30
CA GLY C 299 18.66 23.17 -0.79
C GLY C 299 18.17 22.42 -2.01
N SER C 300 19.06 21.72 -2.70
CA SER C 300 18.71 20.89 -3.85
C SER C 300 19.13 19.46 -3.53
N CYS C 301 18.17 18.59 -3.26
CA CYS C 301 18.47 17.26 -2.79
C CYS C 301 17.69 16.22 -3.57
N PRO C 302 18.25 15.03 -3.73
CA PRO C 302 17.55 13.95 -4.45
C PRO C 302 16.62 13.19 -3.51
N PRO C 303 15.88 12.20 -4.01
CA PRO C 303 15.00 11.41 -3.14
C PRO C 303 15.77 10.68 -2.05
N SER C 304 15.02 10.05 -1.16
CA SER C 304 15.55 9.44 0.05
C SER C 304 15.22 7.96 0.13
N ILE C 305 16.10 7.19 0.77
CA ILE C 305 15.91 5.77 1.01
C ILE C 305 16.34 5.46 2.44
N LEU C 306 16.05 4.23 2.88
CA LEU C 306 16.29 3.85 4.28
C LEU C 306 17.55 3.02 4.48
N ARG C 307 18.10 2.41 3.43
CA ARG C 307 19.33 1.66 3.54
C ARG C 307 20.05 1.69 2.20
N ASN C 308 21.24 1.10 2.17
CA ASN C 308 22.14 1.23 1.02
C ASN C 308 22.36 -0.13 0.38
N PHE C 309 22.77 -0.12 -0.89
CA PHE C 309 22.95 -1.33 -1.68
C PHE C 309 24.23 -1.22 -2.49
N ASP C 310 24.60 -2.32 -3.15
CA ASP C 310 25.83 -2.44 -3.89
C ASP C 310 25.57 -2.57 -5.39
N VAL C 311 26.47 -2.02 -6.19
CA VAL C 311 26.38 -2.05 -7.65
C VAL C 311 27.75 -2.38 -8.22
N ILE C 312 27.75 -3.24 -9.26
CA ILE C 312 29.00 -3.68 -9.86
C ILE C 312 29.77 -2.50 -10.45
N ASP C 313 31.10 -2.61 -10.42
CA ASP C 313 31.96 -1.57 -10.98
C ASP C 313 33.09 -2.12 -11.86
N GLY C 314 33.37 -3.42 -11.81
CA GLY C 314 34.41 -3.99 -12.65
C GLY C 314 33.86 -5.03 -13.60
N TYR C 315 34.52 -6.18 -13.70
CA TYR C 315 34.05 -7.28 -14.53
C TYR C 315 34.13 -8.58 -13.75
N GLU C 316 33.27 -9.53 -14.14
CA GLU C 316 33.20 -10.81 -13.45
C GLU C 316 34.48 -11.61 -13.65
N ALA C 317 34.84 -12.38 -12.62
CA ALA C 317 36.03 -13.22 -12.65
C ALA C 317 35.59 -14.66 -12.89
N THR C 318 35.99 -15.22 -14.04
CA THR C 318 35.66 -16.58 -14.41
C THR C 318 36.94 -17.31 -14.82
N TRP C 319 37.63 -17.86 -13.84
CA TRP C 319 38.85 -18.64 -14.08
C TRP C 319 39.16 -19.43 -12.82
N GLU C 320 40.32 -20.07 -12.82
CA GLU C 320 40.74 -20.88 -11.68
C GLU C 320 41.55 -20.05 -10.68
N PHE C 335 47.22 -25.25 -18.32
CA PHE C 335 45.79 -25.32 -18.59
C PHE C 335 45.18 -23.93 -18.73
N PHE C 336 44.93 -23.53 -19.98
CA PHE C 336 44.28 -22.25 -20.23
C PHE C 336 42.84 -22.28 -19.73
N THR C 337 42.41 -21.18 -19.13
CA THR C 337 41.05 -21.10 -18.60
C THR C 337 40.35 -19.83 -19.10
N GLY C 338 41.14 -18.82 -19.44
CA GLY C 338 40.57 -17.57 -19.93
C GLY C 338 41.29 -16.34 -19.40
N GLY C 339 42.29 -16.55 -18.56
CA GLY C 339 43.07 -15.48 -17.97
C GLY C 339 44.48 -15.43 -18.53
N ILE C 340 45.07 -14.25 -18.51
CA ILE C 340 46.43 -14.03 -19.00
C ILE C 340 47.29 -13.60 -17.82
N GLN C 341 48.42 -14.28 -17.64
CA GLN C 341 49.30 -14.02 -16.50
C GLN C 341 50.17 -12.79 -16.70
N GLY C 342 50.20 -12.21 -17.89
CA GLY C 342 51.02 -11.04 -18.12
C GLY C 342 50.45 -9.80 -17.48
N ALA C 343 51.25 -8.73 -17.52
CA ALA C 343 50.87 -7.44 -16.96
C ALA C 343 50.55 -6.49 -18.10
N ILE C 344 49.29 -6.08 -18.21
CA ILE C 344 48.83 -5.20 -19.27
C ILE C 344 47.97 -4.10 -18.68
N ASP C 345 47.92 -2.98 -19.39
CA ASP C 345 47.16 -1.81 -18.97
C ASP C 345 45.79 -1.77 -19.68
N GLY C 346 44.99 -2.80 -19.39
CA GLY C 346 43.67 -2.88 -20.00
C GLY C 346 42.89 -4.04 -19.40
N TRP C 347 41.71 -4.26 -19.96
CA TRP C 347 40.83 -5.34 -19.50
C TRP C 347 40.82 -6.53 -20.44
N TYR C 348 41.37 -6.41 -21.65
CA TYR C 348 41.41 -7.50 -22.60
C TYR C 348 42.79 -7.54 -23.25
N GLY C 349 43.19 -8.73 -23.69
CA GLY C 349 44.52 -8.88 -24.23
C GLY C 349 44.69 -10.14 -25.06
N VAL C 350 45.83 -10.17 -25.76
CA VAL C 350 46.22 -11.27 -26.63
C VAL C 350 47.65 -11.67 -26.26
N THR C 351 47.91 -12.97 -26.17
CA THR C 351 49.23 -13.45 -25.80
C THR C 351 49.54 -14.76 -26.51
N ASN C 352 50.82 -15.12 -26.49
CA ASN C 352 51.31 -16.36 -27.09
C ASN C 352 52.12 -17.16 -26.09
N HIS C 353 51.65 -17.24 -24.85
CA HIS C 353 52.34 -17.93 -23.76
C HIS C 353 53.75 -17.37 -23.56
N ASP C 354 53.87 -16.05 -23.71
CA ASP C 354 55.12 -15.34 -23.46
C ASP C 354 54.82 -14.13 -22.59
N THR C 355 55.74 -13.82 -21.69
CA THR C 355 55.57 -12.76 -20.70
C THR C 355 56.58 -11.65 -20.97
N GLY C 356 56.10 -10.41 -21.00
CA GLY C 356 56.96 -9.26 -21.13
C GLY C 356 56.96 -8.63 -22.50
N LYS C 357 56.97 -9.46 -23.55
CA LYS C 357 57.01 -8.95 -24.91
C LYS C 357 56.05 -9.70 -25.82
N GLY C 358 55.53 -10.83 -25.35
CA GLY C 358 54.61 -11.63 -26.14
C GLY C 358 53.16 -11.39 -25.80
N THR C 359 52.87 -10.28 -25.13
CA THR C 359 51.51 -9.94 -24.71
C THR C 359 51.18 -8.53 -25.14
N ALA C 360 49.96 -8.32 -25.63
CA ALA C 360 49.51 -7.01 -26.06
C ALA C 360 48.07 -6.80 -25.61
N ALA C 361 47.65 -5.53 -25.57
CA ALA C 361 46.32 -5.17 -25.11
C ALA C 361 45.64 -4.29 -26.14
N ASP C 362 44.32 -4.43 -26.23
CA ASP C 362 43.48 -3.61 -27.10
C ASP C 362 42.79 -2.54 -26.27
N GLN C 363 42.03 -1.68 -26.95
CA GLN C 363 41.48 -0.50 -26.29
C GLN C 363 39.98 -0.34 -26.50
N THR C 364 39.48 -0.78 -27.66
CA THR C 364 38.08 -0.53 -28.01
C THR C 364 37.13 -1.24 -27.05
N SER C 365 37.40 -2.52 -26.77
CA SER C 365 36.52 -3.28 -25.89
C SER C 365 36.48 -2.67 -24.50
N THR C 366 37.62 -2.18 -24.01
CA THR C 366 37.67 -1.60 -22.68
C THR C 366 36.74 -0.39 -22.57
N GLN C 367 36.81 0.53 -23.52
CA GLN C 367 35.97 1.72 -23.45
C GLN C 367 34.51 1.40 -23.69
N LYS C 368 34.20 0.42 -24.55
CA LYS C 368 32.81 0.03 -24.74
C LYS C 368 32.23 -0.53 -23.43
N ALA C 369 32.99 -1.41 -22.77
CA ALA C 369 32.54 -1.96 -21.50
C ALA C 369 32.40 -0.87 -20.45
N VAL C 370 33.27 0.14 -20.50
CA VAL C 370 33.15 1.26 -19.57
C VAL C 370 31.85 2.02 -19.80
N GLU C 371 31.51 2.28 -21.06
CA GLU C 371 30.34 3.09 -21.36
C GLU C 371 29.03 2.36 -21.03
N ALA C 372 29.01 1.03 -21.17
CA ALA C 372 27.78 0.28 -20.92
C ALA C 372 27.26 0.51 -19.50
N ILE C 373 28.17 0.51 -18.52
CA ILE C 373 27.78 0.68 -17.12
C ILE C 373 27.09 2.03 -16.92
N THR C 374 27.69 3.08 -17.47
CA THR C 374 27.12 4.41 -17.32
C THR C 374 25.73 4.49 -17.93
N ASN C 375 25.56 3.91 -19.13
CA ASN C 375 24.25 3.96 -19.78
C ASN C 375 23.19 3.26 -18.93
N LYS C 376 23.49 2.04 -18.49
CA LYS C 376 22.49 1.28 -17.72
C LYS C 376 22.15 1.99 -16.41
N LEU C 377 23.17 2.50 -15.71
CA LEU C 377 22.92 3.17 -14.44
C LEU C 377 22.07 4.41 -14.63
N ASN C 378 22.33 5.19 -15.68
CA ASN C 378 21.51 6.38 -15.93
C ASN C 378 20.06 6.00 -16.19
N GLU C 379 19.83 4.95 -16.98
CA GLU C 379 18.45 4.53 -17.23
C GLU C 379 17.75 4.13 -15.94
N ALA C 380 18.45 3.38 -15.08
CA ALA C 380 17.85 2.96 -13.82
C ALA C 380 17.50 4.17 -12.95
N ILE C 381 18.40 5.15 -12.88
CA ILE C 381 18.14 6.33 -12.06
C ILE C 381 16.92 7.08 -12.58
N GLU C 382 16.79 7.21 -13.91
CA GLU C 382 15.63 7.90 -14.45
C GLU C 382 14.33 7.16 -14.10
N ASN C 383 14.35 5.83 -14.20
CA ASN C 383 13.17 5.05 -13.83
C ASN C 383 12.80 5.29 -12.37
N GLY C 384 13.79 5.29 -11.47
CA GLY C 384 13.51 5.54 -10.08
C GLY C 384 12.90 6.91 -9.83
N ASN C 385 13.43 7.93 -10.54
CA ASN C 385 12.88 9.27 -10.40
C ASN C 385 11.41 9.32 -10.83
N GLN C 386 11.09 8.67 -11.95
CA GLN C 386 9.70 8.65 -12.41
C GLN C 386 8.79 7.95 -11.40
N ARG C 387 9.25 6.84 -10.83
CA ARG C 387 8.44 6.15 -9.83
C ARG C 387 8.21 7.02 -8.60
N TYR C 388 9.25 7.74 -8.16
CA TYR C 388 9.08 8.65 -7.02
C TYR C 388 8.04 9.72 -7.32
N ASN C 389 8.12 10.31 -8.52
CA ASN C 389 7.14 11.34 -8.89
C ASN C 389 5.73 10.78 -8.93
N GLN C 390 5.56 9.57 -9.44
CA GLN C 390 4.24 8.95 -9.44
C GLN C 390 3.74 8.73 -8.02
N LEU C 391 4.62 8.28 -7.12
CA LEU C 391 4.19 7.97 -5.75
C LEU C 391 3.76 9.23 -5.01
N TYR C 392 4.53 10.31 -5.12
CA TYR C 392 4.25 11.48 -4.30
C TYR C 392 3.46 12.57 -5.00
N GLY C 393 3.41 12.57 -6.32
CA GLY C 393 2.63 13.58 -7.01
C GLY C 393 3.48 14.72 -7.52
N LEU C 394 3.05 15.33 -8.61
CA LEU C 394 3.84 16.39 -9.24
C LEU C 394 3.77 17.69 -8.45
N ALA C 395 2.58 18.06 -7.98
CA ALA C 395 2.39 19.31 -7.24
C ALA C 395 2.32 18.96 -5.76
N ARG C 396 3.48 18.98 -5.10
CA ARG C 396 3.58 18.61 -3.70
C ARG C 396 4.29 19.71 -2.92
N THR C 397 4.01 19.78 -1.63
CA THR C 397 4.60 20.77 -0.74
C THR C 397 5.03 20.08 0.55
N GLN C 398 6.24 20.38 1.00
CA GLN C 398 6.76 19.72 2.20
C GLN C 398 5.93 20.09 3.42
N ALA C 399 5.54 21.36 3.54
CA ALA C 399 4.80 21.81 4.72
C ALA C 399 3.49 21.03 4.87
N GLU C 400 2.73 20.92 3.78
CA GLU C 400 1.47 20.19 3.84
C GLU C 400 1.70 18.70 4.14
N LEU C 401 2.72 18.12 3.53
CA LEU C 401 2.99 16.69 3.72
C LEU C 401 3.31 16.37 5.18
N LEU C 402 4.18 17.18 5.81
CA LEU C 402 4.48 16.94 7.21
C LEU C 402 3.37 17.38 8.14
N GLY C 403 2.57 18.38 7.76
CA GLY C 403 1.46 18.77 8.60
C GLY C 403 0.39 17.70 8.68
N ASN C 404 0.13 17.01 7.57
CA ASN C 404 -0.89 15.97 7.57
C ASN C 404 -0.50 14.76 8.41
N LEU C 405 0.80 14.50 8.59
CA LEU C 405 1.22 13.33 9.34
C LEU C 405 0.88 13.46 10.82
N GLY C 406 1.10 14.64 11.40
CA GLY C 406 0.81 14.86 12.80
C GLY C 406 1.92 14.38 13.71
N LYS C 407 1.57 13.52 14.67
CA LYS C 407 2.54 13.02 15.64
C LYS C 407 3.16 11.69 15.25
N GLU C 408 2.80 11.14 14.09
CA GLU C 408 3.35 9.87 13.65
C GLU C 408 4.74 10.08 13.07
N VAL C 409 5.65 9.17 13.40
CA VAL C 409 7.04 9.24 12.96
C VAL C 409 7.39 8.17 11.95
N ASN C 410 6.42 7.41 11.46
CA ASN C 410 6.65 6.35 10.49
C ASN C 410 5.87 6.65 9.22
N ASP C 411 6.54 6.61 8.09
CA ASP C 411 5.94 6.86 6.79
C ASP C 411 5.94 5.57 5.98
N LEU C 412 4.76 5.12 5.55
CA LEU C 412 4.65 3.89 4.80
C LEU C 412 5.12 4.04 3.37
N ARG C 413 4.98 5.23 2.79
CA ARG C 413 5.38 5.42 1.40
C ARG C 413 6.88 5.26 1.22
N LEU C 414 7.67 5.67 2.21
CA LEU C 414 9.12 5.43 2.15
C LEU C 414 9.42 3.95 2.15
N GLU C 415 8.71 3.18 2.98
CA GLU C 415 8.91 1.73 3.00
C GLU C 415 8.54 1.12 1.66
N THR C 416 7.45 1.57 1.05
CA THR C 416 7.09 1.06 -0.27
C THR C 416 8.15 1.42 -1.31
N PHE C 417 8.68 2.64 -1.25
CA PHE C 417 9.65 3.08 -2.24
C PHE C 417 10.99 2.35 -2.08
N THR C 418 11.34 1.96 -0.85
CA THR C 418 12.65 1.35 -0.64
C THR C 418 12.77 0.00 -1.34
N GLU C 419 11.68 -0.75 -1.44
CA GLU C 419 11.75 -2.06 -2.08
C GLU C 419 11.98 -1.96 -3.57
N PHE C 420 11.51 -0.88 -4.19
CA PHE C 420 11.64 -0.70 -5.64
C PHE C 420 13.11 -0.64 -6.05
N ILE C 421 13.93 0.09 -5.29
CA ILE C 421 15.35 0.20 -5.61
C ILE C 421 16.04 -1.15 -5.46
N ARG C 422 15.70 -1.89 -4.40
CA ARG C 422 16.29 -3.21 -4.21
C ARG C 422 15.94 -4.14 -5.36
N LEU C 423 14.71 -4.05 -5.87
CA LEU C 423 14.34 -4.87 -7.01
C LEU C 423 15.06 -4.41 -8.28
N GLU C 424 15.27 -3.10 -8.43
CA GLU C 424 15.89 -2.57 -9.64
C GLU C 424 17.37 -2.91 -9.73
N THR C 425 18.07 -2.96 -8.60
CA THR C 425 19.50 -3.20 -8.62
C THR C 425 19.85 -4.55 -9.24
N ILE C 426 19.05 -5.57 -8.94
CA ILE C 426 19.31 -6.91 -9.48
C ILE C 426 19.20 -6.90 -10.99
N LEU C 427 18.16 -6.24 -11.53
CA LEU C 427 18.00 -6.15 -12.97
C LEU C 427 19.17 -5.40 -13.60
N VAL C 428 19.63 -4.33 -12.93
CA VAL C 428 20.77 -3.58 -13.45
C VAL C 428 21.99 -4.47 -13.56
N ASN C 429 22.27 -5.24 -12.51
CA ASN C 429 23.44 -6.12 -12.52
C ASN C 429 23.33 -7.17 -13.61
N THR C 430 22.15 -7.78 -13.75
CA THR C 430 21.96 -8.80 -14.78
C THR C 430 22.17 -8.23 -16.17
N ARG C 431 21.60 -7.05 -16.44
CA ARG C 431 21.76 -6.44 -17.75
C ARG C 431 23.21 -6.11 -18.04
N ILE C 432 23.93 -5.59 -17.05
CA ILE C 432 25.33 -5.25 -17.26
C ILE C 432 26.15 -6.49 -17.59
N ILE C 433 25.93 -7.58 -16.84
CA ILE C 433 26.70 -8.80 -17.07
C ILE C 433 26.40 -9.37 -18.45
N GLU C 434 25.12 -9.40 -18.84
CA GLU C 434 24.77 -9.94 -20.14
C GLU C 434 25.36 -9.09 -21.26
N GLU C 435 25.36 -7.77 -21.09
CA GLU C 435 25.97 -6.90 -22.09
C GLU C 435 27.46 -7.15 -22.21
N HIS C 436 28.14 -7.38 -21.09
CA HIS C 436 29.56 -7.69 -21.14
C HIS C 436 29.80 -8.99 -21.91
N GLN C 437 28.98 -10.01 -21.65
CA GLN C 437 29.13 -11.26 -22.39
C GLN C 437 28.89 -11.05 -23.89
N ALA C 438 27.89 -10.25 -24.24
CA ALA C 438 27.63 -9.99 -25.65
C ALA C 438 28.80 -9.27 -26.31
N ILE C 439 29.40 -8.30 -25.61
CA ILE C 439 30.58 -7.62 -26.14
C ILE C 439 31.71 -8.60 -26.34
N GLY C 440 31.94 -9.46 -25.36
CA GLY C 440 33.04 -10.41 -25.46
C GLY C 440 32.85 -11.41 -26.59
N SER C 441 31.62 -11.80 -26.87
CA SER C 441 31.37 -12.83 -27.89
C SER C 441 31.77 -12.37 -29.29
N LYS C 442 31.50 -11.11 -29.63
CA LYS C 442 31.71 -10.65 -31.00
C LYS C 442 33.18 -10.65 -31.40
N LYS C 443 34.08 -10.34 -30.47
CA LYS C 443 35.49 -10.25 -30.81
C LYS C 443 36.05 -11.57 -31.32
N LYS C 444 35.56 -12.69 -30.79
CA LYS C 444 36.05 -14.00 -31.22
C LYS C 444 35.71 -14.27 -32.68
N GLU C 445 34.62 -13.70 -33.19
CA GLU C 445 34.25 -13.95 -34.57
C GLU C 445 35.12 -13.18 -35.55
N GLU C 446 35.52 -11.95 -35.21
CA GLU C 446 36.32 -11.14 -36.12
C GLU C 446 37.71 -11.70 -36.34
N VAL C 447 38.17 -12.62 -35.51
CA VAL C 447 39.50 -13.20 -35.67
C VAL C 447 39.46 -14.45 -36.54
N LYS C 448 38.42 -15.27 -36.40
CA LYS C 448 38.32 -16.48 -37.20
C LYS C 448 38.22 -16.15 -38.69
N ARG C 449 37.39 -15.18 -39.04
CA ARG C 449 37.28 -14.78 -40.44
C ARG C 449 38.53 -14.08 -40.93
N LEU C 450 39.27 -13.42 -40.03
CA LEU C 450 40.49 -12.73 -40.44
C LEU C 450 41.61 -13.71 -40.72
N LEU C 451 41.74 -14.75 -39.89
CA LEU C 451 42.82 -15.71 -40.08
C LEU C 451 42.62 -16.53 -41.35
N GLY C 452 41.38 -16.94 -41.63
CA GLY C 452 41.09 -17.75 -42.78
C GLY C 452 40.67 -19.16 -42.41
N PRO C 453 40.34 -19.97 -43.42
CA PRO C 453 39.85 -21.33 -43.16
C PRO C 453 40.91 -22.41 -43.09
N ASN C 454 42.19 -22.05 -43.13
CA ASN C 454 43.28 -23.01 -43.13
C ASN C 454 43.88 -23.23 -41.74
N ALA C 455 43.28 -22.63 -40.71
CA ALA C 455 43.76 -22.78 -39.34
C ALA C 455 42.66 -23.37 -38.47
N LEU C 456 43.00 -24.39 -37.70
CA LEU C 456 42.04 -25.05 -36.83
C LEU C 456 41.83 -24.24 -35.56
N ASP C 457 40.66 -24.43 -34.94
CA ASP C 457 40.30 -23.71 -33.74
C ASP C 457 40.01 -24.71 -32.62
N LEU C 458 40.57 -24.47 -31.44
CA LEU C 458 40.36 -25.35 -30.30
C LEU C 458 38.97 -25.20 -29.68
N GLY C 459 38.26 -24.11 -29.99
CA GLY C 459 36.93 -23.91 -29.47
C GLY C 459 36.85 -23.36 -28.06
N ASN C 460 37.98 -22.98 -27.45
CA ASN C 460 37.99 -22.42 -26.12
C ASN C 460 38.69 -21.08 -26.08
N GLY C 461 38.72 -20.37 -27.21
CA GLY C 461 39.35 -19.08 -27.29
C GLY C 461 40.81 -19.11 -27.70
N CYS C 462 41.41 -20.29 -27.84
CA CYS C 462 42.80 -20.43 -28.24
C CYS C 462 42.86 -21.02 -29.65
N PHE C 463 43.57 -20.37 -30.54
CA PHE C 463 43.76 -20.83 -31.90
C PHE C 463 45.11 -21.56 -31.98
N ASN C 464 45.39 -22.18 -33.12
CA ASN C 464 46.62 -22.94 -33.25
C ASN C 464 47.03 -22.90 -34.71
N LEU C 465 48.16 -22.26 -35.00
CA LEU C 465 48.49 -21.83 -36.34
C LEU C 465 49.50 -22.77 -37.00
N THR C 466 49.47 -22.78 -38.34
CA THR C 466 50.28 -23.71 -39.11
C THR C 466 51.77 -23.38 -39.08
N HIS C 467 52.14 -22.14 -38.81
CA HIS C 467 53.53 -21.72 -38.78
C HIS C 467 53.87 -21.13 -37.41
N THR C 468 55.12 -20.70 -37.27
CA THR C 468 55.56 -20.05 -36.05
C THR C 468 55.13 -18.59 -36.05
N CYS C 469 54.69 -18.11 -34.89
CA CYS C 469 54.08 -16.79 -34.75
C CYS C 469 54.77 -16.06 -33.59
N ASP C 470 55.63 -15.11 -33.92
CA ASP C 470 56.46 -14.43 -32.93
C ASP C 470 55.73 -13.20 -32.35
N SER C 471 56.50 -12.36 -31.66
CA SER C 471 55.93 -11.18 -31.02
C SER C 471 55.38 -10.20 -32.05
N ASN C 472 56.09 -9.99 -33.16
CA ASN C 472 55.55 -9.15 -34.23
C ASN C 472 54.29 -9.76 -34.80
N CYS C 473 54.27 -11.08 -34.98
CA CYS C 473 53.05 -11.78 -35.32
C CYS C 473 51.93 -11.51 -34.33
N VAL C 474 52.24 -11.48 -33.03
CA VAL C 474 51.21 -11.26 -32.03
C VAL C 474 50.64 -9.85 -32.15
N ASN C 475 51.51 -8.84 -32.21
CA ASN C 475 51.00 -7.48 -32.21
C ASN C 475 50.49 -7.03 -33.57
N SER C 476 50.72 -7.84 -34.62
CA SER C 476 50.10 -7.58 -35.90
C SER C 476 48.58 -7.70 -35.83
N ILE C 477 48.08 -8.71 -35.11
CA ILE C 477 46.64 -8.88 -34.93
C ILE C 477 46.06 -7.72 -34.14
N SER C 478 46.85 -7.15 -33.23
CA SER C 478 46.31 -6.19 -32.28
C SER C 478 45.65 -5.00 -32.98
N ARG C 479 46.35 -4.37 -33.91
CA ARG C 479 45.71 -3.30 -34.67
C ARG C 479 45.08 -3.78 -35.97
N GLY C 480 45.10 -5.09 -36.24
CA GLY C 480 44.32 -5.66 -37.33
C GLY C 480 44.94 -5.56 -38.70
N THR C 481 46.14 -4.99 -38.82
CA THR C 481 46.83 -4.90 -40.10
C THR C 481 47.56 -6.18 -40.48
N TYR C 482 47.18 -7.31 -39.89
CA TYR C 482 47.84 -8.57 -40.16
C TYR C 482 47.60 -9.01 -41.60
N THR C 483 48.62 -9.61 -42.20
CA THR C 483 48.54 -10.17 -43.54
C THR C 483 49.13 -11.58 -43.52
N ARG C 484 48.67 -12.40 -44.46
CA ARG C 484 49.06 -13.81 -44.48
C ARG C 484 50.21 -14.09 -45.45
N GLU C 485 50.50 -13.17 -46.37
CA GLU C 485 51.44 -13.45 -47.44
C GLU C 485 52.85 -13.75 -46.92
N ASN C 486 53.31 -12.99 -45.93
CA ASN C 486 54.69 -13.09 -45.48
C ASN C 486 54.91 -14.14 -44.40
N TYR C 487 53.87 -14.82 -43.93
CA TYR C 487 54.00 -15.84 -42.91
C TYR C 487 53.75 -17.25 -43.43
N ILE C 488 53.67 -17.44 -44.75
CA ILE C 488 53.31 -18.74 -45.30
C ILE C 488 54.42 -19.77 -45.07
N HIS C 489 55.67 -19.32 -45.00
CA HIS C 489 56.81 -20.23 -45.00
C HIS C 489 56.76 -21.20 -43.83
N ASN C 490 57.22 -22.42 -44.08
CA ASN C 490 57.30 -23.51 -43.11
C ASN C 490 55.91 -24.01 -42.68
N VAL C 491 55.84 -25.26 -42.26
CA VAL C 491 54.59 -25.90 -41.85
C VAL C 491 54.82 -26.66 -40.56
N THR C 492 53.92 -26.49 -39.59
CA THR C 492 54.01 -27.17 -38.32
C THR C 492 52.62 -27.30 -37.72
N LEU C 493 52.42 -28.34 -36.92
CA LEU C 493 51.17 -28.53 -36.20
C LEU C 493 51.44 -28.88 -34.73
C1 NAG D . -20.58 14.26 -8.24
C2 NAG D . -19.68 15.49 -8.24
C3 NAG D . -18.92 15.58 -9.57
C4 NAG D . -18.17 14.28 -9.84
C5 NAG D . -19.14 13.10 -9.77
C6 NAG D . -18.45 11.76 -9.92
C7 NAG D . -20.04 17.68 -7.21
C8 NAG D . -20.96 18.85 -7.10
N2 NAG D . -20.46 16.69 -8.02
O3 NAG D . -18.01 16.67 -9.50
O4 NAG D . -17.61 14.30 -11.15
O5 NAG D . -19.80 13.08 -8.50
O6 NAG D . -17.33 11.66 -9.04
O7 NAG D . -18.96 17.62 -6.63
C1 NAG D . -16.22 14.69 -11.15
C2 NAG D . -15.48 13.88 -12.22
C3 NAG D . -14.03 14.36 -12.35
C4 NAG D . -13.99 15.86 -12.59
C5 NAG D . -14.74 16.58 -11.47
C6 NAG D . -14.82 18.07 -11.68
C7 NAG D . -15.67 11.52 -12.85
C8 NAG D . -15.68 10.11 -12.36
N2 NAG D . -15.52 12.47 -11.91
O3 NAG D . -13.41 13.68 -13.42
O4 NAG D . -12.64 16.31 -12.64
O5 NAG D . -16.09 16.09 -11.43
O6 NAG D . -15.12 18.40 -13.03
O7 NAG D . -15.76 11.80 -14.04
C1 BMA D . -12.37 16.82 -13.98
C2 BMA D . -11.33 17.94 -13.85
C3 BMA D . -11.04 18.49 -15.23
C4 BMA D . -10.62 17.38 -16.20
C5 BMA D . -11.62 16.19 -16.18
C6 BMA D . -11.09 14.94 -16.88
O2 BMA D . -10.12 17.43 -13.35
O3 BMA D . -10.03 19.48 -15.18
O4 BMA D . -10.59 17.92 -17.51
O5 BMA D . -11.86 15.79 -14.81
O6 BMA D . -10.97 15.15 -18.31
C1 BMA D . -9.58 15.18 -18.69
C2 BMA D . -8.79 14.08 -17.94
C3 BMA D . -7.33 14.35 -18.23
C4 BMA D . -7.05 14.27 -19.76
C5 BMA D . -8.03 15.24 -20.50
C6 BMA D . -7.96 15.10 -22.01
O2 BMA D . -9.10 12.81 -18.47
O3 BMA D . -6.45 13.54 -17.42
O4 BMA D . -5.73 14.67 -20.03
O5 BMA D . -9.38 14.98 -20.08
O6 BMA D . -8.73 16.16 -22.57
C1 BMA D . -6.02 12.30 -18.03
C2 BMA D . -4.53 12.04 -17.59
C3 BMA D . -4.09 10.54 -17.74
C4 BMA D . -5.24 9.53 -17.52
C5 BMA D . -6.49 9.98 -18.26
C6 BMA D . -7.64 9.01 -18.13
O2 BMA D . -4.17 12.51 -16.24
O3 BMA D . -2.99 10.23 -16.90
O4 BMA D . -4.84 8.26 -18.02
O5 BMA D . -6.89 11.23 -17.66
O6 BMA D . -8.57 9.28 -19.17
C1 BMA D . -5.02 12.05 -15.17
C2 BMA D . -4.11 11.49 -14.07
C3 BMA D . -4.92 11.18 -12.81
C4 BMA D . -5.80 12.37 -12.42
C5 BMA D . -6.69 12.77 -13.59
C6 BMA D . -7.57 13.96 -13.28
O2 BMA D . -3.14 12.45 -13.68
O3 BMA D . -4.08 10.82 -11.72
O4 BMA D . -6.63 12.01 -11.32
O5 BMA D . -5.83 13.12 -14.69
O6 BMA D . -8.47 14.15 -14.36
C1 NAG E . -20.01 -3.71 -31.29
C2 NAG E . -20.46 -3.80 -32.74
C3 NAG E . -21.95 -3.44 -32.86
C4 NAG E . -22.78 -4.29 -31.93
C5 NAG E . -22.23 -4.18 -30.50
C6 NAG E . -22.95 -5.08 -29.52
C7 NAG E . -18.65 -3.36 -34.34
C8 NAG E . -17.93 -2.33 -35.14
N2 NAG E . -19.66 -2.92 -33.58
O3 NAG E . -22.36 -3.64 -34.21
O4 NAG E . -24.14 -3.86 -31.95
O5 NAG E . -20.85 -4.55 -30.48
O6 NAG E . -24.03 -4.41 -28.89
O7 NAG E . -18.34 -4.55 -34.37
C1 NAG E . -24.96 -4.92 -32.49
C2 NAG E . -26.41 -4.41 -32.58
C3 NAG E . -27.30 -5.48 -33.18
C4 NAG E . -26.74 -5.95 -34.52
C5 NAG E . -25.29 -6.38 -34.36
C6 NAG E . -24.64 -6.73 -35.68
C7 NAG E . -27.81 -3.05 -31.08
C8 NAG E . -28.19 -2.77 -29.67
N2 NAG E . -26.89 -4.02 -31.26
O3 NAG E . -28.61 -4.96 -33.35
O4 NAG E . -27.50 -7.05 -35.01
O5 NAG E . -24.51 -5.31 -33.79
O6 NAG E . -25.11 -5.90 -36.73
O7 NAG E . -28.29 -2.43 -32.03
C1 NAG F . -14.42 -9.70 19.82
C2 NAG F . -15.61 -9.75 18.87
C3 NAG F . -15.59 -11.04 18.07
C4 NAG F . -14.25 -11.22 17.37
C5 NAG F . -13.11 -11.09 18.38
C6 NAG F . -11.75 -11.14 17.74
C7 NAG F . -17.86 -8.83 19.21
C8 NAG F . -19.08 -8.82 20.09
N2 NAG F . -16.86 -9.62 19.61
O3 NAG F . -16.65 -11.02 17.12
O4 NAG F . -14.17 -12.50 16.76
O5 NAG F . -13.22 -9.85 19.08
O6 NAG F . -11.65 -10.20 16.68
O7 NAG F . -17.79 -8.15 18.19
C1 NAG F . -14.52 -12.49 15.37
C2 NAG F . -13.62 -13.47 14.63
C3 NAG F . -14.04 -13.60 13.17
C4 NAG F . -15.52 -13.95 13.07
C5 NAG F . -16.33 -12.90 13.83
C6 NAG F . -17.81 -13.21 13.85
C7 NAG F . -11.23 -13.95 14.87
C8 NAG F . -9.85 -13.36 14.95
N2 NAG F . -12.23 -13.07 14.72
O3 NAG F . -13.26 -14.61 12.53
O4 NAG F . -15.93 -13.99 11.70
O5 NAG F . -15.89 -12.86 15.19
O6 NAG F . -18.05 -14.58 14.11
O7 NAG F . -11.42 -15.15 14.95
C1 BMA F . -16.34 -15.33 11.38
C2 BMA F . -17.44 -15.25 10.32
C3 BMA F . -17.88 -16.65 9.97
C4 BMA F . -16.71 -17.55 9.57
C5 BMA F . -15.55 -17.48 10.59
C6 BMA F . -14.24 -18.09 10.09
O2 BMA F . -16.92 -14.70 9.12
O3 BMA F . -18.85 -16.64 8.92
O4 BMA F . -17.17 -18.89 9.47
O5 BMA F . -15.24 -16.09 10.88
O6 BMA F . -14.37 -19.52 9.93
C1 BMA F . -14.32 -19.85 8.51
C2 BMA F . -13.25 -19.02 7.79
C3 BMA F . -13.44 -19.28 6.32
C4 BMA F . -13.27 -20.79 6.01
C5 BMA F . -14.21 -21.62 6.92
C6 BMA F . -13.98 -23.11 6.80
O2 BMA F . -11.97 -19.49 8.14
O3 BMA F . -12.67 -18.39 5.49
O4 BMA F . -13.60 -21.04 4.66
O5 BMA F . -14.03 -21.23 8.30
O6 BMA F . -15.01 -23.76 7.54
C1 BMA F . -11.37 -18.90 5.09
C2 BMA F . -11.08 -18.41 3.62
C3 BMA F . -9.57 -18.46 3.23
C4 BMA F . -8.61 -18.22 4.42
C5 BMA F . -9.06 -19.00 5.64
C6 BMA F . -8.13 -18.84 6.82
O2 BMA F . -11.63 -17.09 3.28
O3 BMA F . -9.27 -17.58 2.17
O4 BMA F . -7.30 -18.62 4.06
O5 BMA F . -10.35 -18.50 6.00
O6 BMA F . -8.36 -19.92 7.71
C1 BMA F . -11.26 -16.02 4.19
C2 BMA F . -10.72 -14.85 3.33
C3 BMA F . -10.52 -13.60 4.20
C4 BMA F . -11.77 -13.30 5.04
C5 BMA F . -12.13 -14.54 5.86
C6 BMA F . -13.38 -14.31 6.70
O2 BMA F . -11.66 -14.50 2.34
O3 BMA F . -10.18 -12.48 3.42
O4 BMA F . -11.50 -12.21 5.90
O5 BMA F . -12.39 -15.62 4.95
O6 BMA F . -13.55 -15.45 7.54
C1 NAG G . 4.95 -31.57 19.29
C2 NAG G . 5.11 -33.04 19.70
C3 NAG G . 4.71 -33.22 21.16
C4 NAG G . 5.47 -32.26 22.05
C5 NAG G . 5.30 -30.83 21.55
C6 NAG G . 6.12 -29.82 22.31
C7 NAG G . 4.83 -34.61 17.85
C8 NAG G . 3.86 -35.45 17.06
N2 NAG G . 4.31 -33.90 18.85
O3 NAG G . 4.97 -34.57 21.56
O4 NAG G . 5.00 -32.35 23.39
O5 NAG G . 5.72 -30.75 20.18
O6 NAG G . 5.35 -29.19 23.32
O7 NAG G . 6.03 -34.59 17.59
C1 NAG G . 6.05 -32.85 24.24
C2 NAG G . 5.51 -33.01 25.66
C3 NAG G . 6.58 -33.58 26.57
C4 NAG G . 7.16 -34.86 26.00
C5 NAG G . 7.64 -34.63 24.57
C6 NAG G . 8.10 -35.90 23.90
C7 NAG G . 3.99 -31.67 27.03
C8 NAG G . 3.60 -30.28 27.46
N2 NAG G . 5.01 -31.75 26.18
O3 NAG G . 6.03 -33.83 27.87
O4 NAG G . 8.26 -35.30 26.79
O5 NAG G . 6.56 -34.11 23.77
O6 NAG G . 7.31 -37.01 24.29
O7 NAG G . 3.39 -32.67 27.45
C1 NAG H . 7.93 19.92 15.26
C2 NAG H . 8.01 18.95 16.44
C3 NAG H . 9.36 18.24 16.46
C4 NAG H . 9.63 17.58 15.11
C5 NAG H . 9.49 18.61 14.00
C6 NAG H . 9.63 18.00 12.62
C7 NAG H . 7.01 19.16 18.67
C8 NAG H . 6.89 20.01 19.90
N2 NAG H . 7.78 19.65 17.71
O3 NAG H . 9.36 17.27 17.50
O4 NAG H . 10.96 17.07 15.08
O5 NAG H . 8.20 19.21 14.05
O6 NAG H . 8.77 16.89 12.45
O7 NAG H . 6.43 18.08 18.57
C1 NAG H . 11.02 15.67 15.39
C2 NAG H . 12.08 15.02 14.50
C3 NAG H . 12.28 13.56 14.89
C4 NAG H . 12.59 13.43 16.38
C5 NAG H . 11.48 14.11 17.17
C6 NAG H . 11.74 14.11 18.66
C7 NAG H . 12.61 15.35 12.13
C8 NAG H . 12.06 15.43 10.74
N2 NAG H . 11.72 15.12 13.10
O3 NAG H . 13.35 13.00 14.13
O4 NAG H . 12.70 12.07 16.75
O5 NAG H . 11.37 15.48 16.77
O6 NAG H . 13.09 14.43 18.95
O7 NAG H . 13.80 15.49 12.37
C1 BMA H . 14.05 11.80 17.19
C2 BMA H . 13.99 10.70 18.25
C3 BMA H . 15.40 10.42 18.73
C4 BMA H . 16.34 10.10 17.57
C5 BMA H . 16.24 11.16 16.44
C6 BMA H . 16.92 10.73 15.13
O2 BMA H . 13.52 9.49 17.69
O3 BMA H . 15.42 9.34 19.65
O4 BMA H . 17.67 10.08 18.06
O5 BMA H . 14.86 11.38 16.11
O6 BMA H . 18.34 10.66 15.28
C1 BMA H . 18.78 9.28 15.22
C2 BMA H . 18.03 8.53 14.11
C3 BMA H . 18.38 7.07 14.28
C4 BMA H . 19.92 6.86 14.15
C5 BMA H . 20.66 7.81 15.13
C6 BMA H . 22.15 7.81 14.96
O2 BMA H . 18.52 8.93 12.85
O3 BMA H . 17.58 6.20 13.46
O4 BMA H . 20.26 5.53 14.45
O5 BMA H . 20.19 9.16 14.97
O6 BMA H . 22.73 8.52 16.05
C1 BMA H . 18.16 5.88 12.17
C2 BMA H . 17.76 4.38 11.83
C3 BMA H . 17.88 4.04 10.31
C4 BMA H . 17.61 5.24 9.37
C5 BMA H . 18.30 6.48 9.89
C6 BMA H . 18.10 7.69 8.98
O2 BMA H . 16.45 3.96 12.32
O3 BMA H . 17.07 2.93 9.95
O4 BMA H . 18.07 4.94 8.07
O5 BMA H . 17.74 6.78 11.16
O6 BMA H . 19.10 8.64 9.29
C1 BMA H . 15.34 4.80 11.94
C2 BMA H . 14.24 3.89 11.35
C3 BMA H . 12.95 4.68 11.12
C4 BMA H . 12.56 5.47 12.37
C5 BMA H . 13.73 6.35 12.79
C6 BMA H . 13.41 7.15 14.05
O2 BMA H . 13.91 2.85 12.25
O3 BMA H . 11.89 3.83 10.73
O4 BMA H . 11.43 6.28 12.09
O5 BMA H . 14.85 5.52 13.07
O6 BMA H . 14.48 8.08 14.26
C1 NAG I . 30.48 21.31 -3.30
C2 NAG I . 31.93 21.82 -3.39
C3 NAG I . 31.99 23.29 -2.96
C4 NAG I . 31.00 24.13 -3.74
C5 NAG I . 29.61 23.53 -3.62
C6 NAG I . 28.57 24.25 -4.46
C7 NAG I . 33.60 20.05 -3.11
C8 NAG I . 34.45 19.30 -2.13
N2 NAG I . 32.81 21.00 -2.58
O3 NAG I . 33.31 23.77 -3.16
O4 NAG I . 30.99 25.46 -3.22
O5 NAG I . 29.62 22.16 -4.08
O6 NAG I . 27.85 25.20 -3.69
O7 NAG I . 33.62 19.82 -4.31
C1 NAG I . 31.47 26.36 -4.23
C2 NAG I . 31.52 27.77 -3.65
C3 NAG I . 32.07 28.76 -4.67
C4 NAG I . 33.41 28.28 -5.21
C5 NAG I . 33.29 26.85 -5.73
C6 NAG I . 34.62 26.26 -6.15
C7 NAG I . 30.03 29.01 -2.14
C8 NAG I . 28.61 29.35 -1.81
N2 NAG I . 30.20 28.19 -3.18
O3 NAG I . 32.22 30.04 -4.07
O4 NAG I . 33.84 29.13 -6.26
O5 NAG I . 32.78 25.99 -4.70
O6 NAG I . 35.68 26.74 -5.34
O7 NAG I . 30.97 29.48 -1.51
C1 NAG J . 5.08 -1.44 -37.82
C2 NAG J . 5.37 -0.17 -38.62
C3 NAG J . 4.17 0.76 -38.57
C4 NAG J . 2.91 0.04 -39.02
C5 NAG J . 2.72 -1.25 -38.21
C6 NAG J . 1.55 -2.08 -38.68
C7 NAG J . 7.44 1.10 -38.93
C8 NAG J . 8.61 1.74 -38.25
N2 NAG J . 6.56 0.49 -38.13
O3 NAG J . 4.41 1.89 -39.41
O4 NAG J . 1.77 0.87 -38.83
O5 NAG J . 3.90 -2.07 -38.32
O6 NAG J . 1.45 -2.07 -40.10
O7 NAG J . 7.31 1.12 -40.14
C1 NAG K . -26.11 28.25 -7.65
C2 NAG K . -25.85 29.74 -7.52
C3 NAG K . -25.25 30.30 -8.82
C4 NAG K . -24.01 29.50 -9.20
C5 NAG K . -24.34 28.01 -9.27
C6 NAG K . -23.14 27.14 -9.55
C7 NAG K . -27.13 31.35 -6.19
C8 NAG K . -28.48 31.99 -5.98
N2 NAG K . -27.06 30.46 -7.18
O3 NAG K . -24.90 31.66 -8.63
O4 NAG K . -23.53 29.93 -10.48
O5 NAG K . -24.89 27.58 -8.02
O6 NAG K . -22.11 27.89 -10.17
O7 NAG K . -26.17 31.63 -5.49
C1 NAG L . -39.20 26.93 31.00
C2 NAG L . -40.00 25.71 31.45
C3 NAG L . -41.02 26.11 32.51
C4 NAG L . -40.33 26.85 33.65
C5 NAG L . -39.53 28.03 33.11
C6 NAG L . -38.73 28.74 34.18
C7 NAG L . -40.34 23.83 29.90
C8 NAG L . -41.12 23.32 28.73
N2 NAG L . -40.66 25.07 30.33
O3 NAG L . -41.66 24.94 33.01
O4 NAG L . -41.31 27.33 34.57
O5 NAG L . -38.59 27.56 32.13
O6 NAG L . -37.39 28.29 34.21
O7 NAG L . -39.47 23.17 30.44
C1 NAG M . 30.39 -27.86 -48.45
C2 NAG M . 31.90 -27.86 -48.23
C3 NAG M . 32.56 -26.86 -49.17
C4 NAG M . 32.15 -27.12 -50.62
C5 NAG M . 30.62 -27.21 -50.74
C6 NAG M . 30.17 -27.64 -52.12
C7 NAG M . 32.77 -28.47 -46.03
C8 NAG M . 33.05 -27.99 -44.63
N2 NAG M . 32.23 -27.57 -46.85
O3 NAG M . 33.97 -26.95 -49.04
O4 NAG M . 32.61 -26.06 -51.44
O5 NAG M . 30.11 -28.20 -49.81
O6 NAG M . 29.74 -29.00 -52.12
O7 NAG M . 33.04 -29.61 -46.39
C1 NAG N . 3.94 -37.52 -6.06
C2 NAG N . 2.73 -38.38 -6.42
C3 NAG N . 1.75 -38.42 -5.25
C4 NAG N . 2.46 -38.85 -3.98
C5 NAG N . 3.67 -37.97 -3.72
C6 NAG N . 4.50 -38.42 -2.53
C7 NAG N . 1.54 -38.70 -8.54
C8 NAG N . 0.90 -38.04 -9.71
N2 NAG N . 2.07 -37.89 -7.61
O3 NAG N . 0.69 -39.33 -5.55
O4 NAG N . 1.57 -38.76 -2.87
O5 NAG N . 4.55 -38.00 -4.86
O6 NAG N . 4.57 -39.84 -2.46
O7 NAG N . 1.58 -39.94 -8.42
C1 NAG O . -28.58 -10.12 24.88
C2 NAG O . -30.08 -10.06 24.56
C3 NAG O . -30.53 -11.38 23.93
C4 NAG O . -29.66 -11.70 22.72
C5 NAG O . -28.18 -11.68 23.10
C6 NAG O . -27.26 -11.87 21.93
C7 NAG O . -31.81 -8.86 25.83
C8 NAG O . -32.50 -8.72 27.14
N2 NAG O . -30.86 -9.80 25.76
O3 NAG O . -31.88 -11.28 23.53
O4 NAG O . -30.00 -12.98 22.20
O5 NAG O . -27.85 -10.41 23.69
O6 NAG O . -27.93 -12.50 20.84
O7 NAG O . -32.09 -8.16 24.86
C1 NAG P . -30.09 28.14 39.05
C2 NAG P . -28.93 28.65 39.91
C3 NAG P . -29.43 29.65 40.93
C4 NAG P . -30.22 30.77 40.25
C5 NAG P . -31.33 30.18 39.39
C6 NAG P . -32.08 31.22 38.58
C7 NAG P . -26.99 27.19 40.27
C8 NAG P . -26.43 26.04 41.04
N2 NAG P . -28.24 27.55 40.55
O3 NAG P . -28.32 30.21 41.64
O4 NAG P . -30.80 31.63 41.22
O5 NAG P . -30.76 29.25 38.44
O6 NAG P . -31.54 31.33 37.27
O7 NAG P . -26.33 27.78 39.42
C1 NAG Q . 31.80 -45.78 -30.69
C2 NAG Q . 31.85 -45.51 -32.18
C3 NAG Q . 30.92 -46.48 -32.91
C4 NAG Q . 31.26 -47.93 -32.53
C5 NAG Q . 31.30 -48.09 -31.01
C6 NAG Q . 31.80 -49.45 -30.58
C7 NAG Q . 32.34 -43.25 -32.97
C8 NAG Q . 31.80 -41.87 -33.22
N2 NAG Q . 31.47 -44.14 -32.49
O3 NAG Q . 31.06 -46.31 -34.31
O4 NAG Q . 30.27 -48.81 -33.06
O5 NAG Q . 32.20 -47.12 -30.43
O6 NAG Q . 33.12 -49.38 -30.07
O7 NAG Q . 33.52 -43.52 -33.18
C1 NAG R . 37.92 -3.64 -2.79
C2 NAG R . 38.75 -3.98 -1.55
C3 NAG R . 38.69 -2.84 -0.54
C4 NAG R . 39.07 -1.52 -1.20
C5 NAG R . 38.23 -1.28 -2.45
C6 NAG R . 38.65 -0.06 -3.23
C7 NAG R . 39.15 -6.12 -0.42
C8 NAG R . 38.52 -7.35 0.16
N2 NAG R . 38.30 -5.22 -0.94
O3 NAG R . 39.56 -3.12 0.54
O4 NAG R . 38.89 -0.45 -0.29
O5 NAG R . 38.36 -2.40 -3.34
O6 NAG R . 40.07 0.09 -3.22
O7 NAG R . 40.36 -5.96 -0.44
C1 NAG S . 7.55 24.59 29.62
C2 NAG S . 7.50 24.23 31.10
C3 NAG S . 8.83 23.65 31.55
C4 NAG S . 9.23 22.48 30.67
C5 NAG S . 9.21 22.92 29.20
C6 NAG S . 9.49 21.77 28.25
C7 NAG S . 6.17 25.40 32.80
C8 NAG S . 5.95 26.70 33.54
N2 NAG S . 7.16 25.41 31.90
O3 NAG S . 8.73 23.22 32.91
O4 NAG S . 10.53 22.03 31.00
O5 NAG S . 7.92 23.44 28.86
O6 NAG S . 10.22 20.74 28.88
O7 NAG S . 5.49 24.41 33.02
C1 NAG T . -31.49 36.37 30.10
C2 NAG T . -32.01 37.23 28.95
C3 NAG T . -33.09 38.19 29.46
C4 NAG T . -34.18 37.42 30.18
C5 NAG T . -33.57 36.55 31.28
C6 NAG T . -34.59 35.67 31.96
C7 NAG T . -30.52 37.76 27.07
C8 NAG T . -29.40 38.62 26.59
N2 NAG T . -30.93 37.98 28.32
O3 NAG T . -33.65 38.90 28.35
O4 NAG T . -35.12 38.32 30.76
O5 NAG T . -32.58 35.69 30.72
O6 NAG T . -34.59 34.35 31.42
O7 NAG T . -31.05 36.90 26.36
C1 NAG U . 48.63 -26.92 -30.98
C2 NAG U . 48.45 -28.43 -31.08
C3 NAG U . 49.44 -29.12 -30.14
C4 NAG U . 50.86 -28.64 -30.42
C5 NAG U . 50.94 -27.11 -30.42
C6 NAG U . 52.28 -26.58 -30.85
C7 NAG U . 46.26 -29.32 -31.68
C8 NAG U . 44.88 -29.68 -31.18
N2 NAG U . 47.09 -28.82 -30.76
O3 NAG U . 49.35 -30.52 -30.32
O4 NAG U . 51.74 -29.13 -29.41
O5 NAG U . 49.97 -26.57 -31.33
O6 NAG U . 52.23 -26.05 -32.17
O7 NAG U . 46.59 -29.49 -32.84
#